data_9BOG
#
_entry.id   9BOG
#
_cell.length_a   1.00
_cell.length_b   1.00
_cell.length_c   1.00
_cell.angle_alpha   90.00
_cell.angle_beta   90.00
_cell.angle_gamma   90.00
#
_symmetry.space_group_name_H-M   'P 1'
#
loop_
_entity.id
_entity.type
_entity.pdbx_description
1 polymer 'Outer membrane usher protein FimD'
2 polymer 'Protein FimF'
3 polymer 'Type 1 fimbria chaperone FimC'
4 polymer 'Type 1 fimbrin D-mannose specific adhesin'
#
loop_
_entity_poly.entity_id
_entity_poly.type
_entity_poly.pdbx_seq_one_letter_code
_entity_poly.pdbx_strand_id
1 'polypeptide(L)'
;DLYFNPRFLADDPQAVADLSRFENGQELPPGTYRVDIYLNNGYMATRDVTFNTGDSEQGIVPCLTRAQLASMGLNTASVA
GMNLLADDACVPLTTMVQDATAHLDVGQQRLNLTIPQAFMSNRARGYIPPELWDPGINAGLLNYNFSGNSVQNRIGGNSH
YAYLNLQSGLNIGAWRLRDNTTWSYNSSDRSSGSKNKWQHINTWLERDIIPLRSRLTLGDGYTQGDIFDGINFRGAQLAS
DDNMLPDSQRGFAPVIHGIARGTAQVTIKQNGYDIYNSTVPPGPFTINDIYAAGNSGDLQVTIKEADGSTQIFTVPYSSV
PLLQREGHTRYSITAGEYRSGNAQQEKPRFFQSTLLHGLPAGWTIYGGTQLADRYRAFNFGIGKNMGALGALSVDMTQAN
STLPDDSQHDGQSVRFLYNKSLNESGTNIQLVGYRYSTSGYFNFADTTYSRMNGYNIETQDGVIQVKPKFTDYYNLAYNK
RGKLQLTVTQQLGRTSTLYLSGSHQTYWGTSNVDEQFQAGLNTAFEDINWTLSYSLTKNAWQKGRDQMLALNVNIPFSHW
LRSDSKSQWRHASASYSMSHDLNGRMTNLAGVYGTLLEDNNLSYSVQTGYAGGGDGNSGSTGYATLNYRGGYGNANIGYS
HSDDIKQLYYGVSGGVLAHANGVTLGQPLNDTVVLVKAPGAKDAKVENQTGVRTDWRGYAVLPYATEYRENRVALDTNTL
ADNVDLDNAVANVVPTRGAIVRAEFKARVGIKLLMTLTHNNKPLPFGAMVTSESSQSSGIVADNGQVYLSGMPLAGKVQV
KWGEEENAHCVANYQLPPESQQQLLTQLSAECR
;
D
2 'polypeptide(L)'
;ADSTITIRGYVRDNGCSVAAESTNFTVDLMENAAKQFNNIGATTPVVPFRILLSPCGNAVSAVKVGFTGVADSHNANLLA
LENTVSAASGLGIQLLNEQQNQIPLNAPSSALSWTTLTPGKPNTLNFYARLMATQVPVTAGHINATATFTLEYQ
;
F
3 'polypeptide(L)'
;GVALGATRVIYPAGQKQVQLAVTNNDENSTYLIQSWVENADGVKDGRFIVTPPLFAMKGKKENTLRILDATNNQLPQDRE
SLFWMNVKAIPSMDKSKLTENTLQLAIISRIKLYYRPAKLALPPDQAAEKLRFRRSANSLTLINPTPYYLTVTELNAGTR
VLENALVPPMGESTVKLPSDAGSNITYRTINDYGALTPKMTGVMEHHHHHH
;
C
4 'polypeptide(L)'
;FACKTANGTAIPIGGGSANVYVNLAPVVNVGQNLVVDLSTQIFCHNDYPETITDYVTLQRGSAYGGVLSNFSGTVKYSGS
SYPFPTTSETPRVVYNSRTDKPWPVALYLTPVSSAGGVAIKAGSLIAVLILRQTNNYNSDDFQFVWNIYANNDVVVPTGG
CDVSARDVTVTLPDYPGSVPIPLTVYCAKSQNLGYYLSGTTADAGNSIFTNTASFSPAQGVGVQLTRNGTIIPANNTVSL
GAVGTSAVSLGLTANYARTGGQVTAGNVQSIIGVTFVYQ
;
H
#
# COMPACT_ATOMS: atom_id res chain seq x y z
N LEU A 2 41.01 10.28 -14.60
CA LEU A 2 39.90 10.86 -13.87
C LEU A 2 40.32 12.16 -13.21
N TYR A 3 40.70 13.15 -14.03
CA TYR A 3 41.11 14.46 -13.55
C TYR A 3 40.23 15.52 -14.18
N PHE A 4 39.85 16.52 -13.38
CA PHE A 4 38.98 17.60 -13.82
C PHE A 4 39.75 18.92 -13.77
N ASN A 5 39.64 19.70 -14.85
CA ASN A 5 40.33 20.98 -14.92
C ASN A 5 39.63 21.99 -14.01
N PRO A 6 40.34 22.59 -13.04
CA PRO A 6 39.70 23.59 -12.18
C PRO A 6 39.23 24.84 -12.92
N ARG A 7 39.75 25.09 -14.12
CA ARG A 7 39.34 26.28 -14.87
C ARG A 7 37.86 26.21 -15.25
N PHE A 8 37.31 25.00 -15.42
CA PHE A 8 35.90 24.86 -15.73
C PHE A 8 35.03 25.36 -14.58
N LEU A 9 35.43 25.04 -13.33
CA LEU A 9 34.64 25.46 -12.17
C LEU A 9 34.61 26.98 -12.04
N ALA A 10 35.76 27.63 -12.19
CA ALA A 10 35.84 29.09 -12.07
C ALA A 10 37.06 29.57 -12.83
N ASP A 11 37.04 30.87 -13.15
CA ASP A 11 38.14 31.49 -13.87
C ASP A 11 39.28 31.95 -12.97
N ASP A 12 39.11 31.89 -11.65
CA ASP A 12 40.16 32.29 -10.74
C ASP A 12 41.32 31.30 -10.80
N PRO A 13 42.56 31.75 -10.96
CA PRO A 13 43.68 30.81 -11.00
C PRO A 13 43.81 29.96 -9.75
N GLN A 14 43.53 30.53 -8.58
CA GLN A 14 43.55 29.75 -7.35
C GLN A 14 42.41 28.75 -7.32
N ALA A 15 41.20 29.20 -7.64
CA ALA A 15 40.00 28.37 -7.67
C ALA A 15 39.82 27.62 -6.37
N VAL A 16 39.89 26.29 -6.42
CA VAL A 16 39.73 25.45 -5.24
C VAL A 16 40.35 24.08 -5.50
N ALA A 17 41.10 23.57 -4.52
CA ALA A 17 41.66 22.22 -4.60
C ALA A 17 40.70 21.17 -4.06
N ASP A 18 39.55 21.57 -3.51
CA ASP A 18 38.61 20.62 -2.95
C ASP A 18 38.05 19.67 -4.01
N LEU A 19 38.13 20.03 -5.29
CA LEU A 19 37.69 19.13 -6.34
C LEU A 19 38.58 17.90 -6.45
N SER A 20 39.76 17.91 -5.82
CA SER A 20 40.63 16.73 -5.85
C SER A 20 40.01 15.54 -5.13
N ARG A 21 39.14 15.78 -4.15
CA ARG A 21 38.48 14.69 -3.46
C ARG A 21 37.44 14.00 -4.34
N PHE A 22 36.90 14.69 -5.34
CA PHE A 22 35.92 14.11 -6.25
C PHE A 22 36.53 13.64 -7.56
N GLU A 23 37.80 13.94 -7.82
CA GLU A 23 38.43 13.52 -9.07
C GLU A 23 38.56 12.01 -9.16
N ASN A 24 39.11 11.39 -8.11
CA ASN A 24 39.30 9.95 -8.08
C ASN A 24 38.09 9.28 -7.43
N GLY A 25 38.22 8.00 -7.11
CA GLY A 25 37.12 7.26 -6.51
C GLY A 25 36.81 7.65 -5.08
N GLN A 26 37.71 8.38 -4.43
CA GLN A 26 37.53 8.87 -3.06
C GLN A 26 37.31 7.69 -2.10
N GLU A 27 38.31 6.82 -2.04
CA GLU A 27 38.26 5.66 -1.16
C GLU A 27 38.32 6.11 0.29
N LEU A 28 37.51 5.47 1.13
CA LEU A 28 37.50 5.79 2.55
C LEU A 28 38.64 5.06 3.26
N PRO A 29 39.58 5.77 3.88
CA PRO A 29 40.68 5.10 4.58
C PRO A 29 40.16 4.25 5.73
N PRO A 30 39.08 4.66 6.38
CA PRO A 30 38.56 3.88 7.50
C PRO A 30 38.10 2.50 7.06
N GLY A 31 38.40 1.50 7.89
CA GLY A 31 37.97 0.14 7.59
C GLY A 31 36.46 -0.03 7.65
N THR A 32 35.83 0.55 8.67
CA THR A 32 34.39 0.41 8.89
C THR A 32 33.66 1.36 7.94
N TYR A 33 33.24 0.84 6.79
CA TYR A 33 32.51 1.67 5.82
C TYR A 33 31.16 2.11 6.38
N ARG A 34 30.45 1.20 7.05
CA ARG A 34 29.13 1.48 7.61
C ARG A 34 28.18 2.00 6.54
N VAL A 35 28.19 1.33 5.39
CA VAL A 35 27.43 1.75 4.22
C VAL A 35 26.46 0.63 3.86
N ASP A 36 25.22 1.02 3.52
CA ASP A 36 24.23 0.04 3.08
C ASP A 36 24.68 -0.62 1.79
N ILE A 37 24.37 -1.91 1.66
CA ILE A 37 24.81 -2.73 0.52
C ILE A 37 23.64 -2.90 -0.44
N TYR A 38 23.89 -2.60 -1.71
CA TYR A 38 22.90 -2.76 -2.78
C TYR A 38 23.50 -3.69 -3.83
N LEU A 39 23.11 -4.97 -3.77
CA LEU A 39 23.62 -5.97 -4.68
C LEU A 39 22.73 -6.08 -5.90
N ASN A 40 23.33 -6.08 -7.08
CA ASN A 40 22.60 -6.16 -8.35
C ASN A 40 21.54 -5.07 -8.46
N ASN A 41 21.94 -3.85 -8.10
CA ASN A 41 21.09 -2.66 -8.08
C ASN A 41 19.90 -2.80 -7.14
N GLY A 42 19.97 -3.73 -6.19
CA GLY A 42 18.90 -3.91 -5.22
C GLY A 42 19.39 -3.86 -3.79
N TYR A 43 18.89 -2.91 -3.01
CA TYR A 43 19.31 -2.76 -1.63
C TYR A 43 18.88 -3.96 -0.80
N MET A 44 19.76 -4.44 0.07
CA MET A 44 19.50 -5.59 0.92
C MET A 44 19.45 -5.19 2.40
N ALA A 45 20.51 -4.59 2.92
CA ALA A 45 20.57 -4.21 4.33
C ALA A 45 21.71 -3.21 4.51
N THR A 46 21.69 -2.55 5.67
CA THR A 46 22.73 -1.61 6.06
C THR A 46 23.43 -2.14 7.31
N ARG A 47 24.75 -2.24 7.25
CA ARG A 47 25.52 -2.75 8.38
C ARG A 47 26.95 -2.24 8.27
N ASP A 48 27.66 -2.29 9.39
CA ASP A 48 29.06 -1.86 9.43
C ASP A 48 29.92 -2.93 8.78
N VAL A 49 30.57 -2.58 7.66
CA VAL A 49 31.39 -3.51 6.89
C VAL A 49 32.85 -3.09 7.06
N THR A 50 33.68 -4.03 7.49
CA THR A 50 35.11 -3.79 7.66
C THR A 50 35.83 -4.12 6.36
N PHE A 51 36.59 -3.16 5.84
CA PHE A 51 37.30 -3.31 4.57
C PHE A 51 38.75 -3.72 4.83
N ASN A 52 39.19 -4.76 4.14
CA ASN A 52 40.55 -5.26 4.25
C ASN A 52 41.37 -4.82 3.05
N THR A 53 42.66 -4.57 3.28
CA THR A 53 43.55 -4.14 2.21
C THR A 53 43.69 -5.25 1.18
N GLY A 54 43.62 -4.89 -0.10
CA GLY A 54 43.72 -5.86 -1.16
C GLY A 54 43.55 -5.20 -2.51
N ASP A 55 43.60 -6.03 -3.55
CA ASP A 55 43.46 -5.56 -4.93
C ASP A 55 41.99 -5.31 -5.20
N SER A 56 41.56 -4.05 -5.04
CA SER A 56 40.18 -3.66 -5.28
C SER A 56 40.15 -2.37 -6.08
N GLU A 57 38.96 -1.98 -6.52
CA GLU A 57 38.81 -0.74 -7.27
C GLU A 57 39.20 0.46 -6.42
N GLN A 58 38.76 0.48 -5.16
CA GLN A 58 39.13 1.53 -4.23
C GLN A 58 40.36 1.18 -3.40
N GLY A 59 40.93 0.00 -3.60
CA GLY A 59 42.07 -0.44 -2.82
C GLY A 59 41.74 -1.15 -1.54
N ILE A 60 40.48 -1.19 -1.15
CA ILE A 60 40.03 -1.89 0.06
C ILE A 60 38.80 -2.71 -0.30
N VAL A 61 38.89 -4.02 -0.09
CA VAL A 61 37.80 -4.94 -0.40
C VAL A 61 36.92 -5.05 0.84
N PRO A 62 35.63 -4.77 0.75
CA PRO A 62 34.74 -4.92 1.92
C PRO A 62 34.49 -6.38 2.22
N CYS A 63 34.90 -6.82 3.41
CA CYS A 63 34.75 -8.22 3.79
C CYS A 63 33.29 -8.55 4.03
N LEU A 64 32.82 -9.63 3.42
CA LEU A 64 31.45 -10.09 3.57
C LEU A 64 31.46 -11.57 3.95
N THR A 65 30.61 -11.93 4.91
CA THR A 65 30.54 -13.31 5.36
C THR A 65 29.97 -14.21 4.25
N ARG A 66 30.49 -15.44 4.20
CA ARG A 66 29.99 -16.40 3.21
C ARG A 66 28.52 -16.72 3.43
N ALA A 67 28.11 -16.88 4.69
CA ALA A 67 26.71 -17.11 4.99
C ALA A 67 25.86 -15.90 4.61
N GLN A 68 26.37 -14.70 4.86
CA GLN A 68 25.66 -13.48 4.48
C GLN A 68 25.51 -13.40 2.96
N LEU A 69 26.56 -13.74 2.22
CA LEU A 69 26.47 -13.76 0.76
C LEU A 69 25.47 -14.79 0.28
N ALA A 70 25.45 -15.97 0.90
CA ALA A 70 24.50 -17.00 0.52
C ALA A 70 23.06 -16.54 0.78
N SER A 71 22.84 -15.88 1.92
CA SER A 71 21.51 -15.36 2.22
C SER A 71 21.13 -14.24 1.26
N MET A 72 22.09 -13.43 0.83
CA MET A 72 21.81 -12.34 -0.10
C MET A 72 21.36 -12.84 -1.47
N GLY A 73 21.73 -14.06 -1.84
CA GLY A 73 21.32 -14.61 -3.13
C GLY A 73 22.40 -15.42 -3.82
N LEU A 74 23.63 -15.31 -3.35
CA LEU A 74 24.72 -16.05 -3.95
C LEU A 74 24.59 -17.55 -3.64
N ASN A 75 25.04 -18.37 -4.59
CA ASN A 75 24.99 -19.82 -4.46
C ASN A 75 26.41 -20.34 -4.20
N THR A 76 26.54 -21.14 -3.15
CA THR A 76 27.86 -21.68 -2.80
C THR A 76 28.35 -22.64 -3.88
N ALA A 77 27.47 -23.48 -4.42
CA ALA A 77 27.88 -24.43 -5.44
C ALA A 77 28.22 -23.76 -6.76
N SER A 78 27.56 -22.64 -7.07
CA SER A 78 27.78 -21.97 -8.35
C SER A 78 29.17 -21.37 -8.47
N VAL A 79 29.85 -21.12 -7.35
CA VAL A 79 31.18 -20.52 -7.35
C VAL A 79 32.14 -21.52 -6.71
N ALA A 80 33.22 -21.83 -7.41
CA ALA A 80 34.21 -22.76 -6.89
C ALA A 80 35.02 -22.13 -5.76
N GLY A 81 35.33 -22.93 -4.76
CA GLY A 81 36.10 -22.47 -3.62
C GLY A 81 35.30 -21.87 -2.49
N MET A 82 33.99 -21.70 -2.66
CA MET A 82 33.16 -21.15 -1.59
C MET A 82 33.08 -22.09 -0.40
N ASN A 83 32.97 -23.40 -0.66
CA ASN A 83 32.86 -24.36 0.43
C ASN A 83 34.21 -24.57 1.12
N LEU A 84 35.31 -24.41 0.38
CA LEU A 84 36.63 -24.61 0.98
C LEU A 84 36.91 -23.56 2.07
N LEU A 85 36.51 -22.32 1.84
CA LEU A 85 36.75 -21.26 2.81
C LEU A 85 35.93 -21.50 4.08
N ALA A 86 36.50 -21.07 5.20
CA ALA A 86 35.83 -21.22 6.49
C ALA A 86 34.66 -20.24 6.60
N ASP A 87 33.78 -20.52 7.57
CA ASP A 87 32.62 -19.65 7.77
C ASP A 87 33.04 -18.26 8.20
N ASP A 88 34.01 -18.16 9.10
CA ASP A 88 34.50 -16.86 9.56
C ASP A 88 35.56 -16.27 8.64
N ALA A 89 36.08 -17.05 7.69
CA ALA A 89 37.08 -16.54 6.77
C ALA A 89 36.48 -15.51 5.82
N CYS A 90 37.29 -14.53 5.44
CA CYS A 90 36.85 -13.51 4.51
C CYS A 90 36.62 -14.10 3.13
N VAL A 91 35.52 -13.71 2.50
CA VAL A 91 35.13 -14.21 1.19
C VAL A 91 35.73 -13.28 0.13
N PRO A 92 36.65 -13.77 -0.71
CA PRO A 92 37.23 -12.92 -1.78
C PRO A 92 36.38 -12.94 -3.05
N LEU A 93 35.29 -12.17 -3.00
CA LEU A 93 34.36 -12.13 -4.14
C LEU A 93 35.04 -11.54 -5.38
N THR A 94 36.02 -10.66 -5.21
CA THR A 94 36.71 -10.09 -6.36
C THR A 94 37.47 -11.15 -7.14
N THR A 95 38.11 -12.09 -6.45
CA THR A 95 38.92 -13.12 -7.09
C THR A 95 38.15 -14.42 -7.31
N MET A 96 37.46 -14.91 -6.28
CA MET A 96 36.74 -16.18 -6.40
C MET A 96 35.61 -16.09 -7.42
N VAL A 97 34.88 -14.98 -7.42
CA VAL A 97 33.75 -14.78 -8.32
C VAL A 97 34.21 -13.89 -9.47
N GLN A 98 34.16 -14.44 -10.68
CA GLN A 98 34.57 -13.68 -11.85
C GLN A 98 33.56 -12.59 -12.17
N ASP A 99 34.07 -11.48 -12.73
CA ASP A 99 33.24 -10.34 -13.14
C ASP A 99 32.42 -9.79 -11.97
N ALA A 100 33.03 -9.74 -10.79
CA ALA A 100 32.40 -9.19 -9.60
C ALA A 100 33.00 -7.81 -9.32
N THR A 101 32.13 -6.81 -9.21
CA THR A 101 32.55 -5.43 -9.00
C THR A 101 32.04 -4.94 -7.65
N ALA A 102 32.92 -4.31 -6.88
CA ALA A 102 32.58 -3.74 -5.59
C ALA A 102 33.08 -2.31 -5.52
N HIS A 103 32.20 -1.40 -5.11
CA HIS A 103 32.55 0.01 -4.97
C HIS A 103 31.91 0.56 -3.71
N LEU A 104 32.57 1.56 -3.12
CA LEU A 104 32.10 2.19 -1.89
C LEU A 104 32.01 3.69 -2.09
N ASP A 105 30.93 4.27 -1.58
CA ASP A 105 30.71 5.72 -1.63
C ASP A 105 30.41 6.20 -0.22
N VAL A 106 31.38 6.88 0.40
CA VAL A 106 31.20 7.37 1.76
C VAL A 106 30.20 8.51 1.80
N GLY A 107 30.24 9.40 0.80
CA GLY A 107 29.31 10.51 0.78
C GLY A 107 27.86 10.05 0.66
N GLN A 108 27.60 9.10 -0.23
CA GLN A 108 26.27 8.51 -0.36
C GLN A 108 26.07 7.30 0.52
N GLN A 109 27.13 6.82 1.18
CA GLN A 109 27.07 5.64 2.05
C GLN A 109 26.49 4.44 1.30
N ARG A 110 26.95 4.24 0.08
CA ARG A 110 26.45 3.20 -0.81
C ARG A 110 27.53 2.16 -1.06
N LEU A 111 27.21 0.89 -0.83
CA LEU A 111 28.10 -0.24 -1.11
C LEU A 111 27.56 -0.93 -2.36
N ASN A 112 28.02 -0.48 -3.51
CA ASN A 112 27.53 -1.00 -4.78
C ASN A 112 28.24 -2.30 -5.12
N LEU A 113 27.47 -3.40 -5.19
CA LEU A 113 28.00 -4.71 -5.52
C LEU A 113 27.28 -5.23 -6.76
N THR A 114 28.06 -5.63 -7.77
CA THR A 114 27.53 -6.20 -9.00
C THR A 114 28.14 -7.57 -9.23
N ILE A 115 27.29 -8.58 -9.40
CA ILE A 115 27.74 -9.95 -9.60
C ILE A 115 27.01 -10.54 -10.80
N PRO A 116 27.59 -11.51 -11.49
CA PRO A 116 26.89 -12.12 -12.63
C PRO A 116 25.66 -12.88 -12.19
N GLN A 117 24.66 -12.92 -13.08
CA GLN A 117 23.42 -13.63 -12.79
C GLN A 117 23.61 -15.14 -12.74
N ALA A 118 24.68 -15.65 -13.34
CA ALA A 118 24.93 -17.10 -13.30
C ALA A 118 25.21 -17.57 -11.88
N PHE A 119 25.96 -16.79 -11.11
CA PHE A 119 26.30 -17.16 -9.75
C PHE A 119 25.10 -17.12 -8.79
N MET A 120 24.00 -16.50 -9.21
CA MET A 120 22.80 -16.41 -8.38
C MET A 120 21.82 -17.51 -8.77
N SER A 121 21.37 -18.27 -7.78
CA SER A 121 20.42 -19.35 -8.03
C SER A 121 19.03 -18.79 -8.34
N ASN A 122 18.25 -19.59 -9.08
CA ASN A 122 16.89 -19.20 -9.42
C ASN A 122 16.01 -19.24 -8.17
N ARG A 123 15.21 -18.19 -7.99
CA ARG A 123 14.33 -18.08 -6.84
C ARG A 123 12.95 -17.61 -7.29
N ALA A 124 11.95 -17.95 -6.47
CA ALA A 124 10.59 -17.56 -6.77
C ALA A 124 10.41 -16.04 -6.63
N ARG A 125 9.41 -15.52 -7.34
CA ARG A 125 9.14 -14.09 -7.30
C ARG A 125 8.71 -13.65 -5.92
N GLY A 126 9.21 -12.50 -5.48
CA GLY A 126 8.85 -11.97 -4.19
C GLY A 126 9.42 -12.72 -3.01
N TYR A 127 10.49 -13.50 -3.22
CA TYR A 127 11.09 -14.25 -2.13
C TYR A 127 11.77 -13.31 -1.14
N ILE A 128 11.56 -13.54 0.14
CA ILE A 128 12.15 -12.76 1.22
C ILE A 128 13.09 -13.67 2.00
N PRO A 129 14.37 -13.32 2.15
CA PRO A 129 15.27 -14.20 2.90
C PRO A 129 14.86 -14.27 4.35
N PRO A 130 15.10 -15.41 5.02
CA PRO A 130 14.75 -15.52 6.44
C PRO A 130 15.52 -14.57 7.34
N GLU A 131 16.66 -14.05 6.89
CA GLU A 131 17.45 -13.15 7.73
C GLU A 131 16.69 -11.86 8.03
N LEU A 132 16.00 -11.31 7.03
CA LEU A 132 15.28 -10.06 7.22
C LEU A 132 14.07 -10.18 8.14
N TRP A 133 13.59 -11.41 8.38
CA TRP A 133 12.45 -11.60 9.27
C TRP A 133 12.85 -11.24 10.69
N ASP A 134 12.11 -10.31 11.30
CA ASP A 134 12.43 -9.82 12.64
C ASP A 134 11.55 -10.57 13.62
N PRO A 135 12.12 -11.34 14.55
CA PRO A 135 11.27 -12.11 15.49
C PRO A 135 10.39 -11.25 16.38
N GLY A 136 10.76 -9.99 16.62
CA GLY A 136 9.95 -9.12 17.46
C GLY A 136 10.73 -8.54 18.63
N ILE A 137 10.02 -7.91 19.56
CA ILE A 137 10.64 -7.32 20.75
C ILE A 137 9.92 -7.86 21.98
N ASN A 138 10.62 -7.82 23.11
CA ASN A 138 10.06 -8.29 24.38
C ASN A 138 9.12 -7.22 24.92
N ALA A 139 7.81 -7.47 24.80
CA ALA A 139 6.84 -6.47 25.20
C ALA A 139 5.51 -7.14 25.53
N GLY A 140 4.75 -6.47 26.40
CA GLY A 140 3.39 -6.87 26.68
C GLY A 140 2.41 -6.22 25.72
N LEU A 141 1.14 -6.59 25.88
CA LEU A 141 0.09 -6.08 24.99
C LEU A 141 -1.26 -6.30 25.67
N LEU A 142 -2.09 -5.27 25.66
CA LEU A 142 -3.45 -5.39 26.15
C LEU A 142 -4.40 -4.69 25.19
N ASN A 143 -5.59 -5.25 25.05
CA ASN A 143 -6.62 -4.69 24.17
C ASN A 143 -7.96 -4.78 24.89
N TYR A 144 -8.59 -3.64 25.12
CA TYR A 144 -9.85 -3.56 25.83
C TYR A 144 -10.96 -3.08 24.91
N ASN A 145 -12.13 -3.69 25.04
CA ASN A 145 -13.34 -3.27 24.35
C ASN A 145 -14.47 -3.21 25.36
N PHE A 146 -15.26 -2.13 25.31
CA PHE A 146 -16.34 -1.93 26.27
C PHE A 146 -17.56 -1.48 25.50
N SER A 147 -18.68 -2.19 25.69
CA SER A 147 -19.94 -1.85 25.06
C SER A 147 -21.03 -1.83 26.12
N GLY A 148 -22.01 -0.94 25.93
CA GLY A 148 -23.08 -0.80 26.89
C GLY A 148 -24.38 -0.42 26.22
N ASN A 149 -25.47 -0.93 26.80
CA ASN A 149 -26.81 -0.75 26.27
C ASN A 149 -27.74 -0.28 27.38
N SER A 150 -28.73 0.51 27.00
CA SER A 150 -29.75 1.04 27.91
C SER A 150 -31.13 0.86 27.30
N VAL A 151 -31.41 -0.37 26.87
CA VAL A 151 -32.65 -0.65 26.15
C VAL A 151 -33.85 -0.35 27.03
N GLN A 152 -34.81 0.37 26.46
CA GLN A 152 -36.06 0.71 27.14
C GLN A 152 -37.23 0.23 26.30
N ASN A 153 -38.19 -0.44 26.95
CA ASN A 153 -39.37 -0.97 26.29
C ASN A 153 -40.63 -0.43 26.96
N ARG A 154 -41.77 -0.82 26.41
CA ARG A 154 -43.04 -0.39 26.97
C ARG A 154 -43.24 -0.92 28.38
N ILE A 155 -42.88 -2.18 28.62
CA ILE A 155 -42.99 -2.82 29.93
C ILE A 155 -41.61 -3.33 30.32
N GLY A 156 -41.19 -3.00 31.53
CA GLY A 156 -39.89 -3.42 32.02
C GLY A 156 -38.73 -2.85 31.24
N GLY A 157 -38.77 -1.54 30.97
CA GLY A 157 -37.75 -0.88 30.19
C GLY A 157 -36.50 -0.47 30.95
N ASN A 158 -36.42 -0.79 32.24
CA ASN A 158 -35.25 -0.44 33.04
C ASN A 158 -34.20 -1.54 32.88
N SER A 159 -33.48 -1.48 31.77
CA SER A 159 -32.45 -2.45 31.44
C SER A 159 -31.16 -1.74 31.05
N HIS A 160 -30.03 -2.28 31.50
CA HIS A 160 -28.72 -1.70 31.18
C HIS A 160 -27.72 -2.84 31.12
N TYR A 161 -27.30 -3.20 29.91
CA TYR A 161 -26.38 -4.31 29.69
C TYR A 161 -24.97 -3.76 29.45
N ALA A 162 -23.98 -4.60 29.76
CA ALA A 162 -22.58 -4.19 29.59
C ALA A 162 -21.73 -5.40 29.26
N TYR A 163 -20.85 -5.22 28.27
CA TYR A 163 -19.87 -6.23 27.89
C TYR A 163 -18.48 -5.62 27.89
N LEU A 164 -17.51 -6.36 28.43
CA LEU A 164 -16.13 -5.88 28.52
C LEU A 164 -15.20 -7.02 28.13
N ASN A 165 -14.57 -6.90 26.96
CA ASN A 165 -13.68 -7.93 26.43
C ASN A 165 -12.23 -7.45 26.60
N LEU A 166 -11.42 -8.29 27.24
CA LEU A 166 -10.01 -8.00 27.45
C LEU A 166 -9.16 -9.08 26.79
N GLN A 167 -8.13 -8.64 26.07
CA GLN A 167 -7.20 -9.55 25.40
C GLN A 167 -5.78 -9.18 25.84
N SER A 168 -5.13 -10.07 26.57
CA SER A 168 -3.78 -9.84 27.07
C SER A 168 -2.80 -10.72 26.31
N GLY A 169 -1.55 -10.28 26.26
CA GLY A 169 -0.53 -11.04 25.56
C GLY A 169 0.86 -10.56 25.92
N LEU A 170 1.81 -11.48 25.73
CA LEU A 170 3.23 -11.22 25.94
C LEU A 170 4.01 -11.71 24.72
N ASN A 171 5.15 -11.07 24.47
CA ASN A 171 5.99 -11.40 23.32
C ASN A 171 7.44 -11.59 23.76
N ILE A 172 7.64 -12.37 24.83
CA ILE A 172 8.98 -12.65 25.32
C ILE A 172 9.75 -13.46 24.30
N GLY A 173 10.77 -12.84 23.70
CA GLY A 173 11.57 -13.54 22.70
C GLY A 173 10.71 -13.95 21.51
N ALA A 174 10.96 -15.14 20.98
CA ALA A 174 10.17 -15.67 19.88
C ALA A 174 8.83 -16.22 20.36
N TRP A 175 8.75 -16.61 21.63
CA TRP A 175 7.49 -17.13 22.16
C TRP A 175 6.44 -16.03 22.22
N ARG A 176 5.20 -16.38 21.86
CA ARG A 176 4.08 -15.48 21.96
C ARG A 176 3.01 -16.10 22.85
N LEU A 177 2.45 -15.32 23.77
CA LEU A 177 1.43 -15.79 24.69
C LEU A 177 0.21 -14.90 24.58
N ARG A 178 -0.97 -15.53 24.53
CA ARG A 178 -2.22 -14.80 24.41
C ARG A 178 -3.26 -15.38 25.38
N ASP A 179 -4.13 -14.49 25.87
CA ASP A 179 -5.15 -14.83 26.84
C ASP A 179 -6.36 -13.92 26.60
N ASN A 180 -7.55 -14.46 26.83
CA ASN A 180 -8.79 -13.73 26.62
C ASN A 180 -9.67 -13.80 27.87
N THR A 181 -10.44 -12.74 28.11
CA THR A 181 -11.36 -12.71 29.24
C THR A 181 -12.54 -11.82 28.88
N THR A 182 -13.69 -12.11 29.46
CA THR A 182 -14.91 -11.36 29.19
C THR A 182 -15.70 -11.13 30.47
N TRP A 183 -16.25 -9.92 30.60
CA TRP A 183 -17.09 -9.52 31.71
C TRP A 183 -18.47 -9.19 31.16
N SER A 184 -19.50 -9.75 31.77
CA SER A 184 -20.89 -9.47 31.42
C SER A 184 -21.60 -8.88 32.62
N TYR A 185 -22.28 -7.76 32.42
CA TYR A 185 -23.01 -7.07 33.48
C TYR A 185 -24.45 -6.88 33.02
N ASN A 186 -25.40 -7.24 33.89
CA ASN A 186 -26.81 -7.15 33.57
C ASN A 186 -27.55 -6.44 34.71
N SER A 187 -28.68 -5.83 34.36
CA SER A 187 -29.49 -5.12 35.33
C SER A 187 -30.59 -6.02 35.88
N ASN A 196 -22.74 -9.39 37.27
CA ASN A 196 -21.28 -9.35 37.26
C ASN A 196 -20.70 -10.76 37.27
N LYS A 197 -20.90 -11.48 36.17
CA LYS A 197 -20.41 -12.84 36.03
C LYS A 197 -19.18 -12.85 35.12
N TRP A 198 -18.09 -13.42 35.61
CA TRP A 198 -16.86 -13.51 34.84
C TRP A 198 -16.98 -14.62 33.79
N GLN A 199 -15.96 -14.71 32.94
CA GLN A 199 -15.90 -15.75 31.92
C GLN A 199 -14.46 -15.92 31.49
N HIS A 200 -14.18 -17.06 30.85
CA HIS A 200 -12.83 -17.40 30.42
C HIS A 200 -12.92 -18.16 29.09
N ILE A 201 -12.07 -17.78 28.14
CA ILE A 201 -12.18 -18.34 26.80
C ILE A 201 -10.93 -19.10 26.38
N ASN A 202 -9.81 -18.40 26.25
CA ASN A 202 -8.63 -18.99 25.61
C ASN A 202 -7.36 -18.59 26.35
N THR A 203 -6.45 -19.55 26.48
CA THR A 203 -5.06 -19.32 26.85
C THR A 203 -4.19 -20.16 25.92
N TRP A 204 -3.24 -19.51 25.25
CA TRP A 204 -2.39 -20.28 24.33
C TRP A 204 -1.06 -19.57 24.14
N LEU A 205 -0.11 -20.33 23.59
CA LEU A 205 1.20 -19.80 23.23
C LEU A 205 1.62 -20.41 21.91
N GLU A 206 2.38 -19.64 21.14
CA GLU A 206 2.79 -20.03 19.80
C GLU A 206 4.26 -19.72 19.59
N ARG A 207 4.94 -20.61 18.86
CA ARG A 207 6.31 -20.42 18.41
C ARG A 207 6.42 -20.82 16.94
N ASP A 208 7.26 -20.10 16.21
CA ASP A 208 7.47 -20.35 14.78
C ASP A 208 8.83 -21.01 14.60
N ILE A 209 8.82 -22.25 14.12
CA ILE A 209 10.06 -22.99 13.84
C ILE A 209 10.40 -22.67 12.38
N ILE A 210 11.31 -21.70 12.21
CA ILE A 210 11.71 -21.28 10.86
C ILE A 210 12.42 -22.40 10.09
N PRO A 211 13.42 -23.09 10.65
CA PRO A 211 14.08 -24.15 9.85
C PRO A 211 13.13 -25.23 9.37
N LEU A 212 12.13 -25.59 10.18
CA LEU A 212 11.12 -26.55 9.77
C LEU A 212 9.93 -25.89 9.09
N ARG A 213 9.88 -24.55 9.05
CA ARG A 213 8.79 -23.80 8.44
C ARG A 213 7.44 -24.23 9.02
N SER A 214 7.40 -24.39 10.34
CA SER A 214 6.22 -24.90 11.01
C SER A 214 5.86 -24.01 12.19
N ARG A 215 4.76 -24.35 12.85
CA ARG A 215 4.27 -23.60 14.00
C ARG A 215 3.89 -24.57 15.10
N LEU A 216 4.31 -24.26 16.33
CA LEU A 216 3.99 -25.06 17.51
C LEU A 216 3.08 -24.23 18.40
N THR A 217 1.90 -24.77 18.72
CA THR A 217 0.91 -24.11 19.55
C THR A 217 0.66 -24.98 20.79
N LEU A 218 0.80 -24.38 21.97
CA LEU A 218 0.57 -25.06 23.23
C LEU A 218 -0.53 -24.32 23.98
N GLY A 219 -1.61 -25.03 24.31
CA GLY A 219 -2.76 -24.44 24.95
C GLY A 219 -4.04 -24.73 24.20
N ASP A 220 -4.99 -23.79 24.30
CA ASP A 220 -6.24 -23.94 23.57
C ASP A 220 -6.02 -23.65 22.09
N GLY A 221 -6.88 -24.23 21.26
CA GLY A 221 -6.79 -23.97 19.83
C GLY A 221 -7.80 -24.77 19.06
N TYR A 222 -7.69 -24.69 17.73
CA TYR A 222 -8.54 -25.42 16.82
C TYR A 222 -7.71 -26.00 15.70
N THR A 223 -8.20 -27.08 15.10
CA THR A 223 -7.53 -27.73 13.99
C THR A 223 -8.16 -27.32 12.67
N GLN A 224 -7.42 -27.52 11.58
CA GLN A 224 -7.93 -27.19 10.25
C GLN A 224 -9.06 -28.14 9.88
N GLY A 225 -10.11 -27.57 9.28
CA GLY A 225 -11.27 -28.35 8.90
C GLY A 225 -11.21 -28.87 7.48
N ASP A 226 -10.01 -28.89 6.90
CA ASP A 226 -9.86 -29.28 5.50
C ASP A 226 -10.22 -30.74 5.26
N ILE A 227 -9.78 -31.64 6.14
CA ILE A 227 -10.07 -33.08 6.00
C ILE A 227 -11.12 -33.52 7.02
N PHE A 228 -10.81 -33.41 8.31
CA PHE A 228 -11.78 -33.70 9.35
C PHE A 228 -12.52 -32.43 9.75
N ASP A 229 -13.63 -32.61 10.45
CA ASP A 229 -14.39 -31.46 10.94
C ASP A 229 -13.52 -30.64 11.90
N GLY A 230 -13.51 -29.33 11.68
CA GLY A 230 -12.75 -28.44 12.55
C GLY A 230 -13.24 -28.53 13.98
N ILE A 231 -12.36 -28.90 14.90
CA ILE A 231 -12.74 -29.19 16.27
C ILE A 231 -11.87 -28.35 17.20
N ASN A 232 -12.37 -28.11 18.41
CA ASN A 232 -11.68 -27.27 19.39
C ASN A 232 -10.97 -28.19 20.40
N PHE A 233 -9.67 -27.99 20.57
CA PHE A 233 -8.86 -28.84 21.43
C PHE A 233 -8.04 -27.99 22.40
N ARG A 234 -7.41 -28.69 23.35
CA ARG A 234 -6.47 -28.08 24.28
C ARG A 234 -5.29 -29.03 24.41
N GLY A 235 -4.13 -28.62 23.91
CA GLY A 235 -2.95 -29.45 23.98
C GLY A 235 -1.79 -28.92 23.15
N ALA A 236 -1.16 -29.80 22.37
CA ALA A 236 -0.01 -29.46 21.55
C ALA A 236 -0.33 -29.69 20.08
N GLN A 237 -0.04 -28.68 19.27
CA GLN A 237 -0.31 -28.75 17.83
C GLN A 237 0.95 -28.33 17.07
N LEU A 238 1.35 -29.15 16.11
CA LEU A 238 2.43 -28.82 15.19
C LEU A 238 1.84 -28.77 13.79
N ALA A 239 1.86 -27.58 13.18
CA ALA A 239 1.16 -27.37 11.92
C ALA A 239 2.07 -26.67 10.91
N SER A 240 2.00 -27.11 9.66
CA SER A 240 2.71 -26.45 8.57
C SER A 240 1.80 -25.41 7.94
N ASP A 241 2.32 -24.19 7.79
CA ASP A 241 1.55 -23.08 7.27
C ASP A 241 2.13 -22.58 5.95
N ASP A 242 1.25 -22.02 5.11
CA ASP A 242 1.65 -21.46 3.83
C ASP A 242 2.03 -19.99 3.92
N ASN A 243 1.82 -19.35 5.08
CA ASN A 243 2.19 -17.95 5.22
C ASN A 243 3.70 -17.74 5.11
N MET A 244 4.48 -18.65 5.72
CA MET A 244 5.94 -18.54 5.63
C MET A 244 6.46 -18.78 4.23
N LEU A 245 5.66 -19.38 3.35
CA LEU A 245 6.07 -19.61 1.98
C LEU A 245 6.10 -18.28 1.23
N PRO A 246 6.86 -18.21 0.13
CA PRO A 246 6.87 -16.99 -0.69
C PRO A 246 5.49 -16.67 -1.24
N ASP A 247 5.26 -15.38 -1.49
CA ASP A 247 3.95 -14.93 -1.94
C ASP A 247 3.56 -15.56 -3.26
N SER A 248 4.51 -15.67 -4.19
CA SER A 248 4.25 -16.23 -5.51
C SER A 248 4.36 -17.76 -5.55
N GLN A 249 4.23 -18.42 -4.40
CA GLN A 249 4.28 -19.88 -4.35
C GLN A 249 3.22 -20.49 -3.45
N ARG A 250 2.32 -19.69 -2.88
CA ARG A 250 1.27 -20.19 -1.99
C ARG A 250 -0.01 -20.40 -2.79
N GLY A 251 -0.60 -21.60 -2.66
CA GLY A 251 -1.78 -21.96 -3.41
C GLY A 251 -1.52 -23.15 -4.31
N PHE A 252 -2.24 -23.19 -5.43
CA PHE A 252 -2.08 -24.24 -6.42
C PHE A 252 -1.78 -23.61 -7.77
N ALA A 253 -0.74 -24.11 -8.43
CA ALA A 253 -0.35 -23.66 -9.76
C ALA A 253 0.49 -24.74 -10.43
N PRO A 254 0.08 -25.24 -11.59
CA PRO A 254 0.83 -26.33 -12.23
C PRO A 254 2.21 -25.88 -12.67
N VAL A 255 3.15 -26.81 -12.58
CA VAL A 255 4.51 -26.59 -13.07
C VAL A 255 4.51 -26.72 -14.59
N ILE A 256 5.17 -25.77 -15.26
CA ILE A 256 5.18 -25.72 -16.72
C ILE A 256 6.58 -26.08 -17.21
N HIS A 257 6.65 -27.12 -18.04
CA HIS A 257 7.89 -27.54 -18.66
C HIS A 257 7.90 -27.12 -20.13
N GLY A 258 9.08 -26.77 -20.62
CA GLY A 258 9.20 -26.33 -22.00
C GLY A 258 10.60 -26.55 -22.55
N ILE A 259 10.67 -26.61 -23.88
CA ILE A 259 11.90 -26.79 -24.63
C ILE A 259 12.12 -25.52 -25.45
N ALA A 260 13.29 -24.90 -25.28
CA ALA A 260 13.64 -23.69 -25.99
C ALA A 260 14.80 -23.97 -26.95
N ARG A 261 14.60 -23.66 -28.23
CA ARG A 261 15.67 -23.84 -29.21
C ARG A 261 16.86 -22.94 -28.93
N GLY A 262 16.60 -21.68 -28.59
CA GLY A 262 17.64 -20.75 -28.25
C GLY A 262 17.27 -19.88 -27.07
N THR A 263 17.91 -18.72 -26.93
CA THR A 263 17.55 -17.75 -25.89
C THR A 263 16.24 -17.11 -26.32
N ALA A 264 15.15 -17.67 -25.81
CA ALA A 264 13.81 -17.28 -26.23
C ALA A 264 13.12 -16.45 -25.15
N GLN A 265 11.97 -15.89 -25.52
CA GLN A 265 11.13 -15.12 -24.61
C GLN A 265 9.83 -15.89 -24.38
N VAL A 266 9.50 -16.15 -23.12
CA VAL A 266 8.32 -16.91 -22.75
C VAL A 266 7.34 -15.96 -22.08
N THR A 267 6.08 -16.02 -22.52
CA THR A 267 5.01 -15.22 -21.93
C THR A 267 3.83 -16.13 -21.67
N ILE A 268 3.41 -16.23 -20.41
CA ILE A 268 2.20 -16.94 -20.03
C ILE A 268 1.16 -15.92 -19.62
N LYS A 269 -0.05 -16.08 -20.13
CA LYS A 269 -1.12 -15.11 -19.92
C LYS A 269 -2.43 -15.83 -19.68
N GLN A 270 -3.39 -15.11 -19.11
CA GLN A 270 -4.71 -15.66 -18.82
C GLN A 270 -5.71 -14.52 -18.76
N ASN A 271 -6.95 -14.82 -19.15
CA ASN A 271 -8.06 -13.86 -19.13
C ASN A 271 -7.74 -12.62 -19.96
N GLY A 272 -6.96 -12.79 -21.03
CA GLY A 272 -6.61 -11.67 -21.88
C GLY A 272 -5.54 -10.75 -21.35
N TYR A 273 -4.91 -11.09 -20.24
CA TYR A 273 -3.87 -10.26 -19.62
C TYR A 273 -2.67 -11.12 -19.28
N ASP A 274 -1.49 -10.50 -19.34
CA ASP A 274 -0.25 -11.19 -19.04
C ASP A 274 -0.18 -11.53 -17.56
N ILE A 275 0.21 -12.78 -17.26
CA ILE A 275 0.35 -13.19 -15.87
C ILE A 275 1.83 -13.34 -15.53
N TYR A 276 2.66 -13.63 -16.53
CA TYR A 276 4.10 -13.73 -16.29
C TYR A 276 4.84 -13.72 -17.61
N ASN A 277 6.08 -13.25 -17.58
CA ASN A 277 6.96 -13.29 -18.74
C ASN A 277 8.41 -13.31 -18.27
N SER A 278 9.28 -13.87 -19.11
CA SER A 278 10.69 -14.00 -18.77
C SER A 278 11.46 -14.41 -20.02
N THR A 279 12.78 -14.56 -19.86
CA THR A 279 13.67 -15.04 -20.89
C THR A 279 14.26 -16.38 -20.47
N VAL A 280 14.37 -17.31 -21.42
CA VAL A 280 14.77 -18.68 -21.15
C VAL A 280 15.97 -19.01 -22.03
N PRO A 281 17.07 -19.50 -21.48
CA PRO A 281 18.19 -19.96 -22.31
C PRO A 281 17.84 -21.25 -23.02
N PRO A 282 18.56 -21.61 -24.08
CA PRO A 282 18.24 -22.84 -24.81
C PRO A 282 18.33 -24.06 -23.92
N GLY A 283 17.42 -25.00 -24.14
CA GLY A 283 17.37 -26.22 -23.38
C GLY A 283 16.01 -26.44 -22.73
N PRO A 284 15.98 -27.28 -21.70
CA PRO A 284 14.72 -27.50 -20.95
C PRO A 284 14.59 -26.54 -19.78
N PHE A 285 13.39 -25.98 -19.63
CA PHE A 285 13.12 -25.07 -18.52
C PHE A 285 11.80 -25.43 -17.86
N THR A 286 11.80 -25.45 -16.53
CA THR A 286 10.60 -25.71 -15.74
C THR A 286 10.34 -24.51 -14.84
N ILE A 287 9.12 -23.97 -14.91
CA ILE A 287 8.74 -22.80 -14.13
C ILE A 287 7.61 -23.18 -13.19
N ASN A 288 7.71 -22.70 -11.94
CA ASN A 288 6.71 -22.98 -10.93
C ASN A 288 6.41 -21.76 -10.06
N ASP A 289 6.78 -20.56 -10.51
CA ASP A 289 6.60 -19.34 -9.73
C ASP A 289 5.34 -18.58 -10.12
N ILE A 290 4.49 -19.16 -10.96
CA ILE A 290 3.26 -18.49 -11.37
C ILE A 290 2.32 -18.37 -10.17
N TYR A 291 1.69 -17.20 -10.05
CA TYR A 291 0.82 -16.93 -8.91
C TYR A 291 -0.40 -17.85 -8.92
N ALA A 292 -1.03 -17.97 -7.76
CA ALA A 292 -2.20 -18.82 -7.58
C ALA A 292 -3.40 -18.12 -8.21
N ALA A 293 -3.67 -18.46 -9.47
CA ALA A 293 -4.81 -17.85 -10.17
C ALA A 293 -6.13 -18.24 -9.52
N GLY A 294 -6.27 -19.50 -9.14
CA GLY A 294 -7.51 -19.97 -8.54
C GLY A 294 -8.45 -20.58 -9.55
N ASN A 295 -9.44 -19.81 -10.00
CA ASN A 295 -10.42 -20.27 -10.99
C ASN A 295 -10.61 -19.24 -12.09
N SER A 296 -9.56 -18.44 -12.36
CA SER A 296 -9.68 -17.40 -13.39
C SER A 296 -9.89 -18.02 -14.77
N GLY A 297 -9.17 -19.07 -15.09
CA GLY A 297 -9.30 -19.72 -16.38
C GLY A 297 -8.01 -20.42 -16.76
N ASP A 298 -7.97 -20.88 -18.00
CA ASP A 298 -6.81 -21.59 -18.51
C ASP A 298 -5.65 -20.62 -18.77
N LEU A 299 -4.47 -21.19 -18.98
CA LEU A 299 -3.26 -20.42 -19.25
C LEU A 299 -2.81 -20.64 -20.69
N GLN A 300 -2.27 -19.58 -21.29
CA GLN A 300 -1.72 -19.65 -22.64
C GLN A 300 -0.24 -19.32 -22.57
N VAL A 301 0.58 -20.22 -23.13
CA VAL A 301 2.03 -20.09 -23.12
C VAL A 301 2.49 -19.83 -24.55
N THR A 302 3.20 -18.71 -24.75
CA THR A 302 3.76 -18.34 -26.04
C THR A 302 5.26 -18.19 -25.89
N ILE A 303 6.01 -18.87 -26.75
CA ILE A 303 7.47 -18.81 -26.75
C ILE A 303 7.91 -18.24 -28.10
N LYS A 304 8.69 -17.17 -28.05
CA LYS A 304 9.22 -16.50 -29.23
C LYS A 304 10.73 -16.73 -29.26
N GLU A 305 11.20 -17.39 -30.31
CA GLU A 305 12.62 -17.68 -30.46
C GLU A 305 13.34 -16.48 -31.08
N ALA A 306 14.68 -16.56 -31.09
CA ALA A 306 15.47 -15.51 -31.71
C ALA A 306 15.21 -15.42 -33.21
N ASP A 307 15.07 -16.56 -33.87
CA ASP A 307 14.79 -16.59 -35.31
C ASP A 307 13.39 -16.09 -35.65
N GLY A 308 12.52 -15.93 -34.66
CA GLY A 308 11.16 -15.47 -34.89
C GLY A 308 10.12 -16.57 -34.79
N SER A 309 10.52 -17.83 -34.72
CA SER A 309 9.56 -18.91 -34.58
C SER A 309 8.87 -18.84 -33.23
N THR A 310 7.56 -19.08 -33.24
CA THR A 310 6.74 -19.01 -32.03
C THR A 310 5.99 -20.32 -31.84
N GLN A 311 5.93 -20.78 -30.58
CA GLN A 311 5.13 -21.93 -30.22
C GLN A 311 4.14 -21.53 -29.14
N ILE A 312 2.86 -21.82 -29.37
CA ILE A 312 1.77 -21.40 -28.50
C ILE A 312 0.97 -22.63 -28.10
N PHE A 313 0.74 -22.80 -26.80
CA PHE A 313 -0.07 -23.92 -26.34
C PHE A 313 -0.84 -23.54 -25.08
N THR A 314 -1.93 -24.25 -24.84
CA THR A 314 -2.83 -23.96 -23.74
C THR A 314 -2.68 -25.02 -22.65
N VAL A 315 -2.54 -24.58 -21.41
CA VAL A 315 -2.43 -25.44 -20.24
C VAL A 315 -3.66 -25.20 -19.37
N PRO A 316 -4.43 -26.24 -19.04
CA PRO A 316 -5.63 -26.02 -18.21
C PRO A 316 -5.27 -25.72 -16.77
N TYR A 317 -6.19 -25.05 -16.08
CA TYR A 317 -5.97 -24.59 -14.71
C TYR A 317 -7.24 -24.82 -13.92
N SER A 318 -7.16 -25.65 -12.88
CA SER A 318 -8.29 -25.92 -12.00
C SER A 318 -7.75 -26.36 -10.65
N SER A 319 -8.39 -25.90 -9.57
CA SER A 319 -7.91 -26.13 -8.22
C SER A 319 -9.07 -26.39 -7.28
N VAL A 320 -9.18 -27.62 -6.79
CA VAL A 320 -10.05 -27.94 -5.65
C VAL A 320 -9.33 -27.44 -4.41
N PRO A 321 -10.05 -27.04 -3.35
CA PRO A 321 -9.36 -26.59 -2.14
C PRO A 321 -8.37 -27.61 -1.57
N LEU A 322 -8.62 -28.90 -1.73
CA LEU A 322 -7.71 -29.92 -1.21
C LEU A 322 -6.68 -30.32 -2.26
N LEU A 323 -6.01 -29.31 -2.82
CA LEU A 323 -4.92 -29.50 -3.77
C LEU A 323 -3.68 -28.78 -3.29
N GLN A 324 -2.52 -29.28 -3.71
CA GLN A 324 -1.24 -28.71 -3.35
C GLN A 324 -0.35 -28.65 -4.58
N ARG A 325 0.62 -27.72 -4.54
CA ARG A 325 1.55 -27.59 -5.65
C ARG A 325 2.45 -28.82 -5.74
N GLU A 326 2.95 -29.07 -6.95
CA GLU A 326 3.80 -30.22 -7.18
C GLU A 326 5.08 -30.12 -6.33
N GLY A 327 5.44 -31.24 -5.70
CA GLY A 327 6.61 -31.28 -4.86
C GLY A 327 6.49 -30.43 -3.61
N HIS A 328 5.32 -30.46 -2.97
CA HIS A 328 5.09 -29.71 -1.74
C HIS A 328 4.32 -30.59 -0.77
N THR A 329 4.57 -30.38 0.52
CA THR A 329 3.96 -31.17 1.57
C THR A 329 3.44 -30.25 2.67
N ARG A 330 2.30 -30.65 3.26
CA ARG A 330 1.70 -29.90 4.35
C ARG A 330 1.12 -30.87 5.36
N TYR A 331 1.52 -30.72 6.62
CA TYR A 331 1.10 -31.62 7.69
C TYR A 331 0.49 -30.84 8.83
N SER A 332 -0.25 -31.55 9.67
CA SER A 332 -0.88 -30.94 10.85
C SER A 332 -1.17 -32.03 11.86
N ILE A 333 -0.56 -31.95 13.04
CA ILE A 333 -0.77 -32.90 14.12
C ILE A 333 -1.25 -32.15 15.34
N THR A 334 -2.23 -32.73 16.04
CA THR A 334 -2.83 -32.11 17.22
C THR A 334 -3.12 -33.21 18.25
N ALA A 335 -2.62 -33.03 19.47
CA ALA A 335 -2.79 -34.02 20.52
C ALA A 335 -3.18 -33.35 21.83
N GLY A 336 -4.13 -33.94 22.54
CA GLY A 336 -4.48 -33.45 23.85
C GLY A 336 -5.96 -33.62 24.14
N GLU A 337 -6.44 -32.85 25.10
CA GLU A 337 -7.82 -32.96 25.55
C GLU A 337 -8.76 -32.24 24.59
N TYR A 338 -10.04 -32.60 24.69
CA TYR A 338 -11.08 -32.10 23.80
C TYR A 338 -12.02 -31.20 24.59
N ARG A 339 -12.17 -29.97 24.14
CA ARG A 339 -13.05 -28.98 24.78
C ARG A 339 -14.11 -28.58 23.76
N SER A 340 -15.32 -29.09 23.94
CA SER A 340 -16.41 -28.81 23.00
C SER A 340 -16.94 -27.40 23.15
N GLY A 341 -17.05 -26.92 24.39
CA GLY A 341 -17.73 -25.67 24.70
C GLY A 341 -19.05 -25.87 25.40
N ASN A 342 -19.60 -27.08 25.38
CA ASN A 342 -20.81 -27.41 26.10
C ASN A 342 -20.43 -28.17 27.36
N ALA A 343 -21.01 -27.74 28.50
CA ALA A 343 -20.66 -28.37 29.78
C ALA A 343 -21.09 -29.83 29.86
N GLN A 344 -22.06 -30.24 29.03
CA GLN A 344 -22.53 -31.62 29.08
C GLN A 344 -21.54 -32.59 28.44
N GLN A 345 -20.86 -32.18 27.37
CA GLN A 345 -19.99 -33.07 26.64
C GLN A 345 -18.77 -33.46 27.46
N GLU A 346 -18.39 -34.74 27.38
CA GLU A 346 -17.21 -35.24 28.06
C GLU A 346 -15.94 -34.77 27.33
N LYS A 347 -14.84 -34.71 28.07
CA LYS A 347 -13.55 -34.24 27.55
C LYS A 347 -12.56 -35.39 27.51
N PRO A 348 -12.46 -36.12 26.40
CA PRO A 348 -11.46 -37.20 26.31
C PRO A 348 -10.13 -36.71 25.75
N ARG A 349 -9.19 -37.64 25.58
CA ARG A 349 -7.90 -37.35 24.97
C ARG A 349 -7.89 -37.89 23.54
N PHE A 350 -7.43 -37.05 22.60
CA PHE A 350 -7.42 -37.45 21.19
C PHE A 350 -6.12 -37.01 20.55
N PHE A 351 -5.74 -37.76 19.50
CA PHE A 351 -4.53 -37.51 18.73
C PHE A 351 -4.88 -37.62 17.25
N GLN A 352 -4.67 -36.53 16.52
CA GLN A 352 -5.02 -36.46 15.10
C GLN A 352 -3.80 -36.03 14.30
N SER A 353 -3.61 -36.68 13.14
CA SER A 353 -2.48 -36.38 12.28
C SER A 353 -2.94 -36.43 10.83
N THR A 354 -2.79 -35.30 10.13
CA THR A 354 -3.19 -35.19 8.73
C THR A 354 -1.99 -34.77 7.89
N LEU A 355 -1.91 -35.32 6.68
CA LEU A 355 -0.80 -35.04 5.79
C LEU A 355 -1.30 -34.95 4.36
N LEU A 356 -0.75 -34.01 3.59
CA LEU A 356 -1.04 -33.84 2.18
C LEU A 356 0.27 -33.69 1.44
N HIS A 357 0.42 -34.42 0.33
CA HIS A 357 1.67 -34.42 -0.43
C HIS A 357 1.34 -34.33 -1.91
N GLY A 358 2.27 -33.78 -2.69
CA GLY A 358 2.09 -33.55 -4.10
C GLY A 358 2.96 -34.49 -4.94
N LEU A 359 2.43 -34.87 -6.09
CA LEU A 359 3.07 -35.75 -7.06
C LEU A 359 3.05 -35.08 -8.42
N PRO A 360 4.04 -35.37 -9.28
CA PRO A 360 4.11 -34.74 -10.61
C PRO A 360 2.83 -34.91 -11.42
N ALA A 361 2.72 -34.13 -12.50
CA ALA A 361 1.52 -34.06 -13.34
C ALA A 361 0.30 -33.59 -12.53
N GLY A 362 0.54 -32.76 -11.51
CA GLY A 362 -0.52 -32.17 -10.74
C GLY A 362 -1.38 -33.14 -9.95
N TRP A 363 -0.76 -34.08 -9.26
CA TRP A 363 -1.48 -35.04 -8.43
C TRP A 363 -1.29 -34.70 -6.96
N THR A 364 -2.26 -35.08 -6.14
CA THR A 364 -2.15 -34.89 -4.69
C THR A 364 -2.67 -36.13 -3.99
N ILE A 365 -2.00 -36.52 -2.91
CA ILE A 365 -2.42 -37.64 -2.07
C ILE A 365 -2.44 -37.16 -0.63
N TYR A 366 -3.53 -37.45 0.08
CA TYR A 366 -3.62 -37.02 1.47
C TYR A 366 -4.21 -38.12 2.33
N GLY A 367 -3.82 -38.10 3.60
CA GLY A 367 -4.26 -39.11 4.55
C GLY A 367 -4.33 -38.55 5.94
N GLY A 368 -5.33 -39.00 6.69
CA GLY A 368 -5.55 -38.52 8.04
C GLY A 368 -5.90 -39.66 8.97
N THR A 369 -5.38 -39.56 10.19
CA THR A 369 -5.64 -40.54 11.24
C THR A 369 -6.14 -39.81 12.48
N GLN A 370 -7.15 -40.40 13.13
CA GLN A 370 -7.68 -39.87 14.37
C GLN A 370 -7.82 -41.02 15.37
N LEU A 371 -7.19 -40.88 16.53
CA LEU A 371 -7.22 -41.91 17.55
C LEU A 371 -7.65 -41.31 18.88
N ALA A 372 -8.36 -42.11 19.67
CA ALA A 372 -8.79 -41.71 21.01
C ALA A 372 -9.05 -42.97 21.81
N ASP A 373 -9.59 -42.80 23.03
CA ASP A 373 -9.90 -43.94 23.86
C ASP A 373 -11.12 -44.69 23.34
N ARG A 374 -11.98 -44.03 22.56
CA ARG A 374 -13.22 -44.62 22.08
C ARG A 374 -13.48 -44.23 20.64
N TYR A 375 -12.41 -44.03 19.86
CA TYR A 375 -12.56 -43.61 18.48
C TYR A 375 -11.33 -43.93 17.65
N ARG A 376 -11.54 -44.48 16.44
CA ARG A 376 -10.46 -44.78 15.52
C ARG A 376 -10.94 -44.51 14.11
N ALA A 377 -10.34 -43.52 13.44
CA ALA A 377 -10.75 -43.11 12.11
C ALA A 377 -9.55 -42.99 11.19
N PHE A 378 -9.69 -43.51 9.97
CA PHE A 378 -8.68 -43.39 8.93
C PHE A 378 -9.31 -42.82 7.67
N ASN A 379 -8.56 -41.97 6.98
CA ASN A 379 -9.03 -41.34 5.75
C ASN A 379 -7.89 -41.31 4.75
N PHE A 380 -8.19 -41.68 3.50
CA PHE A 380 -7.21 -41.73 2.43
C PHE A 380 -7.88 -41.21 1.16
N GLY A 381 -7.28 -40.20 0.52
CA GLY A 381 -7.88 -39.60 -0.64
C GLY A 381 -6.84 -39.13 -1.65
N ILE A 382 -7.30 -39.02 -2.89
CA ILE A 382 -6.48 -38.61 -4.02
C ILE A 382 -7.17 -37.45 -4.73
N GLY A 383 -6.45 -36.36 -4.92
CA GLY A 383 -6.93 -35.24 -5.71
C GLY A 383 -6.21 -35.16 -7.04
N LYS A 384 -6.94 -35.41 -8.13
CA LYS A 384 -6.36 -35.46 -9.46
C LYS A 384 -6.88 -34.28 -10.28
N ASN A 385 -5.95 -33.55 -10.91
CA ASN A 385 -6.30 -32.45 -11.81
C ASN A 385 -6.45 -33.02 -13.22
N MET A 386 -7.70 -33.25 -13.61
CA MET A 386 -8.00 -33.83 -14.91
C MET A 386 -7.54 -32.92 -16.05
N GLY A 387 -7.75 -31.61 -15.88
CA GLY A 387 -7.35 -30.65 -16.88
C GLY A 387 -8.52 -29.96 -17.55
N ALA A 388 -8.75 -30.27 -18.83
CA ALA A 388 -9.80 -29.62 -19.61
C ALA A 388 -11.16 -29.83 -18.98
N LEU A 389 -11.42 -31.05 -18.49
CA LEU A 389 -12.66 -31.34 -17.78
C LEU A 389 -12.74 -30.53 -16.49
N GLY A 390 -11.62 -30.40 -15.80
CA GLY A 390 -11.60 -29.70 -14.53
C GLY A 390 -10.74 -30.40 -13.50
N ALA A 391 -11.11 -30.33 -12.22
CA ALA A 391 -10.39 -31.00 -11.16
C ALA A 391 -11.39 -31.69 -10.24
N LEU A 392 -10.97 -32.84 -9.71
CA LEU A 392 -11.84 -33.64 -8.85
C LEU A 392 -10.99 -34.32 -7.78
N SER A 393 -11.55 -34.37 -6.57
CA SER A 393 -10.91 -35.02 -5.44
C SER A 393 -11.90 -35.96 -4.76
N VAL A 394 -11.46 -37.19 -4.52
CA VAL A 394 -12.29 -38.21 -3.89
C VAL A 394 -11.56 -38.74 -2.66
N ASP A 395 -12.26 -38.82 -1.54
CA ASP A 395 -11.69 -39.41 -0.34
C ASP A 395 -12.69 -40.34 0.32
N MET A 396 -12.16 -41.34 1.04
CA MET A 396 -12.96 -42.32 1.75
C MET A 396 -12.47 -42.43 3.19
N THR A 397 -13.39 -42.33 4.14
CA THR A 397 -13.09 -42.36 5.56
C THR A 397 -13.75 -43.57 6.20
N GLN A 398 -13.00 -44.27 7.05
CA GLN A 398 -13.49 -45.41 7.81
C GLN A 398 -13.46 -45.06 9.30
N ALA A 399 -14.53 -45.41 10.01
CA ALA A 399 -14.64 -45.09 11.43
C ALA A 399 -15.16 -46.29 12.19
N ASN A 400 -14.62 -46.49 13.40
CA ASN A 400 -15.06 -47.53 14.33
C ASN A 400 -15.31 -46.83 15.66
N SER A 401 -16.53 -46.31 15.84
CA SER A 401 -16.84 -45.49 17.00
C SER A 401 -17.67 -46.29 17.99
N THR A 402 -18.06 -45.63 19.09
CA THR A 402 -18.89 -46.28 20.11
C THR A 402 -19.73 -45.20 20.77
N LEU A 403 -21.05 -45.41 20.78
CA LEU A 403 -21.98 -44.47 21.39
C LEU A 403 -21.86 -44.54 22.91
N PRO A 404 -22.36 -43.53 23.63
CA PRO A 404 -22.29 -43.57 25.10
C PRO A 404 -22.95 -44.80 25.72
N ASP A 405 -23.84 -45.48 24.98
CA ASP A 405 -24.44 -46.72 25.47
C ASP A 405 -23.50 -47.91 25.41
N ASP A 406 -22.21 -47.68 25.10
CA ASP A 406 -21.20 -48.74 25.02
C ASP A 406 -21.58 -49.79 23.97
N SER A 407 -21.83 -49.32 22.74
CA SER A 407 -22.14 -50.18 21.62
C SER A 407 -21.29 -49.76 20.43
N GLN A 408 -20.43 -50.67 19.97
CA GLN A 408 -19.55 -50.37 18.85
C GLN A 408 -20.35 -50.21 17.56
N HIS A 409 -19.82 -49.38 16.66
CA HIS A 409 -20.48 -49.11 15.39
C HIS A 409 -19.41 -48.81 14.34
N ASP A 410 -19.45 -49.56 13.23
CA ASP A 410 -18.57 -49.33 12.11
C ASP A 410 -19.29 -48.50 11.05
N GLY A 411 -18.53 -47.66 10.35
CA GLY A 411 -19.11 -46.79 9.36
C GLY A 411 -18.10 -46.35 8.33
N GLN A 412 -18.61 -46.01 7.14
CA GLN A 412 -17.79 -45.50 6.04
C GLN A 412 -18.40 -44.22 5.51
N SER A 413 -17.57 -43.41 4.86
CA SER A 413 -18.04 -42.20 4.22
C SER A 413 -17.18 -41.93 2.99
N VAL A 414 -17.81 -41.34 1.98
CA VAL A 414 -17.14 -41.02 0.72
C VAL A 414 -17.48 -39.58 0.35
N ARG A 415 -16.45 -38.80 0.02
CA ARG A 415 -16.63 -37.40 -0.35
C ARG A 415 -16.05 -37.16 -1.75
N PHE A 416 -16.85 -36.52 -2.59
CA PHE A 416 -16.47 -36.12 -3.94
C PHE A 416 -16.50 -34.59 -4.00
N LEU A 417 -15.44 -33.99 -4.53
CA LEU A 417 -15.38 -32.55 -4.75
C LEU A 417 -14.99 -32.31 -6.20
N TYR A 418 -15.73 -31.43 -6.89
CA TYR A 418 -15.51 -31.13 -8.29
C TYR A 418 -15.44 -29.63 -8.49
N ASN A 419 -14.48 -29.19 -9.31
CA ASN A 419 -14.32 -27.78 -9.63
C ASN A 419 -13.95 -27.66 -11.10
N LYS A 420 -14.29 -26.52 -11.70
CA LYS A 420 -13.99 -26.28 -13.10
C LYS A 420 -13.86 -24.79 -13.33
N SER A 421 -13.21 -24.43 -14.44
CA SER A 421 -13.01 -23.03 -14.82
C SER A 421 -13.35 -22.90 -16.31
N LEU A 422 -14.63 -22.62 -16.59
CA LEU A 422 -15.12 -22.45 -17.96
C LEU A 422 -15.27 -20.98 -18.33
N ASN A 423 -14.39 -20.11 -17.86
CA ASN A 423 -14.49 -18.68 -18.14
C ASN A 423 -14.27 -18.34 -19.62
N GLU A 424 -13.79 -19.29 -20.41
CA GLU A 424 -13.60 -19.07 -21.85
C GLU A 424 -14.97 -19.11 -22.51
N SER A 425 -15.61 -17.93 -22.59
CA SER A 425 -16.95 -17.78 -23.16
C SER A 425 -17.96 -18.65 -22.43
N GLY A 426 -18.13 -18.37 -21.14
CA GLY A 426 -19.07 -19.13 -20.34
C GLY A 426 -18.93 -18.77 -18.86
N THR A 427 -19.54 -19.61 -18.03
CA THR A 427 -19.52 -19.43 -16.58
C THR A 427 -18.70 -20.54 -15.94
N ASN A 428 -17.95 -20.19 -14.89
CA ASN A 428 -17.09 -21.14 -14.20
C ASN A 428 -17.74 -21.51 -12.87
N ILE A 429 -18.03 -22.80 -12.68
CA ILE A 429 -18.55 -23.26 -11.40
C ILE A 429 -17.44 -23.19 -10.35
N GLN A 430 -17.86 -23.15 -9.09
CA GLN A 430 -16.92 -23.02 -7.98
C GLN A 430 -16.77 -24.28 -7.15
N LEU A 431 -17.85 -25.01 -6.89
CA LEU A 431 -17.76 -26.19 -6.04
C LEU A 431 -18.99 -27.07 -6.25
N VAL A 432 -18.75 -28.36 -6.51
CA VAL A 432 -19.80 -29.37 -6.54
C VAL A 432 -19.36 -30.48 -5.60
N GLY A 433 -19.99 -30.59 -4.45
CA GLY A 433 -19.57 -31.52 -3.42
C GLY A 433 -20.68 -32.51 -3.07
N TYR A 434 -20.30 -33.76 -2.89
CA TYR A 434 -21.25 -34.81 -2.52
C TYR A 434 -20.61 -35.69 -1.44
N ARG A 435 -21.24 -35.74 -0.27
CA ARG A 435 -20.79 -36.56 0.84
C ARG A 435 -21.85 -37.62 1.12
N TYR A 436 -21.44 -38.88 1.14
CA TYR A 436 -22.34 -40.00 1.36
C TYR A 436 -21.79 -40.86 2.49
N SER A 437 -22.61 -41.07 3.52
CA SER A 437 -22.21 -41.84 4.69
C SER A 437 -23.13 -43.05 4.86
N THR A 438 -22.59 -44.11 5.45
CA THR A 438 -23.37 -45.33 5.69
C THR A 438 -24.17 -45.17 6.98
N SER A 439 -24.76 -46.28 7.44
CA SER A 439 -25.67 -46.23 8.58
C SER A 439 -24.96 -46.16 9.93
N GLY A 440 -23.64 -46.36 9.96
CA GLY A 440 -22.95 -46.40 11.23
C GLY A 440 -21.68 -45.55 11.30
N TYR A 441 -21.64 -44.46 10.54
CA TYR A 441 -20.49 -43.56 10.54
C TYR A 441 -20.80 -42.36 11.43
N PHE A 442 -20.02 -42.21 12.50
CA PHE A 442 -20.21 -41.14 13.47
C PHE A 442 -18.95 -40.29 13.54
N ASN A 443 -19.13 -38.98 13.52
CA ASN A 443 -18.00 -38.07 13.68
C ASN A 443 -17.55 -38.03 15.14
N PHE A 444 -16.38 -37.44 15.37
CA PHE A 444 -15.83 -37.35 16.72
C PHE A 444 -16.68 -36.51 17.65
N ALA A 445 -17.49 -35.59 17.10
CA ALA A 445 -18.31 -34.74 17.95
C ALA A 445 -19.43 -35.55 18.63
N ASP A 446 -20.02 -36.49 17.91
CA ASP A 446 -21.15 -37.25 18.45
C ASP A 446 -20.73 -38.39 19.37
N THR A 447 -19.45 -38.75 19.39
CA THR A 447 -19.02 -39.87 20.22
C THR A 447 -19.09 -39.52 21.71
N THR A 448 -18.76 -38.28 22.06
CA THR A 448 -18.66 -37.86 23.46
C THR A 448 -19.74 -36.85 23.82
N TYR A 449 -20.97 -37.09 23.38
CA TYR A 449 -22.08 -36.21 23.76
C TYR A 449 -22.32 -36.23 25.25
N SER A 450 -22.28 -37.41 25.87
CA SER A 450 -22.51 -37.56 27.29
C SER A 450 -21.83 -38.85 27.76
N ARG A 451 -21.69 -38.97 29.08
CA ARG A 451 -21.08 -40.14 29.70
C ARG A 451 -22.14 -40.91 30.48
N MET A 452 -22.22 -42.22 30.22
CA MET A 452 -23.19 -43.10 30.88
C MET A 452 -24.62 -42.59 30.70
N TYR A 474 -30.24 -35.57 23.13
CA TYR A 474 -29.06 -35.88 22.35
C TYR A 474 -29.37 -35.86 20.86
N ASN A 475 -28.46 -35.26 20.07
CA ASN A 475 -28.62 -35.15 18.63
C ASN A 475 -28.03 -36.34 17.89
N LEU A 476 -27.81 -37.46 18.57
CA LEU A 476 -27.24 -38.66 17.96
C LEU A 476 -28.31 -39.60 17.40
N ALA A 477 -29.58 -39.21 17.45
CA ALA A 477 -30.65 -40.08 16.95
C ALA A 477 -30.50 -40.34 15.46
N TYR A 478 -30.18 -39.30 14.68
CA TYR A 478 -30.00 -39.43 13.24
C TYR A 478 -28.67 -38.82 12.84
N ASN A 479 -27.90 -39.56 12.05
CA ASN A 479 -26.64 -39.09 11.52
C ASN A 479 -26.81 -38.63 10.07
N LYS A 480 -25.89 -37.78 9.62
CA LYS A 480 -25.94 -37.29 8.25
C LYS A 480 -25.75 -38.44 7.26
N ARG A 481 -26.62 -38.50 6.26
CA ARG A 481 -26.56 -39.55 5.24
C ARG A 481 -26.04 -39.03 3.91
N GLY A 482 -26.67 -37.99 3.35
CA GLY A 482 -26.24 -37.44 2.09
C GLY A 482 -26.25 -35.93 2.08
N LYS A 483 -25.13 -35.33 1.67
CA LYS A 483 -24.99 -33.88 1.61
C LYS A 483 -24.54 -33.48 0.20
N LEU A 484 -25.27 -32.53 -0.39
CA LEU A 484 -24.97 -32.02 -1.72
C LEU A 484 -24.81 -30.52 -1.65
N GLN A 485 -23.68 -30.03 -2.19
CA GLN A 485 -23.36 -28.61 -2.22
C GLN A 485 -23.08 -28.18 -3.64
N LEU A 486 -23.71 -27.10 -4.07
CA LEU A 486 -23.56 -26.58 -5.43
C LEU A 486 -23.31 -25.08 -5.39
N THR A 487 -22.28 -24.64 -6.11
CA THR A 487 -21.97 -23.21 -6.21
C THR A 487 -21.73 -22.86 -7.67
N VAL A 488 -22.41 -21.82 -8.14
CA VAL A 488 -22.32 -21.38 -9.52
C VAL A 488 -22.15 -19.86 -9.57
N THR A 489 -21.20 -19.40 -10.39
CA THR A 489 -21.01 -17.97 -10.64
C THR A 489 -21.14 -17.73 -12.14
N GLN A 490 -22.16 -16.97 -12.51
CA GLN A 490 -22.45 -16.68 -13.92
C GLN A 490 -22.21 -15.20 -14.19
N GLN A 491 -21.66 -14.90 -15.36
CA GLN A 491 -21.35 -13.52 -15.76
C GLN A 491 -22.21 -13.13 -16.95
N LEU A 492 -22.96 -12.05 -16.79
CA LEU A 492 -23.75 -11.46 -17.87
C LEU A 492 -23.19 -10.08 -18.18
N GLY A 493 -22.88 -9.84 -19.46
CA GLY A 493 -22.24 -8.61 -19.84
C GLY A 493 -20.86 -8.49 -19.20
N ARG A 494 -20.50 -7.25 -18.87
CA ARG A 494 -19.25 -6.99 -18.15
C ARG A 494 -19.45 -6.83 -16.66
N THR A 495 -20.60 -6.29 -16.24
CA THR A 495 -20.85 -5.99 -14.84
C THR A 495 -21.79 -6.96 -14.15
N SER A 496 -22.74 -7.56 -14.88
CA SER A 496 -23.78 -8.35 -14.23
C SER A 496 -23.20 -9.67 -13.72
N THR A 497 -23.47 -9.98 -12.45
CA THR A 497 -23.00 -11.21 -11.84
C THR A 497 -24.16 -11.93 -11.16
N LEU A 498 -24.16 -13.25 -11.25
CA LEU A 498 -25.19 -14.09 -10.66
C LEU A 498 -24.51 -15.15 -9.80
N TYR A 499 -24.81 -15.13 -8.50
CA TYR A 499 -24.30 -16.12 -7.56
C TYR A 499 -25.42 -17.08 -7.18
N LEU A 500 -25.12 -18.38 -7.22
CA LEU A 500 -26.09 -19.40 -6.84
C LEU A 500 -25.43 -20.38 -5.90
N SER A 501 -26.08 -20.63 -4.76
CA SER A 501 -25.56 -21.57 -3.76
C SER A 501 -26.70 -22.47 -3.30
N GLY A 502 -26.38 -23.75 -3.12
CA GLY A 502 -27.38 -24.72 -2.71
C GLY A 502 -26.82 -25.83 -1.84
N SER A 503 -27.49 -26.09 -0.71
CA SER A 503 -27.09 -27.15 0.21
C SER A 503 -28.31 -28.02 0.49
N HIS A 504 -28.14 -29.32 0.32
CA HIS A 504 -29.21 -30.30 0.50
C HIS A 504 -28.70 -31.42 1.40
N GLN A 505 -29.46 -31.75 2.44
CA GLN A 505 -29.02 -32.72 3.43
C GLN A 505 -30.14 -33.70 3.73
N THR A 506 -29.82 -34.98 3.74
CA THR A 506 -30.74 -36.06 4.08
C THR A 506 -30.35 -36.66 5.43
N TYR A 507 -31.13 -37.66 5.85
CA TYR A 507 -30.88 -38.34 7.11
C TYR A 507 -31.28 -39.80 6.99
N TRP A 508 -30.72 -40.63 7.85
CA TRP A 508 -31.05 -42.05 7.88
C TRP A 508 -32.30 -42.29 8.72
N GLY A 509 -33.20 -43.13 8.20
CA GLY A 509 -34.41 -43.45 8.91
C GLY A 509 -35.52 -42.45 8.68
N THR A 510 -35.28 -41.20 9.10
CA THR A 510 -36.29 -40.16 8.94
C THR A 510 -36.33 -39.70 7.48
N SER A 511 -37.27 -38.79 7.19
CA SER A 511 -37.48 -38.31 5.83
C SER A 511 -37.34 -36.81 5.67
N ASN A 512 -37.25 -36.04 6.76
CA ASN A 512 -37.07 -34.60 6.63
C ASN A 512 -35.71 -34.27 6.03
N VAL A 513 -35.68 -33.28 5.14
CA VAL A 513 -34.49 -32.90 4.41
C VAL A 513 -34.19 -31.44 4.68
N ASP A 514 -32.94 -31.14 5.03
CA ASP A 514 -32.52 -29.76 5.23
C ASP A 514 -32.15 -29.14 3.88
N GLU A 515 -32.69 -27.95 3.61
CA GLU A 515 -32.47 -27.29 2.33
C GLU A 515 -32.11 -25.82 2.58
N GLN A 516 -31.07 -25.36 1.90
CA GLN A 516 -30.66 -23.95 1.97
C GLN A 516 -30.30 -23.51 0.56
N PHE A 517 -31.09 -22.60 -0.01
CA PHE A 517 -30.87 -22.12 -1.36
C PHE A 517 -30.71 -20.61 -1.34
N GLN A 518 -29.75 -20.11 -2.13
CA GLN A 518 -29.50 -18.68 -2.20
C GLN A 518 -29.19 -18.28 -3.63
N ALA A 519 -29.81 -17.21 -4.11
CA ALA A 519 -29.55 -16.66 -5.43
C ALA A 519 -29.36 -15.16 -5.30
N GLY A 520 -28.46 -14.62 -6.13
CA GLY A 520 -28.15 -13.21 -6.05
C GLY A 520 -27.70 -12.58 -7.36
N LEU A 521 -28.30 -11.45 -7.70
CA LEU A 521 -27.93 -10.67 -8.87
C LEU A 521 -27.26 -9.38 -8.42
N ASN A 522 -26.09 -9.09 -8.99
CA ASN A 522 -25.31 -7.90 -8.65
C ASN A 522 -24.97 -7.13 -9.92
N THR A 523 -25.21 -5.82 -9.91
CA THR A 523 -25.00 -4.98 -11.07
C THR A 523 -24.56 -3.59 -10.62
N ALA A 524 -23.98 -2.83 -11.56
CA ALA A 524 -23.55 -1.47 -11.30
C ALA A 524 -23.53 -0.71 -12.62
N PHE A 525 -24.21 0.44 -12.66
CA PHE A 525 -24.34 1.16 -13.93
C PHE A 525 -23.11 2.05 -14.16
N GLU A 526 -22.87 3.03 -13.29
CA GLU A 526 -21.52 3.58 -13.13
C GLU A 526 -21.03 3.45 -11.69
N ASP A 527 -21.82 3.93 -10.72
CA ASP A 527 -21.43 3.91 -9.32
C ASP A 527 -22.54 3.30 -8.48
N ILE A 528 -23.78 3.44 -8.94
CA ILE A 528 -24.92 2.89 -8.22
C ILE A 528 -24.85 1.38 -8.23
N ASN A 529 -24.99 0.78 -7.05
CA ASN A 529 -24.89 -0.67 -6.88
C ASN A 529 -26.27 -1.26 -6.66
N TRP A 530 -26.63 -2.24 -7.50
CA TRP A 530 -27.89 -2.95 -7.39
C TRP A 530 -27.60 -4.38 -6.96
N THR A 531 -28.30 -4.86 -5.93
CA THR A 531 -28.21 -6.25 -5.55
C THR A 531 -29.60 -6.78 -5.21
N LEU A 532 -29.87 -8.00 -5.66
CA LEU A 532 -31.16 -8.64 -5.44
C LEU A 532 -30.92 -10.07 -4.99
N SER A 533 -31.37 -10.41 -3.78
CA SER A 533 -31.12 -11.72 -3.19
C SER A 533 -32.44 -12.44 -2.93
N TYR A 534 -32.40 -13.76 -3.07
CA TYR A 534 -33.55 -14.62 -2.82
C TYR A 534 -33.06 -15.86 -2.09
N SER A 535 -33.55 -16.06 -0.87
CA SER A 535 -33.10 -17.17 -0.03
C SER A 535 -34.29 -18.02 0.39
N LEU A 536 -34.07 -19.34 0.38
CA LEU A 536 -35.05 -20.33 0.80
C LEU A 536 -34.42 -21.22 1.86
N THR A 537 -35.12 -21.40 2.98
CA THR A 537 -34.59 -22.17 4.10
C THR A 537 -35.62 -23.16 4.59
N LYS A 538 -35.21 -24.41 4.75
CA LYS A 538 -36.07 -25.46 5.31
C LYS A 538 -35.22 -26.30 6.26
N ASN A 539 -35.45 -26.16 7.56
CA ASN A 539 -34.67 -26.87 8.55
C ASN A 539 -35.09 -28.34 8.62
N ALA A 540 -34.36 -29.12 9.41
CA ALA A 540 -34.66 -30.54 9.54
C ALA A 540 -35.80 -30.78 10.54
N TRP A 541 -35.62 -30.34 11.78
CA TRP A 541 -36.66 -30.49 12.79
C TRP A 541 -37.86 -29.61 12.52
N GLN A 542 -37.64 -28.39 12.02
CA GLN A 542 -38.73 -27.47 11.75
C GLN A 542 -39.51 -27.91 10.51
N LYS A 543 -40.72 -27.36 10.39
CA LYS A 543 -41.61 -27.65 9.28
C LYS A 543 -42.01 -26.35 8.58
N GLY A 544 -42.03 -26.38 7.25
CA GLY A 544 -42.39 -25.20 6.49
C GLY A 544 -41.18 -24.44 5.97
N ARG A 545 -41.17 -24.18 4.67
CA ARG A 545 -40.06 -23.47 4.05
C ARG A 545 -40.26 -21.96 4.18
N ASP A 546 -39.20 -21.25 4.54
CA ASP A 546 -39.23 -19.80 4.70
C ASP A 546 -38.47 -19.13 3.58
N GLN A 547 -39.08 -18.13 2.96
CA GLN A 547 -38.50 -17.41 1.84
C GLN A 547 -38.17 -15.98 2.26
N MET A 548 -37.15 -15.41 1.60
CA MET A 548 -36.64 -14.10 1.99
C MET A 548 -36.09 -13.44 0.72
N LEU A 549 -36.82 -12.45 0.19
CA LEU A 549 -36.43 -11.76 -1.04
C LEU A 549 -36.10 -10.32 -0.68
N ALA A 550 -34.87 -9.92 -0.95
CA ALA A 550 -34.37 -8.60 -0.56
C ALA A 550 -33.78 -7.88 -1.76
N LEU A 551 -33.88 -6.55 -1.75
CA LEU A 551 -33.31 -5.70 -2.79
C LEU A 551 -32.60 -4.53 -2.12
N ASN A 552 -31.39 -4.24 -2.56
CA ASN A 552 -30.61 -3.14 -2.01
C ASN A 552 -30.00 -2.32 -3.13
N VAL A 553 -30.12 -1.00 -3.01
CA VAL A 553 -29.60 -0.05 -3.97
C VAL A 553 -28.73 0.96 -3.23
N ASN A 554 -27.50 1.13 -3.69
CA ASN A 554 -26.55 2.08 -3.11
C ASN A 554 -26.26 3.18 -4.12
N ILE A 555 -26.48 4.43 -3.72
CA ILE A 555 -26.25 5.58 -4.58
C ILE A 555 -25.25 6.52 -3.92
N PRO A 556 -24.01 6.60 -4.41
CA PRO A 556 -23.04 7.54 -3.83
C PRO A 556 -23.36 8.97 -4.23
N PHE A 557 -23.23 9.89 -3.27
CA PHE A 557 -23.45 11.31 -3.52
C PHE A 557 -22.15 12.01 -3.90
N SER A 558 -21.45 11.44 -4.88
CA SER A 558 -20.20 12.01 -5.39
C SER A 558 -20.30 12.43 -6.85
N HIS A 559 -20.79 11.55 -7.71
CA HIS A 559 -20.94 11.89 -9.13
C HIS A 559 -22.03 12.91 -9.36
N TRP A 560 -22.94 13.09 -8.40
CA TRP A 560 -24.03 14.05 -8.52
C TRP A 560 -23.64 15.45 -8.08
N LEU A 561 -22.42 15.64 -7.60
CA LEU A 561 -21.94 16.94 -7.13
C LEU A 561 -20.56 17.23 -7.72
N ARG A 562 -20.26 18.51 -7.85
CA ARG A 562 -18.97 18.93 -8.38
C ARG A 562 -17.87 18.71 -7.35
N SER A 563 -16.63 18.77 -7.83
CA SER A 563 -15.45 18.55 -6.98
C SER A 563 -15.17 19.85 -6.22
N ASP A 564 -15.73 19.94 -5.02
CA ASP A 564 -15.54 21.10 -4.15
C ASP A 564 -14.76 20.66 -2.92
N SER A 565 -13.68 21.38 -2.61
CA SER A 565 -12.85 21.03 -1.47
C SER A 565 -13.62 21.21 -0.15
N LYS A 566 -14.38 22.29 -0.03
CA LYS A 566 -15.13 22.60 1.18
C LYS A 566 -16.61 22.28 1.04
N SER A 567 -16.96 21.28 0.23
CA SER A 567 -18.36 20.90 0.06
C SER A 567 -18.94 20.35 1.35
N GLN A 568 -18.16 19.57 2.10
CA GLN A 568 -18.52 18.91 3.35
C GLN A 568 -19.59 17.84 3.16
N TRP A 569 -20.03 17.58 1.93
CA TRP A 569 -20.99 16.52 1.64
C TRP A 569 -20.37 15.39 0.82
N ARG A 570 -19.06 15.41 0.61
CA ARG A 570 -18.39 14.39 -0.16
C ARG A 570 -18.35 13.07 0.63
N HIS A 571 -18.16 11.97 -0.11
CA HIS A 571 -18.06 10.61 0.39
C HIS A 571 -19.36 10.10 1.01
N ALA A 572 -20.44 10.89 0.99
CA ALA A 572 -21.72 10.44 1.51
C ALA A 572 -22.44 9.58 0.47
N SER A 573 -23.26 8.66 0.95
CA SER A 573 -23.99 7.77 0.07
C SER A 573 -25.33 7.39 0.72
N ALA A 574 -26.31 7.08 -0.13
CA ALA A 574 -27.63 6.69 0.32
C ALA A 574 -27.87 5.21 0.05
N SER A 575 -28.47 4.53 1.01
CA SER A 575 -28.78 3.11 0.94
C SER A 575 -30.28 2.92 1.02
N TYR A 576 -30.81 2.12 0.08
CA TYR A 576 -32.22 1.76 0.04
C TYR A 576 -32.31 0.24 0.15
N SER A 577 -33.02 -0.23 1.18
CA SER A 577 -33.20 -1.66 1.42
C SER A 577 -34.69 -1.98 1.45
N MET A 578 -35.08 -3.05 0.77
CA MET A 578 -36.45 -3.52 0.79
C MET A 578 -36.44 -5.03 1.00
N SER A 579 -37.33 -5.51 1.86
CA SER A 579 -37.36 -6.93 2.18
C SER A 579 -38.78 -7.45 2.08
N HIS A 580 -38.90 -8.74 1.79
CA HIS A 580 -40.19 -9.39 1.69
C HIS A 580 -40.06 -10.84 2.13
N ASP A 581 -40.84 -11.23 3.13
CA ASP A 581 -40.88 -12.62 3.58
C ASP A 581 -41.82 -13.47 2.73
N LEU A 582 -42.50 -12.86 1.76
CA LEU A 582 -43.42 -13.54 0.84
C LEU A 582 -44.67 -14.03 1.57
N ASN A 583 -44.69 -13.88 2.89
CA ASN A 583 -45.86 -14.25 3.69
C ASN A 583 -46.77 -13.08 3.99
N GLY A 584 -46.40 -11.86 3.62
CA GLY A 584 -47.25 -10.70 3.81
C GLY A 584 -46.67 -9.64 4.73
N ARG A 585 -45.35 -9.59 4.82
CA ARG A 585 -44.66 -8.60 5.65
C ARG A 585 -43.79 -7.71 4.76
N MET A 586 -44.00 -6.40 4.84
CA MET A 586 -43.26 -5.42 4.07
C MET A 586 -42.32 -4.66 5.00
N THR A 587 -41.06 -4.54 4.60
CA THR A 587 -40.08 -3.79 5.38
C THR A 587 -39.23 -2.95 4.43
N ASN A 588 -39.09 -1.67 4.76
CA ASN A 588 -38.33 -0.73 3.94
C ASN A 588 -37.38 0.06 4.83
N LEU A 589 -36.25 0.46 4.27
CA LEU A 589 -35.22 1.17 5.00
C LEU A 589 -34.53 2.15 4.06
N ALA A 590 -34.43 3.41 4.46
CA ALA A 590 -33.74 4.42 3.66
C ALA A 590 -32.79 5.18 4.57
N GLY A 591 -31.52 5.23 4.19
CA GLY A 591 -30.53 5.87 5.04
C GLY A 591 -29.47 6.60 4.25
N VAL A 592 -28.77 7.49 4.94
CA VAL A 592 -27.62 8.21 4.39
C VAL A 592 -26.45 8.07 5.35
N TYR A 593 -25.25 7.90 4.80
CA TYR A 593 -24.05 7.76 5.61
C TYR A 593 -22.93 8.59 5.01
N GLY A 594 -21.98 8.97 5.86
CA GLY A 594 -20.86 9.77 5.39
C GLY A 594 -19.90 10.08 6.51
N THR A 595 -19.01 11.03 6.24
CA THR A 595 -18.03 11.50 7.20
C THR A 595 -18.19 13.00 7.42
N LEU A 596 -17.90 13.44 8.65
CA LEU A 596 -18.06 14.83 9.03
C LEU A 596 -16.84 15.31 9.81
N LEU A 597 -15.64 14.98 9.31
CA LEU A 597 -14.41 15.41 9.94
C LEU A 597 -13.37 15.69 8.87
N GLU A 598 -12.30 16.38 9.26
CA GLU A 598 -11.28 16.79 8.30
C GLU A 598 -10.56 15.60 7.69
N ASP A 599 -10.19 14.62 8.52
CA ASP A 599 -9.42 13.47 8.06
C ASP A 599 -10.24 12.18 8.07
N ASN A 600 -11.56 12.29 7.97
CA ASN A 600 -12.46 11.14 7.97
C ASN A 600 -12.32 10.29 9.23
N ASN A 601 -11.92 10.93 10.33
CA ASN A 601 -11.82 10.22 11.61
C ASN A 601 -13.18 9.92 12.20
N LEU A 602 -14.23 10.59 11.73
CA LEU A 602 -15.59 10.38 12.21
C LEU A 602 -16.47 9.88 11.08
N SER A 603 -17.40 9.00 11.42
CA SER A 603 -18.36 8.47 10.46
C SER A 603 -19.74 8.48 11.09
N TYR A 604 -20.75 8.86 10.29
CA TYR A 604 -22.13 8.91 10.74
C TYR A 604 -23.00 8.18 9.74
N SER A 605 -24.10 7.62 10.24
CA SER A 605 -25.06 6.90 9.40
C SER A 605 -26.43 6.99 10.04
N VAL A 606 -27.37 7.65 9.37
CA VAL A 606 -28.71 7.84 9.87
C VAL A 606 -29.69 7.24 8.87
N GLN A 607 -30.56 6.35 9.36
CA GLN A 607 -31.53 5.67 8.51
C GLN A 607 -32.88 5.63 9.19
N THR A 608 -33.92 5.66 8.37
CA THR A 608 -35.31 5.55 8.84
C THR A 608 -35.98 4.39 8.13
N GLY A 609 -36.74 3.60 8.89
CA GLY A 609 -37.38 2.41 8.39
C GLY A 609 -38.89 2.48 8.46
N TYR A 610 -39.52 1.43 7.93
CA TYR A 610 -40.98 1.32 7.92
C TYR A 610 -41.34 -0.15 7.74
N ALA A 611 -42.04 -0.71 8.72
CA ALA A 611 -42.43 -2.12 8.70
C ALA A 611 -43.93 -2.25 8.84
N GLY A 612 -44.48 -3.29 8.21
CA GLY A 612 -45.91 -3.54 8.29
C GLY A 612 -46.24 -4.95 7.89
N GLY A 613 -47.43 -5.39 8.30
CA GLY A 613 -47.90 -6.72 7.96
C GLY A 613 -47.20 -7.81 8.76
N GLY A 614 -47.45 -9.04 8.32
CA GLY A 614 -46.83 -10.20 8.93
C GLY A 614 -47.34 -10.49 10.34
N ASP A 615 -46.45 -10.32 11.33
CA ASP A 615 -46.84 -10.58 12.71
C ASP A 615 -47.89 -9.59 13.20
N GLY A 616 -47.94 -8.40 12.61
CA GLY A 616 -48.90 -7.36 12.98
C GLY A 616 -48.25 -6.10 13.49
N ASN A 617 -47.04 -6.21 14.04
CA ASN A 617 -46.34 -5.03 14.53
C ASN A 617 -45.95 -4.12 13.38
N SER A 618 -46.21 -2.83 13.54
CA SER A 618 -45.91 -1.85 12.50
C SER A 618 -45.39 -0.58 13.15
N GLY A 619 -44.64 0.20 12.37
CA GLY A 619 -44.08 1.44 12.86
C GLY A 619 -43.00 1.94 11.94
N SER A 620 -42.39 3.05 12.36
CA SER A 620 -41.31 3.71 11.61
C SER A 620 -40.01 3.46 12.36
N THR A 621 -39.19 2.55 11.82
CA THR A 621 -37.90 2.26 12.42
C THR A 621 -36.91 3.39 12.17
N GLY A 622 -35.90 3.47 13.03
CA GLY A 622 -34.87 4.48 12.90
C GLY A 622 -33.59 4.16 13.65
N TYR A 623 -32.45 4.43 13.03
CA TYR A 623 -31.16 4.13 13.65
C TYR A 623 -30.15 5.19 13.22
N ALA A 624 -29.53 5.86 14.19
CA ALA A 624 -28.52 6.87 13.94
C ALA A 624 -27.26 6.49 14.71
N THR A 625 -26.20 6.16 13.98
CA THR A 625 -24.95 5.72 14.58
C THR A 625 -23.83 6.68 14.20
N LEU A 626 -22.86 6.82 15.11
CA LEU A 626 -21.74 7.72 14.91
C LEU A 626 -20.51 7.12 15.60
N ASN A 627 -19.49 6.79 14.82
CA ASN A 627 -18.28 6.19 15.34
C ASN A 627 -17.07 7.04 14.96
N TYR A 628 -16.21 7.31 15.94
CA TYR A 628 -15.03 8.13 15.75
C TYR A 628 -13.80 7.28 16.03
N ARG A 629 -12.89 7.25 15.06
CA ARG A 629 -11.60 6.57 15.18
C ARG A 629 -10.52 7.62 15.37
N GLY A 630 -9.77 7.52 16.48
CA GLY A 630 -8.75 8.50 16.77
C GLY A 630 -7.41 7.91 17.15
N GLY A 631 -6.50 8.75 17.65
CA GLY A 631 -5.19 8.31 18.07
C GLY A 631 -5.13 7.68 19.44
N TYR A 632 -6.24 7.68 20.17
CA TYR A 632 -6.31 7.06 21.48
C TYR A 632 -7.18 5.82 21.51
N GLY A 633 -8.43 5.92 21.03
CA GLY A 633 -9.32 4.77 21.00
C GLY A 633 -10.62 5.05 20.28
N ASN A 634 -11.13 4.04 19.58
CA ASN A 634 -12.41 4.17 18.89
C ASN A 634 -13.54 4.36 19.88
N ALA A 635 -14.53 5.18 19.49
CA ALA A 635 -15.68 5.43 20.33
C ALA A 635 -16.92 5.54 19.46
N ASN A 636 -17.95 4.75 19.77
CA ASN A 636 -19.17 4.74 18.98
C ASN A 636 -20.39 4.97 19.86
N ILE A 637 -21.31 5.79 19.35
CA ILE A 637 -22.58 6.11 20.01
C ILE A 637 -23.70 5.90 19.00
N GLY A 638 -24.74 5.17 19.40
CA GLY A 638 -25.83 4.87 18.49
C GLY A 638 -27.20 4.88 19.15
N TYR A 639 -28.15 5.58 18.52
CA TYR A 639 -29.52 5.68 18.98
C TYR A 639 -30.41 4.85 18.06
N SER A 640 -31.28 4.04 18.66
CA SER A 640 -32.26 3.26 17.91
C SER A 640 -33.65 3.58 18.43
N HIS A 641 -34.57 3.86 17.51
CA HIS A 641 -35.95 4.19 17.84
C HIS A 641 -36.87 3.30 17.02
N SER A 642 -37.83 2.66 17.69
CA SER A 642 -38.80 1.80 17.02
C SER A 642 -40.17 2.08 17.62
N ASP A 643 -41.14 1.22 17.30
CA ASP A 643 -42.50 1.40 17.81
C ASP A 643 -42.54 1.28 19.33
N ASP A 644 -41.85 0.28 19.88
CA ASP A 644 -41.86 0.06 21.32
C ASP A 644 -40.50 -0.32 21.88
N ILE A 645 -39.45 -0.32 21.07
CA ILE A 645 -38.11 -0.71 21.51
C ILE A 645 -37.15 0.42 21.22
N LYS A 646 -36.36 0.82 22.22
CA LYS A 646 -35.37 1.87 22.06
C LYS A 646 -34.17 1.54 22.93
N GLN A 647 -32.99 1.48 22.31
CA GLN A 647 -31.75 1.17 23.02
C GLN A 647 -30.65 2.11 22.56
N LEU A 648 -29.68 2.34 23.45
CA LEU A 648 -28.57 3.23 23.18
C LEU A 648 -27.27 2.44 23.30
N TYR A 649 -26.53 2.35 22.20
CA TYR A 649 -25.23 1.69 22.19
C TYR A 649 -24.16 2.72 22.49
N TYR A 650 -23.38 2.51 23.55
CA TYR A 650 -22.21 3.34 23.82
C TYR A 650 -21.01 2.43 24.02
N GLY A 651 -19.95 2.66 23.25
CA GLY A 651 -18.81 1.77 23.30
C GLY A 651 -17.50 2.51 23.09
N VAL A 652 -16.48 2.04 23.80
CA VAL A 652 -15.12 2.54 23.67
C VAL A 652 -14.16 1.36 23.58
N SER A 653 -13.22 1.43 22.64
CA SER A 653 -12.25 0.36 22.44
C SER A 653 -10.86 0.95 22.23
N GLY A 654 -9.86 0.29 22.77
CA GLY A 654 -8.50 0.78 22.63
C GLY A 654 -7.48 -0.25 23.06
N GLY A 655 -6.25 -0.03 22.60
CA GLY A 655 -5.15 -0.92 22.90
C GLY A 655 -4.00 -0.19 23.57
N VAL A 656 -3.21 -0.93 24.33
CA VAL A 656 -2.06 -0.40 25.05
C VAL A 656 -0.89 -1.36 24.90
N LEU A 657 0.29 -0.81 24.63
CA LEU A 657 1.51 -1.57 24.44
C LEU A 657 2.54 -1.13 25.48
N ALA A 658 3.10 -2.10 26.21
CA ALA A 658 4.11 -1.85 27.22
C ALA A 658 5.42 -2.48 26.78
N HIS A 659 6.49 -1.68 26.74
CA HIS A 659 7.79 -2.17 26.32
C HIS A 659 8.86 -1.52 27.20
N ALA A 660 10.12 -1.69 26.80
CA ALA A 660 11.22 -1.17 27.61
C ALA A 660 11.21 0.35 27.67
N ASN A 661 10.90 1.02 26.56
CA ASN A 661 10.98 2.46 26.48
C ASN A 661 9.77 3.17 27.09
N GLY A 662 8.70 2.45 27.39
CA GLY A 662 7.55 3.07 28.03
C GLY A 662 6.27 2.38 27.60
N VAL A 663 5.16 3.03 27.94
CA VAL A 663 3.81 2.51 27.69
C VAL A 663 3.11 3.48 26.74
N THR A 664 2.60 2.95 25.64
CA THR A 664 1.95 3.76 24.60
C THR A 664 0.53 3.28 24.36
N LEU A 665 -0.41 4.20 24.33
CA LEU A 665 -1.79 3.90 23.98
C LEU A 665 -1.96 3.93 22.45
N GLY A 666 -3.10 3.44 21.98
CA GLY A 666 -3.37 3.51 20.56
C GLY A 666 -4.63 2.73 20.21
N GLN A 667 -4.83 2.59 18.91
CA GLN A 667 -5.97 1.84 18.39
C GLN A 667 -5.83 0.36 18.73
N PRO A 668 -6.96 -0.39 18.74
CA PRO A 668 -6.89 -1.82 19.03
C PRO A 668 -5.86 -2.56 18.18
N LEU A 669 -4.83 -3.07 18.84
CA LEU A 669 -3.72 -3.73 18.15
C LEU A 669 -4.17 -5.05 17.54
N ASN A 670 -4.19 -5.12 16.21
CA ASN A 670 -4.69 -6.29 15.49
C ASN A 670 -3.53 -7.20 15.12
N ASP A 671 -3.18 -8.06 16.07
CA ASP A 671 -2.14 -9.08 15.88
C ASP A 671 -0.83 -8.37 15.53
N THR A 672 -0.28 -8.56 14.35
CA THR A 672 0.96 -7.89 13.96
C THR A 672 0.79 -6.37 14.02
N VAL A 673 1.70 -5.71 14.73
CA VAL A 673 1.66 -4.27 14.91
C VAL A 673 3.08 -3.72 14.80
N VAL A 674 3.21 -2.52 14.26
CA VAL A 674 4.50 -1.85 14.14
C VAL A 674 4.54 -0.69 15.13
N LEU A 675 5.59 -0.66 15.95
CA LEU A 675 5.78 0.41 16.93
C LEU A 675 6.57 1.52 16.27
N VAL A 676 5.88 2.57 15.84
CA VAL A 676 6.52 3.71 15.21
C VAL A 676 7.19 4.54 16.29
N LYS A 677 8.52 4.62 16.25
CA LYS A 677 9.31 5.35 17.23
C LYS A 677 9.93 6.57 16.55
N ALA A 678 9.72 7.75 17.15
CA ALA A 678 10.25 8.98 16.60
C ALA A 678 10.44 10.01 17.70
N PRO A 679 11.52 9.93 18.47
CA PRO A 679 11.76 10.93 19.53
C PRO A 679 12.09 12.28 18.91
N GLY A 680 11.22 13.26 19.14
CA GLY A 680 11.41 14.58 18.58
C GLY A 680 10.17 15.08 17.86
N ALA A 681 9.46 14.18 17.19
CA ALA A 681 8.21 14.51 16.50
C ALA A 681 7.06 14.25 17.46
N LYS A 682 6.46 15.33 17.98
CA LYS A 682 5.43 15.18 18.99
C LYS A 682 4.11 14.72 18.38
N ASP A 683 3.55 15.52 17.46
CA ASP A 683 2.25 15.24 16.87
C ASP A 683 2.35 14.83 15.41
N ALA A 684 3.39 14.08 15.05
CA ALA A 684 3.54 13.59 13.68
C ALA A 684 2.44 12.59 13.36
N LYS A 685 1.92 12.67 12.13
CA LYS A 685 0.83 11.81 11.69
C LYS A 685 1.36 10.81 10.65
N VAL A 686 1.04 9.52 10.86
CA VAL A 686 1.43 8.50 9.90
C VAL A 686 0.58 8.64 8.63
N GLU A 687 1.24 8.56 7.49
CA GLU A 687 0.57 8.69 6.20
C GLU A 687 -0.21 7.43 5.86
N ASN A 688 -1.25 7.61 5.06
CA ASN A 688 -2.08 6.50 4.56
C ASN A 688 -2.70 5.69 5.70
N GLN A 689 -3.05 6.36 6.80
CA GLN A 689 -3.75 5.72 7.90
C GLN A 689 -4.84 6.67 8.41
N THR A 690 -5.87 6.09 8.99
CA THR A 690 -7.06 6.84 9.43
C THR A 690 -6.78 7.46 10.79
N GLY A 691 -6.11 8.61 10.79
CA GLY A 691 -5.90 9.37 12.00
C GLY A 691 -4.95 8.75 13.00
N VAL A 692 -4.03 7.91 12.55
CA VAL A 692 -3.04 7.31 13.44
C VAL A 692 -1.97 8.38 13.72
N ARG A 693 -2.08 9.05 14.86
CA ARG A 693 -1.17 10.11 15.25
C ARG A 693 -0.20 9.61 16.31
N THR A 694 1.00 10.18 16.31
CA THR A 694 1.97 9.86 17.34
C THR A 694 1.46 10.36 18.69
N ASP A 695 1.78 9.62 19.75
CA ASP A 695 1.26 9.94 21.07
C ASP A 695 2.05 11.12 21.65
N TRP A 696 1.83 11.41 22.93
CA TRP A 696 2.37 12.64 23.52
C TRP A 696 3.90 12.61 23.54
N ARG A 697 4.49 11.44 23.80
CA ARG A 697 5.94 11.32 23.80
C ARG A 697 6.50 11.16 22.39
N GLY A 698 5.67 10.93 21.39
CA GLY A 698 6.11 10.75 20.02
C GLY A 698 6.00 9.34 19.50
N TYR A 699 5.74 8.37 20.37
CA TYR A 699 5.56 6.99 19.94
C TYR A 699 4.17 6.78 19.35
N ALA A 700 4.04 5.72 18.57
CA ALA A 700 2.74 5.38 17.98
C ALA A 700 2.72 3.88 17.70
N VAL A 701 1.52 3.36 17.51
CA VAL A 701 1.32 1.95 17.17
C VAL A 701 0.45 1.86 15.93
N LEU A 702 0.89 1.08 14.96
CA LEU A 702 0.10 0.86 13.75
C LEU A 702 -0.99 -0.17 14.04
N PRO A 703 -2.26 0.14 13.79
CA PRO A 703 -3.32 -0.81 14.14
C PRO A 703 -3.24 -2.12 13.37
N TYR A 704 -3.14 -2.07 12.05
CA TYR A 704 -3.14 -3.25 11.20
C TYR A 704 -1.84 -3.31 10.41
N ALA A 705 -1.16 -4.46 10.48
CA ALA A 705 0.08 -4.68 9.75
C ALA A 705 0.03 -6.04 9.09
N THR A 706 0.54 -6.12 7.86
CA THR A 706 0.54 -7.36 7.12
C THR A 706 1.70 -8.26 7.55
N GLU A 707 1.40 -9.54 7.71
CA GLU A 707 2.34 -10.53 8.20
C GLU A 707 3.20 -11.07 7.07
N TYR A 708 4.47 -11.36 7.39
CA TYR A 708 5.40 -12.04 6.49
C TYR A 708 5.57 -11.32 5.16
N ARG A 709 5.38 -10.01 5.14
CA ARG A 709 5.49 -9.22 3.92
C ARG A 709 6.14 -7.89 4.23
N GLU A 710 6.74 -7.27 3.21
CA GLU A 710 7.34 -5.96 3.37
C GLU A 710 6.27 -4.94 3.72
N ASN A 711 6.54 -4.15 4.77
CA ASN A 711 5.64 -3.10 5.23
C ASN A 711 6.37 -1.77 5.18
N ARG A 712 5.74 -0.78 4.55
CA ARG A 712 6.29 0.56 4.42
C ARG A 712 5.56 1.50 5.37
N VAL A 713 6.32 2.21 6.19
CA VAL A 713 5.78 3.20 7.11
C VAL A 713 6.39 4.56 6.76
N ALA A 714 5.53 5.56 6.60
CA ALA A 714 5.95 6.89 6.19
C ALA A 714 5.16 7.94 6.96
N LEU A 715 5.84 9.02 7.34
CA LEU A 715 5.20 10.12 8.05
C LEU A 715 5.01 11.31 7.11
N ASP A 716 3.89 12.01 7.28
CA ASP A 716 3.61 13.20 6.49
C ASP A 716 4.51 14.33 7.01
N THR A 717 5.59 14.61 6.28
CA THR A 717 6.53 15.65 6.70
C THR A 717 5.88 17.03 6.72
N ASN A 718 4.80 17.23 5.97
CA ASN A 718 4.08 18.50 6.02
C ASN A 718 3.49 18.73 7.40
N THR A 719 2.93 17.67 8.01
CA THR A 719 2.37 17.77 9.35
C THR A 719 3.43 17.79 10.44
N LEU A 720 4.68 17.47 10.11
CA LEU A 720 5.75 17.49 11.09
C LEU A 720 6.06 18.93 11.51
N ALA A 721 6.71 19.05 12.67
CA ALA A 721 7.06 20.35 13.20
C ALA A 721 8.05 21.06 12.27
N ASP A 722 7.88 22.37 12.14
CA ASP A 722 8.75 23.16 11.26
C ASP A 722 10.19 23.22 11.76
N ASN A 723 10.40 23.03 13.06
CA ASN A 723 11.74 23.06 13.64
C ASN A 723 12.39 21.70 13.71
N VAL A 724 11.71 20.64 13.27
CA VAL A 724 12.24 19.28 13.31
C VAL A 724 12.24 18.72 11.89
N ASP A 725 13.38 18.18 11.48
CA ASP A 725 13.54 17.58 10.16
C ASP A 725 13.89 16.11 10.33
N LEU A 726 13.16 15.24 9.63
CA LEU A 726 13.40 13.81 9.72
C LEU A 726 14.56 13.39 8.83
N ASP A 727 15.42 12.51 9.36
CA ASP A 727 16.52 11.99 8.56
C ASP A 727 16.01 11.17 7.38
N ASN A 728 15.00 10.34 7.60
CA ASN A 728 14.38 9.57 6.54
C ASN A 728 12.90 9.42 6.83
N ALA A 729 12.08 9.64 5.82
CA ALA A 729 10.63 9.64 5.98
C ALA A 729 9.97 8.32 5.60
N VAL A 730 10.76 7.31 5.23
CA VAL A 730 10.24 6.01 4.81
C VAL A 730 11.06 4.91 5.46
N ALA A 731 10.39 3.93 6.06
CA ALA A 731 11.04 2.79 6.66
C ALA A 731 10.36 1.50 6.22
N ASN A 732 11.14 0.44 6.09
CA ASN A 732 10.65 -0.86 5.66
C ASN A 732 10.88 -1.87 6.79
N VAL A 733 9.83 -2.60 7.14
CA VAL A 733 9.89 -3.62 8.19
C VAL A 733 9.10 -4.84 7.75
N VAL A 734 9.66 -6.02 8.00
CA VAL A 734 9.01 -7.28 7.65
C VAL A 734 8.71 -8.05 8.92
N PRO A 735 7.52 -7.90 9.49
CA PRO A 735 7.22 -8.56 10.77
C PRO A 735 6.80 -10.01 10.60
N THR A 736 7.05 -10.79 11.64
CA THR A 736 6.48 -12.12 11.76
C THR A 736 5.14 -12.03 12.49
N ARG A 737 4.32 -13.07 12.36
CA ARG A 737 2.98 -13.03 12.90
C ARG A 737 3.02 -13.00 14.43
N GLY A 738 2.10 -12.24 15.01
CA GLY A 738 2.04 -12.11 16.46
C GLY A 738 3.28 -11.50 17.08
N ALA A 739 3.90 -10.55 16.38
CA ALA A 739 5.15 -9.94 16.85
C ALA A 739 5.05 -8.43 16.71
N ILE A 740 5.80 -7.73 17.55
CA ILE A 740 5.87 -6.27 17.55
C ILE A 740 7.24 -5.86 17.01
N VAL A 741 7.23 -5.02 15.99
CA VAL A 741 8.46 -4.60 15.31
C VAL A 741 8.60 -3.08 15.42
N ARG A 742 9.79 -2.65 15.84
CA ARG A 742 10.08 -1.23 15.99
C ARG A 742 10.44 -0.63 14.63
N ALA A 743 9.94 0.58 14.38
CA ALA A 743 10.24 1.33 13.17
C ALA A 743 10.94 2.62 13.58
N GLU A 744 12.27 2.62 13.49
CA GLU A 744 13.05 3.77 13.92
C GLU A 744 12.89 4.93 12.96
N PHE A 745 12.82 6.14 13.55
CA PHE A 745 12.66 7.37 12.76
C PHE A 745 13.39 8.47 13.52
N LYS A 746 14.65 8.70 13.14
CA LYS A 746 15.48 9.70 13.80
C LYS A 746 15.17 11.09 13.28
N ALA A 747 15.03 12.05 14.18
CA ALA A 747 14.71 13.42 13.83
C ALA A 747 15.71 14.38 14.48
N ARG A 748 15.95 15.49 13.80
CA ARG A 748 16.85 16.53 14.27
C ARG A 748 16.06 17.81 14.49
N VAL A 749 16.26 18.43 15.66
CA VAL A 749 15.51 19.62 16.04
C VAL A 749 16.40 20.87 15.94
N GLY A 750 17.43 20.82 15.10
CA GLY A 750 18.32 21.96 14.93
C GLY A 750 17.73 23.03 14.03
N ILE A 751 18.49 24.11 13.88
CA ILE A 751 18.08 25.25 13.09
C ILE A 751 18.81 25.22 11.75
N LYS A 752 18.18 25.80 10.73
CA LYS A 752 18.77 25.91 9.41
C LYS A 752 19.45 27.28 9.28
N LEU A 753 20.71 27.27 8.86
CA LEU A 753 21.52 28.48 8.84
C LEU A 753 22.21 28.65 7.49
N LEU A 754 22.35 29.90 7.07
CA LEU A 754 23.06 30.29 5.86
C LEU A 754 24.23 31.16 6.29
N MET A 755 25.39 30.53 6.50
CA MET A 755 26.56 31.25 6.97
C MET A 755 27.36 31.81 5.81
N THR A 756 27.96 32.98 6.04
CA THR A 756 28.82 33.65 5.07
C THR A 756 30.22 33.72 5.68
N LEU A 757 31.01 32.66 5.42
CA LEU A 757 32.33 32.54 6.01
C LEU A 757 33.37 33.22 5.12
N THR A 758 34.25 34.00 5.74
CA THR A 758 35.31 34.71 5.03
C THR A 758 36.65 34.40 5.69
N HIS A 759 37.69 34.36 4.87
CA HIS A 759 39.03 34.09 5.36
C HIS A 759 40.00 35.11 4.78
N ASN A 760 40.78 35.74 5.65
CA ASN A 760 41.76 36.74 5.26
C ASN A 760 41.10 37.86 4.43
N ASN A 761 39.91 38.27 4.87
CA ASN A 761 39.13 39.31 4.19
C ASN A 761 38.80 38.91 2.74
N LYS A 762 38.69 37.62 2.49
CA LYS A 762 38.37 37.09 1.17
C LYS A 762 37.40 35.93 1.31
N PRO A 763 36.58 35.68 0.29
CA PRO A 763 35.65 34.56 0.37
C PRO A 763 36.37 33.22 0.30
N LEU A 764 35.75 32.21 0.89
CA LEU A 764 36.31 30.87 0.85
C LEU A 764 36.23 30.29 -0.56
N PRO A 765 37.12 29.36 -0.90
CA PRO A 765 37.08 28.76 -2.24
C PRO A 765 35.82 27.93 -2.45
N PHE A 766 35.53 27.68 -3.72
CA PHE A 766 34.34 26.94 -4.10
C PHE A 766 34.37 25.51 -3.56
N GLY A 767 33.25 25.07 -3.02
CA GLY A 767 33.10 23.69 -2.61
C GLY A 767 33.93 23.26 -1.42
N ALA A 768 34.26 24.19 -0.54
CA ALA A 768 35.00 23.83 0.66
C ALA A 768 34.09 23.06 1.62
N MET A 769 34.57 21.91 2.10
CA MET A 769 33.76 21.06 2.96
C MET A 769 33.72 21.61 4.37
N VAL A 770 32.51 21.86 4.88
CA VAL A 770 32.33 22.39 6.23
C VAL A 770 31.62 21.34 7.07
N THR A 771 32.19 21.03 8.24
CA THR A 771 31.63 20.04 9.15
C THR A 771 31.42 20.67 10.51
N SER A 772 30.23 20.46 11.08
CA SER A 772 29.94 20.92 12.43
C SER A 772 30.48 19.92 13.45
N GLU A 773 31.13 20.45 14.49
CA GLU A 773 31.66 19.61 15.55
C GLU A 773 30.60 19.13 16.53
N SER A 774 29.61 19.98 16.84
CA SER A 774 28.59 19.61 17.81
C SER A 774 27.73 18.46 17.31
N SER A 775 27.34 18.49 16.04
CA SER A 775 26.47 17.48 15.45
C SER A 775 27.19 16.77 14.31
N GLN A 776 26.45 15.93 13.59
CA GLN A 776 26.98 15.20 12.45
C GLN A 776 26.71 15.89 11.12
N SER A 777 26.15 17.10 11.15
CA SER A 777 25.81 17.80 9.92
C SER A 777 27.07 18.19 9.15
N SER A 778 26.93 18.27 7.82
CA SER A 778 28.02 18.64 6.94
C SER A 778 27.44 19.35 5.72
N GLY A 779 28.30 20.09 5.03
CA GLY A 779 27.85 20.84 3.88
C GLY A 779 29.01 21.22 2.97
N ILE A 780 28.64 21.73 1.80
CA ILE A 780 29.58 22.13 0.76
C ILE A 780 29.35 23.60 0.44
N VAL A 781 30.45 24.33 0.22
CA VAL A 781 30.34 25.76 -0.06
C VAL A 781 29.66 25.96 -1.41
N ALA A 782 28.61 26.79 -1.41
CA ALA A 782 27.83 27.01 -2.63
C ALA A 782 28.49 28.04 -3.55
N ASP A 783 28.61 29.28 -3.08
CA ASP A 783 29.17 30.36 -3.87
C ASP A 783 29.36 31.58 -2.97
N ASN A 784 30.39 32.37 -3.29
CA ASN A 784 30.68 33.62 -2.57
C ASN A 784 30.87 33.39 -1.07
N GLY A 785 31.40 32.23 -0.70
CA GLY A 785 31.61 31.91 0.69
C GLY A 785 30.37 31.49 1.45
N GLN A 786 29.24 31.31 0.76
CA GLN A 786 28.01 30.92 1.43
C GLN A 786 27.97 29.41 1.66
N VAL A 787 27.50 29.03 2.85
CA VAL A 787 27.37 27.63 3.23
C VAL A 787 26.01 27.43 3.89
N TYR A 788 25.33 26.36 3.52
CA TYR A 788 24.04 26.01 4.10
C TYR A 788 24.23 24.84 5.06
N LEU A 789 23.77 25.01 6.30
CA LEU A 789 23.86 23.96 7.30
C LEU A 789 22.50 23.72 7.93
N SER A 790 22.16 22.45 8.10
CA SER A 790 20.89 22.05 8.69
C SER A 790 21.13 21.30 9.99
N GLY A 791 20.19 21.42 10.91
CA GLY A 791 20.33 20.79 12.21
C GLY A 791 21.46 21.35 13.05
N MET A 792 21.66 22.67 13.02
CA MET A 792 22.72 23.31 13.79
C MET A 792 22.15 23.95 15.05
N PRO A 793 22.93 23.98 16.14
CA PRO A 793 22.45 24.61 17.38
C PRO A 793 22.45 26.12 17.28
N LEU A 794 21.97 26.79 18.35
CA LEU A 794 21.97 28.25 18.36
C LEU A 794 23.39 28.80 18.31
N ALA A 795 24.31 28.20 19.07
CA ALA A 795 25.70 28.60 19.07
C ALA A 795 26.58 27.36 18.98
N GLY A 796 27.69 27.49 18.27
CA GLY A 796 28.59 26.36 18.11
C GLY A 796 29.72 26.69 17.17
N LYS A 797 30.61 25.70 17.01
CA LYS A 797 31.80 25.83 16.20
C LYS A 797 31.77 24.84 15.04
N VAL A 798 32.41 25.23 13.94
CA VAL A 798 32.49 24.44 12.73
C VAL A 798 33.93 24.47 12.23
N GLN A 799 34.27 23.50 11.38
CA GLN A 799 35.58 23.41 10.77
C GLN A 799 35.41 23.23 9.26
N VAL A 800 36.07 24.07 8.48
CA VAL A 800 35.98 24.02 7.03
C VAL A 800 37.36 23.74 6.46
N LYS A 801 37.44 22.77 5.56
CA LYS A 801 38.67 22.36 4.93
C LYS A 801 38.42 22.08 3.45
N TRP A 802 39.43 22.35 2.62
CA TRP A 802 39.35 22.09 1.19
C TRP A 802 40.57 21.31 0.71
N GLY A 803 41.71 21.51 1.37
CA GLY A 803 42.93 20.84 0.97
C GLY A 803 43.62 20.11 2.10
N GLU A 804 44.95 20.04 2.03
CA GLU A 804 45.73 19.35 3.06
C GLU A 804 46.79 20.27 3.64
N ALA A 808 42.72 20.86 8.08
CA ALA A 808 41.76 21.84 8.60
C ALA A 808 42.32 23.24 8.49
N HIS A 809 41.81 24.01 7.52
CA HIS A 809 42.35 25.34 7.25
C HIS A 809 41.71 26.40 8.14
N CYS A 810 40.46 26.22 8.52
CA CYS A 810 39.74 27.13 9.41
C CYS A 810 39.10 26.35 10.54
N VAL A 811 38.95 27.05 11.67
CA VAL A 811 38.12 26.57 12.77
C VAL A 811 37.37 27.79 13.30
N ALA A 812 36.10 27.90 12.90
CA ALA A 812 35.31 29.09 13.17
C ALA A 812 34.26 28.78 14.22
N ASN A 813 33.76 29.85 14.86
CA ASN A 813 32.70 29.74 15.85
C ASN A 813 31.67 30.82 15.59
N TYR A 814 30.42 30.54 15.99
CA TYR A 814 29.33 31.47 15.76
C TYR A 814 28.30 31.32 16.87
N GLN A 815 27.92 32.44 17.47
CA GLN A 815 26.90 32.49 18.51
C GLN A 815 25.76 33.37 18.04
N LEU A 816 24.54 32.92 18.23
CA LEU A 816 23.34 33.62 17.78
C LEU A 816 22.44 33.97 18.97
N PRO A 817 21.59 34.99 18.81
CA PRO A 817 20.70 35.36 19.92
C PRO A 817 19.67 34.27 20.15
N PRO A 818 19.15 34.14 21.38
CA PRO A 818 18.14 33.11 21.65
C PRO A 818 16.86 33.29 20.86
N GLU A 819 16.56 34.50 20.40
CA GLU A 819 15.34 34.74 19.64
C GLU A 819 15.42 34.21 18.21
N SER A 820 16.60 33.78 17.76
CA SER A 820 16.75 33.29 16.39
C SER A 820 16.04 31.97 16.14
N GLN A 821 15.63 31.26 17.21
CA GLN A 821 14.93 29.99 17.02
C GLN A 821 13.58 30.18 16.34
N GLN A 822 12.92 31.32 16.57
CA GLN A 822 11.62 31.56 15.95
C GLN A 822 11.75 31.69 14.43
N GLN A 823 12.80 32.34 13.96
CA GLN A 823 12.98 32.53 12.52
C GLN A 823 13.21 31.20 11.83
N LEU A 824 12.57 31.05 10.65
CA LEU A 824 12.73 29.81 9.89
C LEU A 824 14.15 29.65 9.37
N LEU A 825 14.75 30.73 8.88
CA LEU A 825 16.10 30.70 8.35
C LEU A 825 16.94 31.79 9.01
N THR A 826 18.23 31.52 9.14
CA THR A 826 19.17 32.43 9.78
C THR A 826 20.35 32.70 8.86
N GLN A 827 20.69 33.97 8.69
CA GLN A 827 21.83 34.39 7.88
C GLN A 827 22.78 35.20 8.75
N LEU A 828 24.06 34.83 8.73
CA LEU A 828 25.08 35.52 9.50
C LEU A 828 26.44 35.25 8.88
N SER A 829 27.45 35.97 9.37
CA SER A 829 28.79 35.90 8.84
C SER A 829 29.80 35.64 9.96
N ALA A 830 30.86 34.91 9.63
CA ALA A 830 31.96 34.62 10.55
C ALA A 830 33.24 34.42 9.75
N GLU A 831 34.38 34.81 10.33
CA GLU A 831 35.67 34.62 9.69
C GLU A 831 36.39 33.38 10.23
N CYS A 832 37.68 33.26 9.88
CA CYS A 832 38.59 32.28 10.45
C CYS A 832 39.77 33.02 11.05
N ARG A 833 40.64 32.28 11.72
CA ARG A 833 41.94 32.81 12.12
C ARG A 833 42.92 32.63 10.97
N ALA B 1 -19.03 2.53 -2.30
CA ALA B 1 -17.78 3.26 -2.19
C ALA B 1 -17.23 3.19 -0.77
N ASP B 2 -16.76 2.00 -0.39
CA ASP B 2 -16.17 1.82 0.94
C ASP B 2 -14.92 2.68 1.12
N SER B 3 -14.07 2.73 0.10
CA SER B 3 -12.88 3.57 0.13
C SER B 3 -12.54 3.99 -1.29
N THR B 4 -12.00 5.20 -1.42
CA THR B 4 -11.66 5.77 -2.71
C THR B 4 -10.17 6.08 -2.74
N ILE B 5 -9.51 5.69 -3.83
CA ILE B 5 -8.08 5.88 -4.01
C ILE B 5 -7.88 6.94 -5.08
N THR B 6 -7.21 8.03 -4.71
CA THR B 6 -6.98 9.17 -5.59
C THR B 6 -5.54 9.11 -6.07
N ILE B 7 -5.34 8.51 -7.25
CA ILE B 7 -4.00 8.45 -7.84
C ILE B 7 -3.64 9.82 -8.41
N ARG B 8 -2.43 10.27 -8.12
CA ARG B 8 -2.00 11.60 -8.53
C ARG B 8 -0.51 11.55 -8.86
N GLY B 9 -0.05 12.55 -9.60
CA GLY B 9 1.35 12.63 -10.00
C GLY B 9 1.54 13.30 -11.34
N TYR B 10 2.51 14.19 -11.43
CA TYR B 10 2.71 14.96 -12.64
C TYR B 10 3.77 14.32 -13.53
N VAL B 11 3.65 14.57 -14.83
CA VAL B 11 4.63 14.18 -15.83
C VAL B 11 5.25 15.44 -16.41
N ARG B 12 6.58 15.48 -16.48
CA ARG B 12 7.31 16.67 -16.87
C ARG B 12 7.98 16.45 -18.22
N ASP B 13 7.94 17.50 -19.05
CA ASP B 13 8.59 17.45 -20.37
C ASP B 13 10.10 17.53 -20.19
N ASN B 14 10.78 16.44 -20.50
CA ASN B 14 12.23 16.38 -20.34
C ASN B 14 12.92 17.30 -21.36
N GLY B 15 14.07 17.82 -20.96
CA GLY B 15 14.85 18.69 -21.82
C GLY B 15 15.72 17.90 -22.77
N CYS B 16 16.57 18.62 -23.49
CA CYS B 16 17.46 18.03 -24.48
C CYS B 16 18.79 17.67 -23.83
N SER B 17 19.21 16.42 -24.02
CA SER B 17 20.49 15.95 -23.49
C SER B 17 21.57 16.18 -24.55
N VAL B 18 22.61 16.92 -24.18
CA VAL B 18 23.69 17.29 -25.10
C VAL B 18 25.01 16.80 -24.51
N ALA B 19 25.81 16.13 -25.33
CA ALA B 19 27.14 15.67 -24.95
C ALA B 19 28.14 16.21 -25.96
N ALA B 20 29.01 17.10 -25.51
CA ALA B 20 29.99 17.71 -26.41
C ALA B 20 31.04 16.68 -26.84
N GLU B 21 31.57 16.88 -28.04
CA GLU B 21 32.61 16.04 -28.59
C GLU B 21 33.96 16.73 -28.39
N SER B 22 34.88 16.04 -27.72
CA SER B 22 36.19 16.62 -27.44
C SER B 22 36.95 16.88 -28.75
N THR B 23 37.57 18.04 -28.85
CA THR B 23 38.34 18.43 -30.02
C THR B 23 39.82 18.19 -29.73
N ASN B 24 40.45 17.38 -30.57
CA ASN B 24 41.86 17.03 -30.41
C ASN B 24 42.71 17.82 -31.38
N PHE B 25 43.85 18.32 -30.90
CA PHE B 25 44.79 19.09 -31.71
C PHE B 25 45.96 18.21 -32.10
N THR B 26 46.21 18.13 -33.41
CA THR B 26 47.30 17.31 -33.93
C THR B 26 48.11 18.07 -34.98
N VAL B 27 48.15 19.41 -34.87
CA VAL B 27 48.93 20.20 -35.82
C VAL B 27 50.42 19.94 -35.66
N ASP B 28 50.86 19.72 -34.42
CA ASP B 28 52.27 19.46 -34.11
C ASP B 28 53.18 20.60 -34.55
N LEU B 29 52.65 21.83 -34.52
CA LEU B 29 53.39 23.03 -34.91
C LEU B 29 53.97 22.91 -36.32
N MET B 30 53.19 22.33 -37.23
CA MET B 30 53.64 22.19 -38.61
C MET B 30 53.39 23.47 -39.41
N GLU B 31 52.11 23.87 -39.52
CA GLU B 31 51.78 25.07 -40.28
C GLU B 31 52.10 26.34 -39.49
N ASN B 32 51.92 26.30 -38.17
CA ASN B 32 52.15 27.49 -37.36
C ASN B 32 53.61 27.92 -37.40
N ALA B 33 54.54 26.96 -37.31
CA ALA B 33 55.96 27.31 -37.35
C ALA B 33 56.36 27.83 -38.72
N ALA B 34 55.81 27.25 -39.79
CA ALA B 34 56.16 27.68 -41.13
C ALA B 34 55.76 29.14 -41.38
N LYS B 35 54.56 29.52 -40.93
CA LYS B 35 54.11 30.89 -41.12
C LYS B 35 55.00 31.87 -40.35
N GLN B 36 55.05 31.74 -39.03
CA GLN B 36 55.88 32.59 -38.16
C GLN B 36 55.56 34.07 -38.34
N PHE B 37 54.31 34.39 -38.64
CA PHE B 37 53.86 35.76 -38.80
C PHE B 37 52.89 36.21 -37.72
N ASN B 38 51.95 35.35 -37.33
CA ASN B 38 50.98 35.60 -36.28
C ASN B 38 50.10 36.82 -36.58
N ASN B 39 50.04 37.25 -37.83
CA ASN B 39 49.15 38.35 -38.19
C ASN B 39 47.69 37.93 -38.18
N ILE B 40 47.39 36.78 -38.78
CA ILE B 40 46.03 36.24 -38.80
C ILE B 40 46.05 34.81 -38.29
N GLY B 41 47.04 34.48 -37.46
CA GLY B 41 47.17 33.12 -37.00
C GLY B 41 47.65 32.20 -38.10
N ALA B 42 47.34 30.91 -37.97
CA ALA B 42 47.75 29.96 -38.99
C ALA B 42 46.66 28.95 -39.35
N THR B 43 45.46 29.08 -38.79
CA THR B 43 44.34 28.16 -39.07
C THR B 43 44.71 26.72 -38.76
N THR B 44 45.60 26.53 -37.78
CA THR B 44 46.03 25.19 -37.37
C THR B 44 44.95 24.55 -36.50
N PRO B 45 44.38 25.30 -35.56
CA PRO B 45 43.31 24.74 -34.71
C PRO B 45 41.95 24.78 -35.39
N VAL B 46 41.85 24.07 -36.51
CA VAL B 46 40.63 24.00 -37.31
C VAL B 46 40.03 22.62 -37.16
N VAL B 47 38.77 22.54 -36.74
CA VAL B 47 38.09 21.28 -36.55
C VAL B 47 36.58 21.50 -36.64
N PRO B 48 35.81 20.53 -37.14
CA PRO B 48 34.34 20.61 -37.15
C PRO B 48 33.72 20.03 -35.89
N PHE B 49 33.73 20.83 -34.82
CA PHE B 49 33.22 20.37 -33.54
C PHE B 49 31.72 20.14 -33.63
N ARG B 50 31.26 18.98 -33.15
CA ARG B 50 29.87 18.57 -33.27
C ARG B 50 29.26 18.38 -31.88
N ILE B 51 28.06 18.91 -31.71
CA ILE B 51 27.29 18.74 -30.48
C ILE B 51 25.99 18.02 -30.84
N LEU B 52 25.71 16.92 -30.16
CA LEU B 52 24.57 16.08 -30.46
C LEU B 52 23.49 16.29 -29.42
N LEU B 53 22.28 16.65 -29.88
CA LEU B 53 21.12 16.82 -29.03
C LEU B 53 20.18 15.65 -29.30
N SER B 54 20.17 14.68 -28.39
CA SER B 54 19.29 13.52 -28.42
C SER B 54 19.39 12.75 -27.12
N PRO B 55 18.29 12.20 -26.60
CA PRO B 55 16.92 12.35 -27.11
C PRO B 55 16.25 13.61 -26.57
N CYS B 56 15.73 14.47 -27.44
CA CYS B 56 15.12 15.71 -26.99
C CYS B 56 13.70 15.45 -26.49
N GLY B 57 13.05 16.51 -26.01
CA GLY B 57 11.71 16.42 -25.47
C GLY B 57 10.64 16.56 -26.54
N ASN B 58 9.43 16.86 -26.09
CA ASN B 58 8.29 17.00 -26.98
C ASN B 58 7.90 18.45 -27.23
N ALA B 59 8.24 19.37 -26.33
CA ALA B 59 7.86 20.77 -26.46
C ALA B 59 9.05 21.69 -26.69
N VAL B 60 10.27 21.15 -26.75
CA VAL B 60 11.45 21.98 -26.99
C VAL B 60 11.45 22.41 -28.44
N SER B 61 11.15 23.69 -28.69
CA SER B 61 11.05 24.22 -30.05
C SER B 61 12.31 24.97 -30.46
N ALA B 62 12.69 25.99 -29.70
CA ALA B 62 13.83 26.83 -30.03
C ALA B 62 14.69 27.05 -28.79
N VAL B 63 16.01 26.99 -28.99
CA VAL B 63 16.98 27.23 -27.92
C VAL B 63 18.00 28.24 -28.41
N LYS B 64 18.66 28.88 -27.45
CA LYS B 64 19.71 29.86 -27.74
C LYS B 64 21.06 29.24 -27.45
N VAL B 65 21.96 29.32 -28.42
CA VAL B 65 23.31 28.77 -28.31
C VAL B 65 24.29 29.93 -28.24
N GLY B 66 25.02 30.03 -27.13
CA GLY B 66 26.04 31.04 -26.96
C GLY B 66 27.36 30.42 -26.54
N PHE B 67 28.42 31.23 -26.62
CA PHE B 67 29.76 30.78 -26.25
C PHE B 67 30.36 31.74 -25.26
N THR B 68 31.21 31.21 -24.37
CA THR B 68 31.92 32.04 -23.40
C THR B 68 33.17 31.31 -22.96
N GLY B 69 34.12 32.08 -22.44
CA GLY B 69 35.39 31.53 -22.00
C GLY B 69 36.38 32.63 -21.71
N VAL B 70 37.65 32.25 -21.67
CA VAL B 70 38.73 33.21 -21.40
C VAL B 70 39.05 33.94 -22.70
N ALA B 71 38.88 35.27 -22.69
CA ALA B 71 39.14 36.08 -23.86
C ALA B 71 40.63 36.38 -23.98
N ASP B 72 41.15 36.27 -25.20
CA ASP B 72 42.56 36.53 -25.44
C ASP B 72 42.87 38.02 -25.26
N SER B 73 43.99 38.31 -24.60
CA SER B 73 44.41 39.69 -24.43
C SER B 73 44.77 40.33 -25.77
N HIS B 74 45.44 39.58 -26.64
CA HIS B 74 45.85 40.12 -27.94
C HIS B 74 44.65 40.41 -28.83
N ASN B 75 43.73 39.46 -28.93
CA ASN B 75 42.54 39.61 -29.77
C ASN B 75 41.30 39.37 -28.91
N ALA B 76 40.40 40.36 -28.88
CA ALA B 76 39.19 40.25 -28.09
C ALA B 76 38.18 39.29 -28.70
N ASN B 77 38.30 38.97 -29.99
CA ASN B 77 37.38 38.08 -30.67
C ASN B 77 37.83 36.62 -30.67
N LEU B 78 38.96 36.31 -30.01
CA LEU B 78 39.49 34.95 -29.98
C LEU B 78 39.69 34.52 -28.53
N LEU B 79 39.61 33.21 -28.31
CA LEU B 79 39.81 32.63 -26.98
C LEU B 79 41.24 32.13 -26.86
N ALA B 80 41.96 32.67 -25.87
CA ALA B 80 43.34 32.27 -25.66
C ALA B 80 43.43 30.89 -25.02
N LEU B 81 44.56 30.23 -25.26
CA LEU B 81 44.82 28.94 -24.64
C LEU B 81 45.24 29.11 -23.19
N GLU B 82 45.13 28.03 -22.42
CA GLU B 82 45.52 28.07 -21.02
C GLU B 82 47.02 28.30 -20.89
N ASN B 83 47.39 29.17 -19.95
CA ASN B 83 48.79 29.50 -19.74
C ASN B 83 49.53 28.29 -19.16
N THR B 84 50.66 27.96 -19.76
CA THR B 84 51.46 26.82 -19.33
C THR B 84 52.88 27.00 -19.83
N VAL B 85 53.79 26.19 -19.29
CA VAL B 85 55.18 26.23 -19.72
C VAL B 85 55.29 25.82 -21.18
N SER B 86 54.57 24.78 -21.58
CA SER B 86 54.57 24.29 -22.96
C SER B 86 53.50 24.94 -23.82
N ALA B 87 52.78 25.93 -23.30
CA ALA B 87 51.74 26.59 -24.06
C ALA B 87 52.32 27.32 -25.26
N ALA B 88 51.64 27.24 -26.39
CA ALA B 88 52.09 27.87 -27.63
C ALA B 88 51.67 29.33 -27.63
N SER B 89 52.65 30.22 -27.50
CA SER B 89 52.37 31.66 -27.56
C SER B 89 51.94 32.05 -28.97
N GLY B 90 51.12 33.10 -29.04
CA GLY B 90 50.61 33.57 -30.32
C GLY B 90 49.70 32.56 -31.01
N LEU B 91 48.76 31.99 -30.25
CA LEU B 91 47.79 31.06 -30.80
C LEU B 91 46.54 31.08 -29.94
N GLY B 92 45.39 31.23 -30.60
CA GLY B 92 44.13 31.18 -29.91
C GLY B 92 43.06 30.57 -30.79
N ILE B 93 42.02 30.07 -30.15
CA ILE B 93 40.95 29.36 -30.84
C ILE B 93 39.79 30.30 -31.10
N GLN B 94 39.29 30.29 -32.34
CA GLN B 94 38.12 31.04 -32.72
C GLN B 94 37.11 30.09 -33.33
N LEU B 95 35.82 30.42 -33.18
CA LEU B 95 34.74 29.55 -33.61
C LEU B 95 33.82 30.28 -34.58
N LEU B 96 33.24 29.51 -35.51
CA LEU B 96 32.30 30.04 -36.47
C LEU B 96 31.22 29.00 -36.72
N ASN B 97 30.06 29.49 -37.18
CA ASN B 97 28.92 28.62 -37.42
C ASN B 97 29.10 27.89 -38.75
N GLU B 98 28.04 27.19 -39.18
CA GLU B 98 28.11 26.49 -40.46
C GLU B 98 28.25 27.44 -41.63
N GLN B 99 27.78 28.67 -41.48
CA GLN B 99 27.89 29.70 -42.51
C GLN B 99 29.23 30.44 -42.47
N GLN B 100 30.21 29.91 -41.73
CA GLN B 100 31.53 30.53 -41.60
C GLN B 100 31.44 31.95 -41.08
N ASN B 101 30.56 32.16 -40.11
CA ASN B 101 30.39 33.45 -39.46
C ASN B 101 30.88 33.35 -38.02
N GLN B 102 31.84 34.20 -37.65
CA GLN B 102 32.42 34.13 -36.32
C GLN B 102 31.39 34.43 -35.25
N ILE B 103 31.38 33.61 -34.20
CA ILE B 103 30.46 33.77 -33.08
C ILE B 103 31.22 34.49 -31.96
N PRO B 104 30.78 35.67 -31.53
CA PRO B 104 31.49 36.36 -30.45
C PRO B 104 31.49 35.56 -29.16
N LEU B 105 32.59 35.63 -28.43
CA LEU B 105 32.74 34.92 -27.18
C LEU B 105 32.28 35.79 -26.01
N ASN B 106 31.60 35.14 -25.04
CA ASN B 106 31.06 35.82 -23.87
C ASN B 106 30.12 36.97 -24.27
N ALA B 107 29.33 36.73 -25.32
CA ALA B 107 28.39 37.72 -25.80
C ALA B 107 27.18 37.83 -24.89
N PRO B 108 26.46 38.95 -24.95
CA PRO B 108 25.25 39.08 -24.13
C PRO B 108 24.17 38.12 -24.57
N SER B 109 23.26 37.83 -23.63
CA SER B 109 22.18 36.89 -23.91
C SER B 109 21.28 37.39 -25.04
N SER B 110 20.95 38.68 -25.03
CA SER B 110 20.11 39.24 -26.08
C SER B 110 20.82 39.29 -27.43
N ALA B 111 22.16 39.29 -27.43
CA ALA B 111 22.89 39.35 -28.69
C ALA B 111 22.66 38.10 -29.53
N LEU B 112 22.64 36.92 -28.90
CA LEU B 112 22.47 35.68 -29.63
C LEU B 112 21.07 35.57 -30.22
N SER B 113 20.96 34.86 -31.34
CA SER B 113 19.71 34.67 -32.04
C SER B 113 19.18 33.26 -31.80
N TRP B 114 17.86 33.12 -31.87
CA TRP B 114 17.22 31.84 -31.64
C TRP B 114 17.59 30.85 -32.74
N THR B 115 17.80 29.59 -32.35
CA THR B 115 18.13 28.52 -33.27
C THR B 115 17.00 27.49 -33.25
N THR B 116 16.48 27.17 -34.44
CA THR B 116 15.39 26.22 -34.53
C THR B 116 15.86 24.80 -34.21
N LEU B 117 14.91 23.97 -33.78
CA LEU B 117 15.21 22.60 -33.39
C LEU B 117 14.06 21.70 -33.83
N THR B 118 14.39 20.58 -34.44
CA THR B 118 13.37 19.62 -34.87
C THR B 118 12.84 18.88 -33.65
N PRO B 119 11.54 18.95 -33.37
CA PRO B 119 11.01 18.28 -32.17
C PRO B 119 10.95 16.77 -32.35
N GLY B 120 11.35 16.07 -31.30
CA GLY B 120 11.20 14.63 -31.23
C GLY B 120 12.19 13.82 -32.05
N LYS B 121 13.20 14.46 -32.64
CA LYS B 121 14.16 13.74 -33.45
C LYS B 121 15.58 14.13 -33.06
N PRO B 122 16.55 13.23 -33.22
CA PRO B 122 17.94 13.57 -32.93
C PRO B 122 18.43 14.70 -33.83
N ASN B 123 19.30 15.54 -33.27
CA ASN B 123 19.88 16.64 -34.04
C ASN B 123 21.36 16.76 -33.74
N THR B 124 22.09 17.35 -34.68
CA THR B 124 23.52 17.58 -34.53
C THR B 124 23.88 18.96 -35.06
N LEU B 125 24.65 19.71 -34.28
CA LEU B 125 25.10 21.04 -34.66
C LEU B 125 26.61 21.02 -34.85
N ASN B 126 27.07 21.46 -36.01
CA ASN B 126 28.48 21.45 -36.36
C ASN B 126 28.99 22.88 -36.48
N PHE B 127 30.09 23.18 -35.80
CA PHE B 127 30.71 24.50 -35.82
C PHE B 127 32.19 24.36 -36.14
N TYR B 128 32.68 25.24 -37.01
CA TYR B 128 34.07 25.19 -37.45
C TYR B 128 34.96 25.96 -36.48
N ALA B 129 36.20 25.49 -36.36
CA ALA B 129 37.20 26.13 -35.52
C ALA B 129 38.30 26.71 -36.41
N ARG B 130 39.08 27.62 -35.83
CA ARG B 130 40.19 28.25 -36.54
C ARG B 130 41.19 28.77 -35.53
N LEU B 131 42.40 29.07 -36.01
CA LEU B 131 43.49 29.58 -35.18
C LEU B 131 43.74 31.04 -35.54
N MET B 132 43.94 31.86 -34.50
CA MET B 132 44.15 33.29 -34.67
C MET B 132 45.29 33.76 -33.79
N ALA B 133 45.91 34.87 -34.18
CA ALA B 133 46.97 35.48 -33.39
C ALA B 133 47.10 36.94 -33.81
N THR B 134 47.69 37.74 -32.92
CA THR B 134 47.93 39.15 -33.21
C THR B 134 49.41 39.50 -33.29
N GLN B 135 50.18 39.26 -32.23
CA GLN B 135 51.61 39.54 -32.26
C GLN B 135 52.29 38.73 -31.15
N VAL B 136 52.90 37.61 -31.52
CA VAL B 136 53.67 36.77 -30.61
C VAL B 136 54.33 35.65 -31.40
N PRO B 137 55.45 35.10 -30.92
CA PRO B 137 56.09 33.98 -31.62
C PRO B 137 55.52 32.63 -31.19
N VAL B 138 55.57 31.69 -32.13
CA VAL B 138 55.04 30.35 -31.85
C VAL B 138 56.01 29.61 -30.93
N THR B 139 55.47 29.02 -29.87
CA THR B 139 56.26 28.27 -28.91
C THR B 139 55.99 26.78 -28.94
N ALA B 140 55.10 26.32 -29.82
CA ALA B 140 54.77 24.90 -29.96
C ALA B 140 54.34 24.29 -28.63
N GLY B 141 54.69 23.02 -28.40
CA GLY B 141 54.33 22.36 -27.17
C GLY B 141 52.84 22.04 -27.10
N HIS B 142 52.38 21.77 -25.89
CA HIS B 142 51.00 21.42 -25.66
C HIS B 142 50.12 22.67 -25.72
N ILE B 143 48.84 22.45 -26.06
CA ILE B 143 47.85 23.53 -26.14
C ILE B 143 46.62 23.10 -25.38
N ASN B 144 46.23 23.88 -24.38
CA ASN B 144 45.05 23.61 -23.57
C ASN B 144 44.08 24.79 -23.69
N ALA B 145 42.84 24.49 -24.08
CA ALA B 145 41.82 25.52 -24.26
C ALA B 145 40.57 25.12 -23.47
N THR B 146 40.01 26.08 -22.74
CA THR B 146 38.81 25.86 -21.95
C THR B 146 37.74 26.87 -22.35
N ALA B 147 36.57 26.37 -22.71
CA ALA B 147 35.45 27.21 -23.07
C ALA B 147 34.15 26.46 -22.79
N THR B 148 33.06 27.21 -22.66
CA THR B 148 31.76 26.64 -22.37
C THR B 148 30.71 27.29 -23.25
N PHE B 149 29.80 26.47 -23.78
CA PHE B 149 28.70 26.95 -24.59
C PHE B 149 27.39 26.83 -23.82
N THR B 150 26.63 27.92 -23.77
CA THR B 150 25.39 27.99 -23.02
C THR B 150 24.22 27.63 -23.93
N LEU B 151 23.36 26.75 -23.43
CA LEU B 151 22.15 26.31 -24.13
C LEU B 151 20.94 26.83 -23.34
N GLU B 152 20.52 28.06 -23.65
CA GLU B 152 19.39 28.67 -22.97
C GLU B 152 18.09 28.12 -23.55
N TYR B 153 17.26 27.56 -22.68
CA TYR B 153 16.00 26.97 -23.11
C TYR B 153 14.93 28.05 -23.27
N GLN B 154 13.79 27.64 -23.83
CA GLN B 154 12.66 28.54 -24.02
C GLN B 154 12.14 29.06 -22.69
N GLY C 1 24.57 14.05 -22.79
CA GLY C 1 25.31 14.15 -21.54
C GLY C 1 24.41 14.27 -20.33
N VAL C 2 24.09 15.51 -19.96
CA VAL C 2 23.23 15.79 -18.82
C VAL C 2 21.88 16.26 -19.34
N ALA C 3 20.80 15.62 -18.88
CA ALA C 3 19.44 15.96 -19.27
C ALA C 3 18.70 16.49 -18.05
N LEU C 4 18.11 17.67 -18.19
CA LEU C 4 17.36 18.28 -17.11
C LEU C 4 15.95 17.72 -17.06
N GLY C 5 15.41 17.56 -15.84
CA GLY C 5 14.11 16.95 -15.68
C GLY C 5 13.00 17.78 -16.30
N ALA C 6 13.02 19.10 -16.07
CA ALA C 6 11.99 19.99 -16.59
C ALA C 6 12.65 21.25 -17.14
N THR C 7 12.14 21.73 -18.28
CA THR C 7 12.63 22.98 -18.83
C THR C 7 12.28 24.16 -17.93
N ARG C 8 11.09 24.15 -17.32
CA ARG C 8 10.65 25.20 -16.42
C ARG C 8 10.47 24.62 -15.03
N VAL C 9 11.04 25.30 -14.04
CA VAL C 9 10.86 24.95 -12.63
C VAL C 9 10.16 26.10 -11.94
N ILE C 10 9.09 25.80 -11.22
CA ILE C 10 8.25 26.82 -10.58
C ILE C 10 8.49 26.77 -9.08
N TYR C 11 8.24 27.91 -8.44
CA TYR C 11 8.41 28.04 -6.99
C TYR C 11 7.27 28.86 -6.41
N PRO C 12 6.30 28.22 -5.75
CA PRO C 12 5.21 28.98 -5.12
C PRO C 12 5.65 29.53 -3.77
N ALA C 13 5.18 30.73 -3.46
CA ALA C 13 5.52 31.36 -2.20
C ALA C 13 4.95 30.59 -1.02
N GLY C 14 5.74 30.48 0.05
CA GLY C 14 5.35 29.78 1.24
C GLY C 14 5.82 28.34 1.31
N GLN C 15 6.20 27.75 0.18
CA GLN C 15 6.73 26.39 0.20
C GLN C 15 8.21 26.41 0.62
N LYS C 16 8.70 25.24 1.01
CA LYS C 16 10.06 25.14 1.53
C LYS C 16 11.08 24.87 0.42
N GLN C 17 10.92 23.76 -0.30
CA GLN C 17 11.89 23.34 -1.29
C GLN C 17 11.16 22.88 -2.55
N VAL C 18 11.89 22.87 -3.67
CA VAL C 18 11.40 22.28 -4.91
C VAL C 18 12.48 21.34 -5.44
N GLN C 19 12.06 20.36 -6.22
CA GLN C 19 12.95 19.31 -6.71
C GLN C 19 13.10 19.39 -8.22
N LEU C 20 14.32 19.09 -8.70
CA LEU C 20 14.62 19.12 -10.13
C LEU C 20 15.43 17.87 -10.47
N ALA C 21 14.96 17.10 -11.45
CA ALA C 21 15.63 15.87 -11.83
C ALA C 21 16.77 16.14 -12.81
N VAL C 22 17.87 15.43 -12.63
CA VAL C 22 19.02 15.49 -13.54
C VAL C 22 19.43 14.07 -13.86
N THR C 23 19.50 13.74 -15.14
CA THR C 23 19.82 12.40 -15.59
C THR C 23 21.07 12.42 -16.46
N ASN C 24 21.77 11.29 -16.49
CA ASN C 24 22.96 11.12 -17.32
C ASN C 24 22.72 10.00 -18.32
N ASN C 25 23.28 10.17 -19.52
CA ASN C 25 23.16 9.18 -20.59
C ASN C 25 24.48 8.56 -20.99
N ASP C 26 25.59 9.30 -20.92
CA ASP C 26 26.91 8.78 -21.29
C ASP C 26 27.45 7.98 -20.11
N GLU C 27 27.04 6.71 -20.06
CA GLU C 27 27.48 5.82 -18.98
C GLU C 27 28.98 5.52 -19.06
N ASN C 28 29.60 5.71 -20.22
CA ASN C 28 31.03 5.44 -20.36
C ASN C 28 31.89 6.58 -19.84
N SER C 29 31.30 7.70 -19.45
CA SER C 29 32.04 8.86 -18.95
C SER C 29 31.47 9.32 -17.63
N THR C 30 32.25 10.13 -16.92
CA THR C 30 31.86 10.68 -15.63
C THR C 30 31.71 12.19 -15.76
N TYR C 31 30.58 12.72 -15.28
CA TYR C 31 30.25 14.13 -15.41
C TYR C 31 30.07 14.74 -14.03
N LEU C 32 30.71 15.88 -13.78
CA LEU C 32 30.51 16.59 -12.53
C LEU C 32 29.61 17.79 -12.80
N ILE C 33 28.58 17.96 -11.97
CA ILE C 33 27.60 19.01 -12.17
C ILE C 33 27.64 19.94 -10.97
N GLN C 34 27.66 21.24 -11.26
CA GLN C 34 27.56 22.30 -10.26
C GLN C 34 26.37 23.17 -10.61
N SER C 35 25.59 23.58 -9.61
CA SER C 35 24.38 24.33 -9.84
C SER C 35 24.41 25.65 -9.11
N TRP C 36 23.88 26.70 -9.75
CA TRP C 36 23.82 28.00 -9.10
C TRP C 36 22.66 28.80 -9.65
N VAL C 37 22.09 29.63 -8.80
CA VAL C 37 20.99 30.52 -9.16
C VAL C 37 21.55 31.92 -9.39
N GLU C 38 20.95 32.64 -10.34
CA GLU C 38 21.47 33.91 -10.80
C GLU C 38 20.31 34.87 -11.00
N ASN C 39 20.55 36.14 -10.68
CA ASN C 39 19.54 37.17 -10.85
C ASN C 39 19.38 37.49 -12.34
N ALA C 40 18.26 38.14 -12.66
CA ALA C 40 17.99 38.50 -14.05
C ALA C 40 19.03 39.46 -14.60
N ASP C 41 19.50 40.39 -13.76
CA ASP C 41 20.49 41.36 -14.18
C ASP C 41 21.85 40.75 -14.48
N GLY C 42 22.08 39.50 -14.09
CA GLY C 42 23.33 38.82 -14.35
C GLY C 42 24.22 38.64 -13.14
N VAL C 43 23.91 39.30 -12.02
CA VAL C 43 24.73 39.16 -10.82
C VAL C 43 24.46 37.80 -10.17
N LYS C 44 25.44 37.33 -9.41
CA LYS C 44 25.34 36.05 -8.71
C LYS C 44 24.76 36.23 -7.30
N ASP C 45 23.53 36.74 -7.23
CA ASP C 45 22.88 36.96 -5.95
C ASP C 45 22.54 35.62 -5.31
N GLY C 46 22.86 35.47 -4.02
CA GLY C 46 22.61 34.23 -3.31
C GLY C 46 21.24 34.18 -2.66
N ARG C 47 20.23 34.72 -3.33
CA ARG C 47 18.87 34.70 -2.79
C ARG C 47 18.26 33.30 -2.81
N PHE C 48 18.80 32.39 -3.61
CA PHE C 48 18.35 31.01 -3.66
C PHE C 48 19.54 30.09 -3.39
N ILE C 49 19.26 28.96 -2.74
CA ILE C 49 20.30 28.04 -2.28
C ILE C 49 20.04 26.66 -2.86
N VAL C 50 21.09 26.05 -3.41
CA VAL C 50 21.05 24.67 -3.88
C VAL C 50 21.80 23.81 -2.87
N THR C 51 21.10 22.82 -2.29
CA THR C 51 21.72 22.01 -1.25
C THR C 51 22.91 21.19 -1.74
N PRO C 52 22.85 20.50 -2.88
CA PRO C 52 24.07 19.89 -3.45
C PRO C 52 24.70 20.80 -4.49
N PRO C 53 25.39 21.87 -4.10
CA PRO C 53 25.85 22.86 -5.09
C PRO C 53 26.88 22.32 -6.06
N LEU C 54 27.54 21.20 -5.77
CA LEU C 54 28.57 20.66 -6.63
C LEU C 54 28.84 19.21 -6.30
N PHE C 55 28.66 18.31 -7.28
CA PHE C 55 29.01 16.91 -7.05
C PHE C 55 29.13 16.20 -8.39
N ALA C 56 29.83 15.07 -8.37
CA ALA C 56 30.08 14.29 -9.58
C ALA C 56 29.07 13.16 -9.71
N MET C 57 29.04 12.56 -10.89
CA MET C 57 28.15 11.47 -11.24
C MET C 57 28.84 10.53 -12.21
N LYS C 58 28.68 9.23 -11.97
CA LYS C 58 29.29 8.20 -12.78
C LYS C 58 28.21 7.26 -13.31
N GLY C 59 28.51 6.62 -14.42
CA GLY C 59 27.54 5.73 -15.03
C GLY C 59 26.37 6.52 -15.59
N LYS C 60 25.15 6.04 -15.32
CA LYS C 60 23.93 6.67 -15.81
C LYS C 60 22.81 6.41 -14.81
N LYS C 61 22.56 7.38 -13.94
CA LYS C 61 21.45 7.31 -13.01
C LYS C 61 21.04 8.73 -12.63
N GLU C 62 19.82 8.85 -12.10
CA GLU C 62 19.17 10.14 -11.92
C GLU C 62 19.36 10.65 -10.49
N ASN C 63 19.58 11.96 -10.36
CA ASN C 63 19.70 12.64 -9.09
C ASN C 63 18.65 13.75 -9.01
N THR C 64 18.38 14.19 -7.79
CA THR C 64 17.35 15.19 -7.52
C THR C 64 18.00 16.39 -6.83
N LEU C 65 18.23 17.46 -7.58
CA LEU C 65 18.68 18.72 -7.00
C LEU C 65 17.52 19.39 -6.28
N ARG C 66 17.87 20.13 -5.22
CA ARG C 66 16.88 20.76 -4.35
C ARG C 66 17.10 22.26 -4.31
N ILE C 67 15.99 23.01 -4.33
CA ILE C 67 16.03 24.47 -4.27
C ILE C 67 15.29 24.92 -3.01
N LEU C 68 15.96 25.74 -2.21
CA LEU C 68 15.42 26.27 -0.96
C LEU C 68 14.81 27.64 -1.20
N ASP C 69 14.41 28.30 -0.11
CA ASP C 69 13.85 29.65 -0.17
C ASP C 69 14.58 30.50 0.86
N ALA C 70 15.33 31.50 0.39
CA ALA C 70 16.12 32.37 1.25
C ALA C 70 15.86 33.84 0.90
N THR C 71 14.63 34.16 0.50
CA THR C 71 14.28 35.53 0.15
C THR C 71 13.81 36.34 1.35
N ASN C 72 13.43 35.69 2.45
CA ASN C 72 12.96 36.36 3.66
C ASN C 72 11.77 37.28 3.38
N ASN C 73 10.95 36.91 2.39
CA ASN C 73 9.79 37.69 1.98
C ASN C 73 10.18 39.13 1.63
N GLN C 74 11.31 39.28 0.95
CA GLN C 74 11.81 40.58 0.52
C GLN C 74 11.62 40.79 -0.98
N LEU C 75 10.55 40.25 -1.55
CA LEU C 75 10.26 40.36 -2.97
C LEU C 75 8.85 40.90 -3.16
N PRO C 76 8.59 41.57 -4.28
CA PRO C 76 7.23 42.09 -4.53
C PRO C 76 6.20 40.97 -4.57
N GLN C 77 5.02 41.25 -4.03
CA GLN C 77 3.94 40.28 -3.95
C GLN C 77 2.94 40.39 -5.09
N ASP C 78 3.02 41.45 -5.89
CA ASP C 78 2.12 41.63 -7.02
C ASP C 78 2.68 41.10 -8.33
N ARG C 79 3.88 40.53 -8.32
CA ARG C 79 4.53 40.06 -9.53
C ARG C 79 5.37 38.84 -9.21
N GLU C 80 5.57 38.00 -10.22
CA GLU C 80 6.39 36.80 -10.08
C GLU C 80 7.81 37.11 -10.55
N SER C 81 8.79 36.94 -9.67
CA SER C 81 10.17 37.26 -10.01
C SER C 81 10.74 36.20 -10.94
N LEU C 82 11.78 36.60 -11.68
CA LEU C 82 12.44 35.73 -12.65
C LEU C 82 13.89 35.54 -12.26
N PHE C 83 14.36 34.30 -12.30
CA PHE C 83 15.76 33.99 -12.03
C PHE C 83 16.23 32.95 -13.02
N TRP C 84 17.55 32.80 -13.13
CA TRP C 84 18.16 31.84 -14.04
C TRP C 84 18.86 30.76 -13.22
N MET C 85 18.44 29.52 -13.40
CA MET C 85 19.10 28.38 -12.78
C MET C 85 20.08 27.78 -13.78
N ASN C 86 21.36 27.75 -13.42
CA ASN C 86 22.42 27.29 -14.30
C ASN C 86 23.01 26.01 -13.74
N VAL C 87 23.12 25.00 -14.60
CA VAL C 87 23.75 23.73 -14.27
C VAL C 87 24.93 23.54 -15.20
N LYS C 88 26.13 23.53 -14.65
CA LYS C 88 27.37 23.40 -15.40
C LYS C 88 27.90 21.97 -15.25
N ALA C 89 28.12 21.31 -16.39
CA ALA C 89 28.62 19.94 -16.43
C ALA C 89 30.03 19.95 -16.99
N ILE C 90 30.96 19.35 -16.24
CA ILE C 90 32.36 19.25 -16.63
C ILE C 90 32.68 17.78 -16.85
N PRO C 91 33.32 17.41 -17.96
CA PRO C 91 33.64 16.01 -18.22
C PRO C 91 34.98 15.61 -17.60
N SER C 92 35.30 14.33 -17.77
CA SER C 92 36.57 13.76 -17.32
C SER C 92 37.46 13.47 -18.52
N MET C 93 38.73 13.18 -18.23
CA MET C 93 39.69 12.87 -19.27
C MET C 93 40.69 11.84 -18.72
N ASP C 94 41.21 11.02 -19.62
CA ASP C 94 42.19 10.02 -19.23
C ASP C 94 43.50 10.68 -18.82
N LYS C 95 44.13 10.13 -17.78
CA LYS C 95 45.40 10.69 -17.31
C LYS C 95 46.48 10.55 -18.38
N SER C 96 46.55 9.39 -19.04
CA SER C 96 47.53 9.21 -20.10
C SER C 96 47.24 10.10 -21.30
N LYS C 97 45.96 10.25 -21.65
CA LYS C 97 45.57 11.06 -22.80
C LYS C 97 45.73 12.55 -22.55
N LEU C 98 45.95 12.97 -21.30
CA LEU C 98 46.10 14.38 -20.99
C LEU C 98 47.38 14.97 -21.58
N THR C 99 48.37 14.13 -21.91
CA THR C 99 49.60 14.64 -22.49
C THR C 99 49.35 15.26 -23.87
N GLU C 100 48.51 14.62 -24.67
CA GLU C 100 48.20 15.13 -26.00
C GLU C 100 47.43 16.44 -25.91
N ASN C 101 47.76 17.37 -26.80
CA ASN C 101 47.09 18.67 -26.81
C ASN C 101 45.69 18.53 -27.38
N THR C 102 44.71 19.06 -26.66
CA THR C 102 43.32 18.97 -27.08
C THR C 102 42.53 20.07 -26.38
N LEU C 103 41.36 20.39 -26.96
CA LEU C 103 40.45 21.37 -26.41
C LEU C 103 39.12 20.69 -26.13
N GLN C 104 38.62 20.83 -24.91
CA GLN C 104 37.37 20.21 -24.49
C GLN C 104 36.39 21.29 -24.05
N LEU C 105 35.14 21.13 -24.47
CA LEU C 105 34.08 22.07 -24.13
C LEU C 105 33.37 21.63 -22.84
N ALA C 106 32.54 22.54 -22.33
CA ALA C 106 31.79 22.28 -21.10
C ALA C 106 30.30 22.44 -21.38
N ILE C 107 29.49 21.66 -20.68
CA ILE C 107 28.04 21.67 -20.83
C ILE C 107 27.45 22.53 -19.73
N ILE C 108 26.80 23.62 -20.11
CA ILE C 108 26.09 24.47 -19.16
C ILE C 108 24.69 24.73 -19.71
N SER C 109 23.69 24.47 -18.88
CA SER C 109 22.29 24.64 -19.25
C SER C 109 21.64 25.68 -18.35
N ARG C 110 20.86 26.56 -18.97
CA ARG C 110 20.17 27.64 -18.27
C ARG C 110 18.66 27.42 -18.38
N ILE C 111 17.96 27.54 -17.25
CA ILE C 111 16.50 27.45 -17.23
C ILE C 111 15.95 28.62 -16.45
N LYS C 112 14.68 28.92 -16.69
CA LYS C 112 13.99 30.05 -16.06
C LYS C 112 13.21 29.55 -14.85
N LEU C 113 13.49 30.15 -13.69
CA LEU C 113 12.79 29.84 -12.45
C LEU C 113 11.91 31.03 -12.09
N TYR C 114 10.63 30.77 -11.90
CA TYR C 114 9.65 31.80 -11.58
C TYR C 114 9.29 31.72 -10.10
N TYR C 115 9.53 32.81 -9.37
CA TYR C 115 9.12 32.93 -7.98
C TYR C 115 7.71 33.53 -7.99
N ARG C 116 6.70 32.69 -7.71
CA ARG C 116 5.32 33.09 -7.80
C ARG C 116 4.81 33.45 -6.41
N PRO C 117 4.40 34.70 -6.16
CA PRO C 117 3.83 35.04 -4.86
C PRO C 117 2.48 34.37 -4.66
N ALA C 118 2.16 34.10 -3.40
CA ALA C 118 0.92 33.44 -3.06
C ALA C 118 -0.26 34.40 -3.22
N LYS C 119 -1.47 33.83 -3.22
CA LYS C 119 -2.71 34.59 -3.35
C LYS C 119 -2.74 35.40 -4.64
N LEU C 120 -2.66 34.69 -5.76
CA LEU C 120 -2.72 35.32 -7.07
C LEU C 120 -4.17 35.67 -7.42
N ALA C 121 -4.34 36.77 -8.14
CA ALA C 121 -5.68 37.23 -8.51
C ALA C 121 -6.22 36.48 -9.72
N LEU C 122 -5.53 36.59 -10.85
CA LEU C 122 -5.97 35.91 -12.06
C LEU C 122 -5.65 34.42 -11.99
N PRO C 123 -6.44 33.59 -12.67
CA PRO C 123 -6.16 32.15 -12.69
C PRO C 123 -4.91 31.87 -13.51
N PRO C 124 -4.02 30.99 -13.02
CA PRO C 124 -2.82 30.66 -13.80
C PRO C 124 -3.13 30.05 -15.16
N ASP C 125 -4.18 29.23 -15.24
CA ASP C 125 -4.55 28.63 -16.53
C ASP C 125 -5.15 29.67 -17.46
N GLN C 126 -5.93 30.61 -16.92
CA GLN C 126 -6.59 31.64 -17.71
C GLN C 126 -5.74 32.90 -17.88
N ALA C 127 -4.51 32.90 -17.37
CA ALA C 127 -3.65 34.07 -17.50
C ALA C 127 -3.27 34.35 -18.95
N ALA C 128 -3.36 33.34 -19.83
CA ALA C 128 -3.00 33.54 -21.22
C ALA C 128 -4.08 34.31 -21.99
N GLU C 129 -5.28 34.43 -21.43
CA GLU C 129 -6.36 35.13 -22.13
C GLU C 129 -6.03 36.59 -22.35
N LYS C 130 -5.47 37.26 -21.33
CA LYS C 130 -5.18 38.68 -21.44
C LYS C 130 -3.97 38.91 -22.32
N LEU C 131 -4.11 39.82 -23.29
CA LEU C 131 -3.02 40.18 -24.19
C LEU C 131 -3.41 41.43 -24.95
N ARG C 132 -2.45 42.32 -25.15
CA ARG C 132 -2.66 43.56 -25.90
C ARG C 132 -1.52 43.76 -26.87
N PHE C 133 -1.84 44.27 -28.06
CA PHE C 133 -0.86 44.50 -29.10
C PHE C 133 -1.04 45.89 -29.69
N ARG C 134 0.09 46.50 -30.05
CA ARG C 134 0.09 47.83 -30.66
C ARG C 134 1.04 47.81 -31.85
N ARG C 135 0.54 48.19 -33.02
CA ARG C 135 1.33 48.18 -34.25
C ARG C 135 1.90 49.57 -34.48
N SER C 136 3.23 49.69 -34.42
CA SER C 136 3.90 50.95 -34.67
C SER C 136 4.22 51.07 -36.16
N ALA C 137 5.02 52.06 -36.53
CA ALA C 137 5.38 52.25 -37.93
C ALA C 137 6.20 51.08 -38.46
N ASN C 138 7.17 50.62 -37.67
CA ASN C 138 8.01 49.49 -38.09
C ASN C 138 8.30 48.55 -36.92
N SER C 139 7.38 48.46 -35.96
CA SER C 139 7.58 47.60 -34.80
C SER C 139 6.23 47.24 -34.21
N LEU C 140 6.23 46.18 -33.40
CA LEU C 140 5.04 45.72 -32.71
C LEU C 140 5.34 45.60 -31.22
N THR C 141 4.47 46.18 -30.39
CA THR C 141 4.65 46.17 -28.95
C THR C 141 3.55 45.31 -28.33
N LEU C 142 3.97 44.30 -27.57
CA LEU C 142 3.05 43.42 -26.87
C LEU C 142 3.06 43.75 -25.38
N ILE C 143 1.88 44.01 -24.82
CA ILE C 143 1.73 44.36 -23.41
C ILE C 143 0.76 43.37 -22.78
N ASN C 144 1.16 42.81 -21.63
CA ASN C 144 0.35 41.84 -20.88
C ASN C 144 0.03 42.43 -19.52
N PRO C 145 -1.17 42.98 -19.33
CA PRO C 145 -1.53 43.54 -18.02
C PRO C 145 -1.81 42.50 -16.95
N THR C 146 -1.82 41.21 -17.31
CA THR C 146 -2.04 40.17 -16.32
C THR C 146 -0.82 40.06 -15.40
N PRO C 147 -1.02 39.75 -14.11
CA PRO C 147 0.11 39.60 -13.19
C PRO C 147 0.78 38.23 -13.29
N TYR C 148 1.28 37.93 -14.49
CA TYR C 148 1.92 36.64 -14.75
C TYR C 148 3.00 36.84 -15.80
N TYR C 149 3.97 35.94 -15.81
CA TYR C 149 5.04 35.93 -16.81
C TYR C 149 4.59 35.06 -17.98
N LEU C 150 4.31 35.67 -19.11
CA LEU C 150 3.82 34.97 -20.30
C LEU C 150 4.92 34.89 -21.34
N THR C 151 5.17 33.69 -21.84
CA THR C 151 6.15 33.45 -22.90
C THR C 151 5.40 33.21 -24.20
N VAL C 152 5.70 33.99 -25.22
CA VAL C 152 5.02 33.90 -26.51
C VAL C 152 6.02 33.42 -27.56
N THR C 153 5.51 32.71 -28.55
CA THR C 153 6.32 32.19 -29.65
C THR C 153 5.39 31.95 -30.84
N GLU C 154 6.01 31.63 -31.98
CA GLU C 154 5.29 31.43 -33.23
C GLU C 154 4.46 32.66 -33.58
N LEU C 155 5.03 33.85 -33.33
CA LEU C 155 4.36 35.11 -33.62
C LEU C 155 4.31 35.29 -35.13
N ASN C 156 3.17 34.98 -35.73
CA ASN C 156 2.99 35.04 -37.18
C ASN C 156 1.92 36.09 -37.49
N ALA C 157 2.38 37.31 -37.78
CA ALA C 157 1.49 38.39 -38.20
C ALA C 157 1.39 38.35 -39.72
N GLY C 158 0.28 37.83 -40.23
CA GLY C 158 0.16 37.64 -41.66
C GLY C 158 1.11 36.57 -42.17
N THR C 159 1.59 36.76 -43.40
CA THR C 159 2.53 35.81 -43.98
C THR C 159 3.85 35.80 -43.20
N ARG C 160 4.35 36.97 -42.82
CA ARG C 160 5.59 37.06 -42.08
C ARG C 160 5.42 36.54 -40.66
N VAL C 161 6.48 35.95 -40.12
CA VAL C 161 6.50 35.40 -38.77
C VAL C 161 7.52 36.18 -37.96
N LEU C 162 7.06 36.82 -36.89
CA LEU C 162 7.96 37.58 -36.03
C LEU C 162 8.77 36.65 -35.14
N GLU C 163 9.93 37.15 -34.71
CA GLU C 163 10.81 36.38 -33.84
C GLU C 163 10.19 36.24 -32.45
N ASN C 164 10.46 35.12 -31.80
CA ASN C 164 9.94 34.87 -30.47
C ASN C 164 10.59 35.82 -29.46
N ALA C 165 9.81 36.21 -28.45
CA ALA C 165 10.29 37.14 -27.44
C ALA C 165 9.58 36.87 -26.13
N LEU C 166 10.17 37.36 -25.05
CA LEU C 166 9.61 37.24 -23.70
C LEU C 166 9.11 38.61 -23.24
N VAL C 167 7.90 38.66 -22.71
CA VAL C 167 7.33 39.91 -22.24
C VAL C 167 7.32 39.93 -20.72
N PRO C 168 7.56 41.07 -20.09
CA PRO C 168 7.49 41.15 -18.63
C PRO C 168 6.13 41.64 -18.18
N PRO C 169 5.66 41.21 -17.01
CA PRO C 169 4.40 41.74 -16.49
C PRO C 169 4.52 43.22 -16.15
N MET C 170 3.40 43.93 -16.25
CA MET C 170 3.36 45.37 -16.04
C MET C 170 4.36 46.10 -16.95
N GLY C 171 4.47 45.62 -18.19
CA GLY C 171 5.41 46.20 -19.14
C GLY C 171 5.08 45.78 -20.55
N GLU C 172 5.84 46.34 -21.49
CA GLU C 172 5.64 46.07 -22.91
C GLU C 172 6.95 45.63 -23.53
N SER C 173 6.88 44.64 -24.42
CA SER C 173 8.03 44.13 -25.15
C SER C 173 7.89 44.49 -26.62
N THR C 174 8.93 45.07 -27.20
CA THR C 174 8.92 45.54 -28.57
C THR C 174 9.70 44.59 -29.47
N VAL C 175 9.14 44.28 -30.63
CA VAL C 175 9.76 43.42 -31.62
C VAL C 175 9.71 44.11 -32.97
N LYS C 176 10.62 43.72 -33.86
CA LYS C 176 10.74 44.32 -35.18
C LYS C 176 9.66 43.74 -36.08
N LEU C 177 8.55 44.46 -36.22
CA LEU C 177 7.48 44.01 -37.10
C LEU C 177 7.89 44.17 -38.55
N PRO C 178 7.80 43.12 -39.37
CA PRO C 178 8.19 43.25 -40.78
C PRO C 178 7.26 44.21 -41.53
N SER C 179 7.83 44.85 -42.56
CA SER C 179 7.06 45.78 -43.36
C SER C 179 5.94 45.08 -44.13
N ASP C 180 6.20 43.88 -44.63
CA ASP C 180 5.23 43.11 -45.40
C ASP C 180 4.34 42.24 -44.53
N ALA C 181 4.20 42.57 -43.25
CA ALA C 181 3.36 41.80 -42.35
C ALA C 181 1.88 42.08 -42.62
N GLY C 182 1.04 41.13 -42.24
CA GLY C 182 -0.39 41.25 -42.42
C GLY C 182 -1.06 41.98 -41.26
N SER C 183 -2.39 41.96 -41.29
CA SER C 183 -3.16 42.64 -40.24
C SER C 183 -3.28 41.78 -38.99
N ASN C 184 -3.86 40.59 -39.14
CA ASN C 184 -4.03 39.70 -37.99
C ASN C 184 -2.68 39.14 -37.55
N ILE C 185 -2.54 38.97 -36.24
CA ILE C 185 -1.31 38.45 -35.63
C ILE C 185 -1.66 37.19 -34.85
N THR C 186 -0.93 36.11 -35.11
CA THR C 186 -1.14 34.84 -34.44
C THR C 186 0.01 34.59 -33.47
N TYR C 187 -0.33 34.24 -32.23
CA TYR C 187 0.66 33.99 -31.19
C TYR C 187 0.32 32.72 -30.45
N ARG C 188 1.36 32.04 -29.95
CA ARG C 188 1.19 30.84 -29.15
C ARG C 188 1.92 31.02 -27.83
N THR C 189 1.20 30.88 -26.73
CA THR C 189 1.77 31.07 -25.41
C THR C 189 2.18 29.73 -24.80
N ILE C 190 3.15 29.78 -23.89
CA ILE C 190 3.68 28.60 -23.21
C ILE C 190 3.23 28.63 -21.76
N ASN C 191 2.65 27.53 -21.29
CA ASN C 191 2.09 27.46 -19.95
C ASN C 191 3.20 27.19 -18.93
N ASP C 192 2.81 26.97 -17.67
CA ASP C 192 3.78 26.75 -16.61
C ASP C 192 4.52 25.43 -16.83
N TYR C 193 3.79 24.36 -17.10
CA TYR C 193 4.40 23.03 -17.21
C TYR C 193 5.18 22.84 -18.49
N GLY C 194 5.08 23.76 -19.46
CA GLY C 194 5.80 23.66 -20.70
C GLY C 194 5.01 23.16 -21.88
N ALA C 195 3.75 22.78 -21.67
CA ALA C 195 2.92 22.32 -22.78
C ALA C 195 2.60 23.48 -23.72
N LEU C 196 2.41 23.14 -25.00
CA LEU C 196 2.13 24.14 -26.02
C LEU C 196 0.62 24.36 -26.06
N THR C 197 0.18 25.50 -25.52
CA THR C 197 -1.23 25.83 -25.53
C THR C 197 -1.69 26.14 -26.95
N PRO C 198 -2.97 25.92 -27.26
CA PRO C 198 -3.45 26.19 -28.61
C PRO C 198 -3.40 27.68 -28.95
N LYS C 199 -3.30 27.95 -30.25
CA LYS C 199 -3.14 29.31 -30.73
C LYS C 199 -4.39 30.15 -30.42
N MET C 200 -4.17 31.45 -30.27
CA MET C 200 -5.24 32.39 -29.98
C MET C 200 -4.95 33.70 -30.69
N THR C 201 -6.00 34.51 -30.85
CA THR C 201 -5.90 35.79 -31.52
C THR C 201 -6.40 36.89 -30.59
N GLY C 202 -5.72 38.05 -30.63
CA GLY C 202 -6.05 39.18 -29.82
C GLY C 202 -6.35 40.42 -30.66
N VAL C 203 -6.70 41.49 -29.96
CA VAL C 203 -7.03 42.76 -30.59
C VAL C 203 -6.29 43.88 -29.86
N MET C 204 -6.11 44.99 -30.57
CA MET C 204 -5.43 46.15 -30.00
C MET C 204 -6.29 46.79 -28.92
N GLU C 205 -5.63 47.27 -27.87
CA GLU C 205 -6.33 47.93 -26.76
C GLU C 205 -6.78 49.33 -27.15
N PHE D 1 -54.92 -25.62 42.04
CA PHE D 1 -53.83 -24.67 41.78
C PHE D 1 -54.19 -23.73 40.63
N ALA D 2 -54.04 -22.43 40.86
CA ALA D 2 -54.32 -21.41 39.85
C ALA D 2 -53.04 -20.67 39.51
N CYS D 3 -52.79 -20.50 38.21
CA CYS D 3 -51.59 -19.82 37.74
C CYS D 3 -51.99 -18.60 36.93
N LYS D 4 -51.26 -17.51 37.13
CA LYS D 4 -51.51 -16.24 36.46
C LYS D 4 -50.20 -15.69 35.90
N THR D 5 -50.34 -14.72 35.01
CA THR D 5 -49.20 -14.07 34.36
C THR D 5 -49.26 -12.56 34.61
N ALA D 6 -48.26 -11.86 34.09
CA ALA D 6 -48.24 -10.40 34.21
C ALA D 6 -49.42 -9.77 33.50
N ASN D 7 -49.76 -10.28 32.31
CA ASN D 7 -50.90 -9.77 31.56
C ASN D 7 -52.18 -10.41 32.10
N GLY D 8 -53.29 -10.24 31.38
CA GLY D 8 -54.56 -10.78 31.81
C GLY D 8 -54.69 -12.28 31.64
N THR D 9 -53.78 -12.91 30.92
CA THR D 9 -53.84 -14.36 30.73
C THR D 9 -53.54 -15.08 32.04
N ALA D 10 -54.30 -16.15 32.31
CA ALA D 10 -54.12 -16.93 33.52
C ALA D 10 -54.52 -18.37 33.23
N ILE D 11 -53.99 -19.28 34.05
CA ILE D 11 -54.26 -20.71 33.95
C ILE D 11 -55.17 -21.09 35.11
N PRO D 12 -56.41 -21.48 34.84
CA PRO D 12 -57.33 -21.88 35.92
C PRO D 12 -57.00 -23.28 36.42
N ILE D 13 -57.84 -23.76 37.34
CA ILE D 13 -57.66 -25.09 37.90
C ILE D 13 -57.91 -26.13 36.81
N GLY D 14 -57.27 -27.29 36.97
CA GLY D 14 -57.39 -28.36 36.00
C GLY D 14 -56.53 -28.21 34.77
N GLY D 15 -55.55 -27.30 34.79
CA GLY D 15 -54.69 -27.11 33.65
C GLY D 15 -55.29 -26.17 32.61
N GLY D 16 -54.55 -26.01 31.53
CA GLY D 16 -54.96 -25.14 30.45
C GLY D 16 -53.77 -24.67 29.66
N SER D 17 -53.98 -23.61 28.88
CA SER D 17 -52.95 -23.03 28.04
C SER D 17 -52.92 -21.53 28.21
N ALA D 18 -51.73 -20.95 28.11
CA ALA D 18 -51.55 -19.51 28.23
C ALA D 18 -50.32 -19.10 27.43
N ASN D 19 -50.27 -17.82 27.07
CA ASN D 19 -49.16 -17.26 26.31
C ASN D 19 -48.57 -16.09 27.08
N VAL D 20 -47.23 -16.05 27.16
CA VAL D 20 -46.51 -15.00 27.86
C VAL D 20 -45.42 -14.47 26.95
N TYR D 21 -45.31 -13.14 26.86
CA TYR D 21 -44.29 -12.49 26.04
C TYR D 21 -43.18 -11.98 26.95
N VAL D 22 -41.94 -12.27 26.56
CA VAL D 22 -40.76 -11.90 27.33
C VAL D 22 -39.80 -11.14 26.42
N ASN D 23 -39.27 -10.02 26.92
CA ASN D 23 -38.30 -9.22 26.17
C ASN D 23 -36.90 -9.72 26.51
N LEU D 24 -36.20 -10.25 25.51
CA LEU D 24 -34.87 -10.79 25.70
C LEU D 24 -33.80 -9.74 25.38
N ALA D 25 -32.55 -10.18 25.38
CA ALA D 25 -31.45 -9.27 25.07
C ALA D 25 -31.51 -8.86 23.60
N PRO D 26 -31.42 -7.57 23.31
CA PRO D 26 -31.49 -7.14 21.90
C PRO D 26 -30.15 -7.20 21.19
N VAL D 27 -29.06 -7.11 21.96
CA VAL D 27 -27.70 -7.11 21.42
C VAL D 27 -26.96 -8.28 22.02
N VAL D 28 -26.50 -9.20 21.15
CA VAL D 28 -25.71 -10.34 21.58
C VAL D 28 -24.75 -10.72 20.47
N ASN D 29 -23.45 -10.74 20.77
CA ASN D 29 -22.43 -11.05 19.77
C ASN D 29 -22.17 -12.55 19.76
N VAL D 30 -21.13 -12.97 19.03
CA VAL D 30 -20.77 -14.38 18.98
C VAL D 30 -20.17 -14.80 20.31
N GLY D 31 -20.66 -15.90 20.86
CA GLY D 31 -20.22 -16.37 22.15
C GLY D 31 -20.89 -15.69 23.33
N GLN D 32 -21.89 -14.85 23.09
CA GLN D 32 -22.58 -14.17 24.16
C GLN D 32 -23.55 -15.12 24.87
N ASN D 33 -24.03 -14.69 26.04
CA ASN D 33 -24.94 -15.46 26.86
C ASN D 33 -26.30 -14.77 26.90
N LEU D 34 -27.34 -15.52 26.58
CA LEU D 34 -28.71 -15.03 26.60
C LEU D 34 -29.45 -15.65 27.78
N VAL D 35 -30.16 -14.82 28.54
CA VAL D 35 -30.90 -15.27 29.72
C VAL D 35 -32.37 -14.93 29.53
N VAL D 36 -33.23 -15.92 29.69
CA VAL D 36 -34.68 -15.75 29.65
C VAL D 36 -35.20 -16.10 31.04
N ASP D 37 -35.74 -15.12 31.75
CA ASP D 37 -36.20 -15.27 33.12
C ASP D 37 -37.71 -15.48 33.10
N LEU D 38 -38.14 -16.74 33.19
CA LEU D 38 -39.56 -17.06 33.27
C LEU D 38 -40.11 -16.95 34.68
N SER D 39 -39.25 -16.75 35.69
CA SER D 39 -39.73 -16.62 37.06
C SER D 39 -40.59 -15.38 37.24
N THR D 40 -40.19 -14.26 36.64
CA THR D 40 -40.92 -13.00 36.78
C THR D 40 -42.11 -12.89 35.83
N GLN D 41 -42.57 -14.02 35.27
CA GLN D 41 -43.67 -14.00 34.32
C GLN D 41 -44.89 -14.78 34.78
N ILE D 42 -44.70 -15.94 35.41
CA ILE D 42 -45.81 -16.81 35.82
C ILE D 42 -45.74 -17.01 37.32
N PHE D 43 -46.88 -16.83 37.99
CA PHE D 43 -47.00 -17.06 39.43
C PHE D 43 -48.14 -18.02 39.68
N CYS D 44 -47.87 -19.08 40.44
CA CYS D 44 -48.85 -20.13 40.71
C CYS D 44 -49.13 -20.23 42.20
N HIS D 45 -50.36 -20.58 42.53
CA HIS D 45 -50.79 -20.72 43.92
C HIS D 45 -51.61 -21.99 44.05
N ASN D 46 -51.69 -22.49 45.28
CA ASN D 46 -52.43 -23.71 45.58
C ASN D 46 -53.88 -23.38 45.89
N ASP D 47 -54.81 -24.10 45.25
CA ASP D 47 -56.23 -23.87 45.49
C ASP D 47 -56.61 -24.19 46.92
N TYR D 48 -56.08 -25.27 47.48
CA TYR D 48 -56.36 -25.69 48.85
C TYR D 48 -55.04 -25.96 49.56
N PRO D 49 -54.25 -24.91 49.79
CA PRO D 49 -52.95 -25.12 50.47
C PRO D 49 -53.08 -25.60 51.90
N GLU D 50 -54.23 -25.43 52.53
CA GLU D 50 -54.38 -25.83 53.93
C GLU D 50 -54.19 -27.33 54.12
N THR D 51 -54.77 -28.13 53.22
CA THR D 51 -54.70 -29.58 53.35
C THR D 51 -54.17 -30.29 52.11
N ILE D 52 -54.12 -29.65 50.95
CA ILE D 52 -53.67 -30.27 49.71
C ILE D 52 -52.34 -29.64 49.30
N THR D 53 -51.34 -30.48 49.07
CA THR D 53 -50.03 -30.03 48.63
C THR D 53 -49.86 -30.36 47.15
N ASP D 54 -49.44 -29.36 46.37
CA ASP D 54 -49.32 -29.50 44.93
C ASP D 54 -47.87 -29.77 44.54
N TYR D 55 -47.68 -30.65 43.56
CA TYR D 55 -46.36 -30.95 43.00
C TYR D 55 -46.36 -30.47 41.55
N VAL D 56 -45.62 -29.41 41.29
CA VAL D 56 -45.58 -28.78 39.96
C VAL D 56 -44.16 -28.90 39.42
N THR D 57 -44.04 -29.41 38.20
CA THR D 57 -42.74 -29.54 37.54
C THR D 57 -42.94 -29.45 36.04
N LEU D 58 -41.86 -29.11 35.34
CA LEU D 58 -41.90 -28.97 33.89
C LEU D 58 -41.74 -30.34 33.26
N GLN D 59 -42.83 -30.85 32.67
CA GLN D 59 -42.80 -32.18 32.06
C GLN D 59 -41.93 -32.18 30.80
N ARG D 60 -42.11 -31.20 29.93
CA ARG D 60 -41.36 -31.16 28.68
C ARG D 60 -41.28 -29.72 28.19
N GLY D 61 -40.31 -29.47 27.31
CA GLY D 61 -40.16 -28.17 26.68
C GLY D 61 -39.65 -28.27 25.26
N SER D 62 -40.36 -27.66 24.32
CA SER D 62 -40.01 -27.70 22.91
C SER D 62 -39.65 -26.30 22.44
N ALA D 63 -38.47 -26.16 21.85
CA ALA D 63 -38.02 -24.88 21.31
C ALA D 63 -38.56 -24.69 19.90
N TYR D 64 -38.95 -23.46 19.58
CA TYR D 64 -39.52 -23.12 18.29
C TYR D 64 -38.79 -21.91 17.70
N GLY D 65 -38.76 -21.86 16.38
CA GLY D 65 -38.11 -20.75 15.70
C GLY D 65 -36.60 -20.79 15.84
N GLY D 66 -36.00 -19.61 15.84
CA GLY D 66 -34.55 -19.50 15.93
C GLY D 66 -33.96 -20.11 17.18
N VAL D 67 -34.75 -20.19 18.26
CA VAL D 67 -34.27 -20.84 19.47
C VAL D 67 -33.92 -22.30 19.20
N LEU D 68 -34.69 -22.94 18.34
CA LEU D 68 -34.40 -24.31 17.91
C LEU D 68 -33.60 -24.35 16.62
N SER D 69 -33.17 -23.21 16.09
CA SER D 69 -32.48 -23.18 14.80
C SER D 69 -31.12 -22.51 14.90
N ASN D 70 -30.98 -21.55 15.81
CA ASN D 70 -29.74 -20.77 15.91
C ASN D 70 -29.26 -20.64 17.36
N PHE D 71 -29.74 -21.48 18.26
CA PHE D 71 -29.34 -21.40 19.66
C PHE D 71 -29.58 -22.74 20.34
N SER D 72 -28.98 -22.90 21.50
CA SER D 72 -29.19 -24.07 22.36
C SER D 72 -28.85 -23.66 23.79
N GLY D 73 -28.76 -24.62 24.68
CA GLY D 73 -28.21 -24.31 25.98
C GLY D 73 -28.83 -25.17 27.08
N THR D 74 -29.10 -24.53 28.22
CA THR D 74 -29.55 -25.23 29.40
C THR D 74 -30.76 -24.52 29.99
N VAL D 75 -31.46 -25.25 30.88
CA VAL D 75 -32.60 -24.74 31.62
C VAL D 75 -32.33 -24.96 33.10
N LYS D 76 -32.50 -23.90 33.89
CA LYS D 76 -32.25 -23.93 35.32
C LYS D 76 -33.59 -23.97 36.05
N TYR D 77 -33.76 -24.97 36.91
CA TYR D 77 -34.98 -25.13 37.71
C TYR D 77 -34.57 -25.54 39.12
N SER D 78 -34.78 -24.65 40.09
CA SER D 78 -34.46 -24.90 41.49
C SER D 78 -32.99 -25.30 41.67
N GLY D 79 -32.12 -24.70 40.85
CA GLY D 79 -30.71 -24.99 40.90
C GLY D 79 -30.25 -26.13 40.02
N SER D 80 -31.18 -26.97 39.55
CA SER D 80 -30.83 -28.09 38.70
C SER D 80 -30.74 -27.64 37.24
N SER D 81 -29.76 -28.17 36.52
CA SER D 81 -29.52 -27.81 35.13
C SER D 81 -29.91 -28.97 34.23
N TYR D 82 -30.75 -28.70 33.24
CA TYR D 82 -31.17 -29.69 32.27
C TYR D 82 -30.94 -29.15 30.87
N PRO D 83 -31.11 -29.96 29.83
CA PRO D 83 -30.88 -29.47 28.46
C PRO D 83 -31.94 -28.47 28.03
N PHE D 84 -31.60 -27.71 26.98
CA PHE D 84 -32.51 -26.75 26.37
C PHE D 84 -32.26 -26.74 24.87
N PRO D 85 -33.19 -27.26 24.05
CA PRO D 85 -34.52 -27.78 24.39
C PRO D 85 -34.50 -29.03 25.28
N THR D 86 -35.44 -29.12 26.20
CA THR D 86 -35.42 -30.17 27.21
C THR D 86 -35.97 -31.48 26.69
N THR D 87 -35.52 -32.58 27.29
CA THR D 87 -36.01 -33.90 26.93
C THR D 87 -36.25 -34.78 28.16
N SER D 88 -36.22 -34.21 29.37
CA SER D 88 -36.43 -34.97 30.60
C SER D 88 -37.32 -34.17 31.54
N GLU D 89 -37.97 -34.89 32.45
CA GLU D 89 -38.87 -34.25 33.41
C GLU D 89 -38.07 -33.44 34.42
N THR D 90 -38.52 -32.21 34.67
CA THR D 90 -37.85 -31.35 35.63
C THR D 90 -38.14 -31.82 37.06
N PRO D 91 -37.31 -31.40 38.03
CA PRO D 91 -37.56 -31.79 39.41
C PRO D 91 -38.86 -31.20 39.94
N ARG D 92 -39.50 -31.95 40.83
CA ARG D 92 -40.78 -31.54 41.38
C ARG D 92 -40.61 -30.35 42.32
N VAL D 93 -41.61 -29.48 42.32
CA VAL D 93 -41.64 -28.30 43.20
C VAL D 93 -42.90 -28.40 44.06
N VAL D 94 -42.71 -28.25 45.37
CA VAL D 94 -43.81 -28.37 46.33
C VAL D 94 -44.42 -27.00 46.56
N TYR D 95 -45.75 -26.92 46.42
CA TYR D 95 -46.50 -25.69 46.64
C TYR D 95 -47.60 -25.99 47.65
N ASN D 96 -47.53 -25.35 48.83
CA ASN D 96 -48.52 -25.53 49.87
C ASN D 96 -48.86 -24.20 50.55
N SER D 97 -48.78 -23.10 49.80
CA SER D 97 -49.06 -21.77 50.33
C SER D 97 -50.16 -21.12 49.50
N ARG D 98 -51.06 -20.42 50.18
CA ARG D 98 -52.16 -19.75 49.50
C ARG D 98 -51.64 -18.63 48.59
N THR D 99 -50.64 -17.89 49.04
CA THR D 99 -50.09 -16.80 48.23
C THR D 99 -49.36 -17.35 47.02
N ASP D 100 -49.51 -16.68 45.90
CA ASP D 100 -48.86 -17.11 44.67
C ASP D 100 -47.36 -16.85 44.73
N LYS D 101 -46.59 -17.75 44.14
CA LYS D 101 -45.13 -17.64 44.12
C LYS D 101 -44.63 -17.80 42.70
N PRO D 102 -43.51 -17.17 42.37
CA PRO D 102 -42.96 -17.30 41.01
C PRO D 102 -42.48 -18.71 40.73
N TRP D 103 -42.61 -19.12 39.47
CA TRP D 103 -42.15 -20.43 39.05
C TRP D 103 -40.63 -20.42 38.91
N PRO D 104 -39.90 -21.28 39.62
CA PRO D 104 -38.43 -21.26 39.54
C PRO D 104 -37.91 -21.94 38.28
N VAL D 105 -38.09 -21.27 37.14
CA VAL D 105 -37.65 -21.77 35.85
C VAL D 105 -36.99 -20.63 35.07
N ALA D 106 -35.84 -20.92 34.47
CA ALA D 106 -35.15 -19.95 33.65
C ALA D 106 -34.39 -20.69 32.56
N LEU D 107 -34.02 -19.96 31.50
CA LEU D 107 -33.33 -20.54 30.36
C LEU D 107 -32.04 -19.77 30.11
N TYR D 108 -30.93 -20.50 29.96
CA TYR D 108 -29.64 -19.95 29.59
C TYR D 108 -29.33 -20.47 28.18
N LEU D 109 -29.52 -19.62 27.18
CA LEU D 109 -29.37 -19.98 25.79
C LEU D 109 -28.18 -19.26 25.18
N THR D 110 -27.31 -20.02 24.53
CA THR D 110 -26.17 -19.55 23.77
C THR D 110 -26.38 -19.81 22.29
N PRO D 111 -26.01 -18.87 21.43
CA PRO D 111 -26.18 -19.07 19.99
C PRO D 111 -25.19 -20.10 19.46
N VAL D 112 -25.56 -20.72 18.34
CA VAL D 112 -24.71 -21.69 17.66
C VAL D 112 -23.58 -20.97 16.96
N SER D 113 -22.57 -21.73 16.50
CA SER D 113 -21.43 -21.13 15.82
C SER D 113 -21.82 -20.43 14.53
N SER D 114 -22.97 -20.79 13.95
CA SER D 114 -23.46 -20.17 12.72
C SER D 114 -24.42 -19.01 12.99
N ALA D 115 -24.27 -18.33 14.13
CA ALA D 115 -25.16 -17.23 14.47
C ALA D 115 -24.97 -16.06 13.51
N GLY D 116 -26.08 -15.43 13.15
CA GLY D 116 -26.04 -14.30 12.25
C GLY D 116 -27.42 -13.78 11.90
N GLY D 117 -27.55 -12.46 11.75
CA GLY D 117 -28.85 -11.89 11.45
C GLY D 117 -29.78 -11.94 12.66
N VAL D 118 -31.07 -11.81 12.36
CA VAL D 118 -32.09 -11.84 13.41
C VAL D 118 -32.22 -13.27 13.91
N ALA D 119 -31.75 -13.53 15.12
CA ALA D 119 -31.81 -14.88 15.67
C ALA D 119 -33.25 -15.26 16.02
N ILE D 120 -33.98 -14.37 16.68
CA ILE D 120 -35.37 -14.59 17.03
C ILE D 120 -36.16 -13.35 16.61
N LYS D 121 -37.18 -13.55 15.77
CA LYS D 121 -38.00 -12.46 15.30
C LYS D 121 -39.04 -12.07 16.34
N ALA D 122 -39.25 -10.77 16.49
CA ALA D 122 -40.25 -10.29 17.44
C ALA D 122 -41.66 -10.66 16.97
N GLY D 123 -42.53 -10.92 17.94
CA GLY D 123 -43.89 -11.31 17.64
C GLY D 123 -44.09 -12.77 17.32
N SER D 124 -43.06 -13.60 17.47
CA SER D 124 -43.14 -15.02 17.18
C SER D 124 -42.85 -15.82 18.44
N LEU D 125 -43.51 -16.97 18.55
CA LEU D 125 -43.32 -17.83 19.72
C LEU D 125 -41.89 -18.35 19.79
N ILE D 126 -41.33 -18.36 20.98
CA ILE D 126 -39.96 -18.82 21.18
C ILE D 126 -39.92 -20.27 21.64
N ALA D 127 -40.79 -20.64 22.57
CA ALA D 127 -40.78 -22.00 23.10
C ALA D 127 -42.16 -22.33 23.65
N VAL D 128 -42.41 -23.62 23.84
CA VAL D 128 -43.65 -24.11 24.44
C VAL D 128 -43.28 -25.10 25.54
N LEU D 129 -43.69 -24.81 26.76
CA LEU D 129 -43.38 -25.64 27.92
C LEU D 129 -44.66 -26.28 28.45
N ILE D 130 -44.67 -27.60 28.55
CA ILE D 130 -45.78 -28.34 29.12
C ILE D 130 -45.37 -28.81 30.51
N LEU D 131 -46.06 -28.31 31.53
CA LEU D 131 -45.77 -28.60 32.92
C LEU D 131 -46.88 -29.44 33.52
N ARG D 132 -46.49 -30.48 34.27
CA ARG D 132 -47.43 -31.39 34.90
C ARG D 132 -47.55 -31.04 36.39
N GLN D 133 -48.79 -30.82 36.83
CA GLN D 133 -49.08 -30.50 38.23
C GLN D 133 -49.85 -31.66 38.85
N THR D 134 -49.37 -32.15 39.98
CA THR D 134 -49.98 -33.27 40.67
C THR D 134 -50.10 -32.95 42.16
N ASN D 135 -50.99 -33.66 42.84
CA ASN D 135 -51.23 -33.49 44.26
C ASN D 135 -51.25 -34.85 44.94
N ASN D 136 -50.87 -34.86 46.22
CA ASN D 136 -50.87 -36.10 46.98
C ASN D 136 -52.25 -36.46 47.54
N TYR D 137 -53.20 -35.53 47.51
CA TYR D 137 -54.53 -35.82 48.03
C TYR D 137 -55.25 -36.86 47.16
N ASN D 138 -55.11 -36.76 45.84
CA ASN D 138 -55.78 -37.67 44.92
C ASN D 138 -54.84 -37.94 43.75
N SER D 139 -55.38 -38.53 42.69
CA SER D 139 -54.63 -38.85 41.49
C SER D 139 -54.81 -37.83 40.38
N ASP D 140 -55.43 -36.69 40.67
CA ASP D 140 -55.67 -35.68 39.65
C ASP D 140 -54.36 -35.07 39.17
N ASP D 141 -54.24 -34.89 37.86
CA ASP D 141 -53.08 -34.29 37.24
C ASP D 141 -53.53 -33.27 36.21
N PHE D 142 -52.83 -32.15 36.15
CA PHE D 142 -53.16 -31.07 35.24
C PHE D 142 -51.96 -30.74 34.35
N GLN D 143 -52.23 -30.31 33.13
CA GLN D 143 -51.21 -29.93 32.17
C GLN D 143 -51.33 -28.44 31.88
N PHE D 144 -50.25 -27.71 32.06
CA PHE D 144 -50.19 -26.28 31.77
C PHE D 144 -49.26 -26.07 30.59
N VAL D 145 -49.80 -25.45 29.53
CA VAL D 145 -49.06 -25.22 28.29
C VAL D 145 -48.75 -23.73 28.24
N TRP D 146 -47.51 -23.37 28.57
CA TRP D 146 -47.07 -21.98 28.55
C TRP D 146 -46.29 -21.74 27.26
N ASN D 147 -46.78 -20.81 26.43
CA ASN D 147 -46.13 -20.45 25.19
C ASN D 147 -45.35 -19.16 25.43
N ILE D 148 -44.03 -19.29 25.51
CA ILE D 148 -43.14 -18.14 25.71
C ILE D 148 -42.80 -17.58 24.34
N TYR D 149 -43.17 -16.32 24.11
CA TYR D 149 -42.92 -15.63 22.86
C TYR D 149 -42.03 -14.42 23.12
N ALA D 150 -41.56 -13.81 22.03
CA ALA D 150 -40.67 -12.67 22.08
C ALA D 150 -41.37 -11.43 21.55
N ASN D 151 -41.23 -10.33 22.30
CA ASN D 151 -41.80 -9.05 21.89
C ASN D 151 -40.78 -8.11 21.27
N ASN D 152 -39.49 -8.27 21.60
CA ASN D 152 -38.42 -7.45 21.05
C ASN D 152 -37.49 -8.34 20.24
N ASP D 153 -37.19 -7.93 19.01
CA ASP D 153 -36.33 -8.71 18.14
C ASP D 153 -34.90 -8.72 18.66
N VAL D 154 -34.23 -9.86 18.49
CA VAL D 154 -32.84 -10.04 18.88
C VAL D 154 -32.04 -10.36 17.63
N VAL D 155 -31.00 -9.57 17.37
CA VAL D 155 -30.15 -9.74 16.19
C VAL D 155 -28.74 -10.06 16.68
N VAL D 156 -28.26 -11.24 16.34
CA VAL D 156 -26.88 -11.62 16.68
C VAL D 156 -25.91 -10.78 15.86
N PRO D 157 -24.78 -10.38 16.41
CA PRO D 157 -23.84 -9.56 15.63
C PRO D 157 -23.12 -10.38 14.58
N THR D 158 -23.50 -10.19 13.30
CA THR D 158 -22.83 -10.88 12.21
C THR D 158 -21.39 -10.41 12.07
N GLY D 159 -21.15 -9.12 12.25
CA GLY D 159 -19.81 -8.56 12.17
C GLY D 159 -19.57 -7.73 10.93
N GLY D 160 -19.65 -6.41 11.09
CA GLY D 160 -19.35 -5.50 9.99
C GLY D 160 -17.92 -5.02 10.04
N CYS D 161 -17.14 -5.33 9.01
CA CYS D 161 -15.72 -5.03 8.98
C CYS D 161 -15.42 -4.00 7.89
N ASP D 162 -14.62 -3.01 8.22
CA ASP D 162 -14.26 -1.93 7.32
C ASP D 162 -12.81 -2.07 6.86
N VAL D 163 -12.45 -1.24 5.88
CA VAL D 163 -11.12 -1.25 5.28
C VAL D 163 -10.32 -0.09 5.85
N SER D 164 -9.05 -0.36 6.15
CA SER D 164 -8.17 0.68 6.69
C SER D 164 -7.93 1.77 5.66
N ALA D 165 -7.69 2.98 6.16
CA ALA D 165 -7.28 4.12 5.34
C ALA D 165 -8.30 4.43 4.25
N ARG D 166 -9.51 4.80 4.69
CA ARG D 166 -10.51 5.30 3.78
C ARG D 166 -10.06 6.65 3.23
N ASP D 167 -10.27 6.86 1.93
CA ASP D 167 -9.81 8.07 1.22
C ASP D 167 -8.29 8.20 1.39
N VAL D 168 -7.60 7.24 0.76
CA VAL D 168 -6.15 7.17 0.78
C VAL D 168 -5.63 7.58 -0.59
N THR D 169 -4.57 8.39 -0.60
CA THR D 169 -3.97 8.91 -1.81
C THR D 169 -2.57 8.34 -2.02
N VAL D 170 -2.04 8.57 -3.22
CA VAL D 170 -0.71 8.08 -3.58
C VAL D 170 -0.19 8.94 -4.72
N THR D 171 1.13 8.91 -4.93
CA THR D 171 1.77 9.74 -5.95
C THR D 171 2.73 8.89 -6.77
N LEU D 172 2.66 9.03 -8.10
CA LEU D 172 3.60 8.37 -8.99
C LEU D 172 4.88 9.19 -9.15
N PRO D 173 6.04 8.54 -9.22
CA PRO D 173 7.28 9.26 -9.55
C PRO D 173 7.49 9.42 -11.05
N ASP D 174 7.35 10.66 -11.54
CA ASP D 174 7.63 11.01 -12.94
C ASP D 174 6.79 10.17 -13.91
N TYR D 175 7.19 10.14 -15.18
CA TYR D 175 6.47 9.34 -16.17
C TYR D 175 6.77 7.85 -15.99
N PRO D 176 8.05 7.41 -16.04
CA PRO D 176 8.30 6.00 -15.74
C PRO D 176 8.34 5.76 -14.24
N GLY D 177 7.30 5.14 -13.69
CA GLY D 177 7.21 4.97 -12.26
C GLY D 177 6.23 3.88 -11.88
N SER D 178 6.25 3.54 -10.60
CA SER D 178 5.39 2.49 -10.06
C SER D 178 5.37 2.64 -8.54
N VAL D 179 4.18 2.71 -7.96
CA VAL D 179 4.11 2.83 -6.50
C VAL D 179 3.04 1.92 -5.92
N PRO D 180 3.41 1.01 -5.02
CA PRO D 180 2.40 0.25 -4.28
C PRO D 180 1.55 1.17 -3.41
N ILE D 181 0.28 0.83 -3.27
CA ILE D 181 -0.66 1.61 -2.47
C ILE D 181 -1.02 0.79 -1.24
N PRO D 182 -0.93 1.36 -0.03
CA PRO D 182 -1.26 0.59 1.18
C PRO D 182 -2.77 0.55 1.40
N LEU D 183 -3.33 -0.66 1.39
CA LEU D 183 -4.76 -0.84 1.64
C LEU D 183 -4.94 -2.24 2.23
N THR D 184 -5.14 -2.30 3.54
CA THR D 184 -5.31 -3.56 4.26
C THR D 184 -6.73 -3.65 4.79
N VAL D 185 -7.32 -4.84 4.71
CA VAL D 185 -8.68 -5.09 5.16
C VAL D 185 -8.67 -6.26 6.14
N TYR D 186 -9.35 -6.07 7.27
CA TYR D 186 -9.46 -7.10 8.29
C TYR D 186 -10.91 -7.25 8.72
N CYS D 187 -11.27 -8.44 9.16
CA CYS D 187 -12.62 -8.70 9.66
C CYS D 187 -12.53 -9.58 10.90
N ALA D 188 -13.36 -9.28 11.90
CA ALA D 188 -13.33 -10.04 13.14
C ALA D 188 -13.83 -11.46 12.96
N LYS D 189 -14.74 -11.68 12.02
CA LYS D 189 -15.28 -13.00 11.74
C LYS D 189 -14.73 -13.48 10.41
N SER D 190 -14.16 -14.69 10.40
CA SER D 190 -13.57 -15.23 9.18
C SER D 190 -14.65 -15.55 8.16
N GLN D 191 -14.48 -15.05 6.94
CA GLN D 191 -15.44 -15.27 5.87
C GLN D 191 -14.77 -15.01 4.54
N ASN D 192 -15.38 -15.52 3.48
CA ASN D 192 -14.92 -15.25 2.13
C ASN D 192 -15.28 -13.82 1.73
N LEU D 193 -14.38 -13.20 0.98
CA LEU D 193 -14.54 -11.78 0.64
C LEU D 193 -13.74 -11.50 -0.62
N GLY D 194 -14.29 -10.61 -1.47
CA GLY D 194 -13.58 -10.14 -2.64
C GLY D 194 -13.79 -8.65 -2.82
N TYR D 195 -12.99 -8.07 -3.70
CA TYR D 195 -13.06 -6.65 -3.98
C TYR D 195 -13.08 -6.42 -5.48
N TYR D 196 -13.81 -5.40 -5.93
CA TYR D 196 -13.81 -5.01 -7.33
C TYR D 196 -13.70 -3.49 -7.44
N LEU D 197 -13.04 -3.05 -8.51
CA LEU D 197 -12.71 -1.64 -8.72
C LEU D 197 -13.67 -1.02 -9.73
N SER D 198 -14.02 0.24 -9.50
CA SER D 198 -14.94 0.98 -10.35
C SER D 198 -14.37 2.37 -10.63
N GLY D 199 -14.77 2.93 -11.76
CA GLY D 199 -14.33 4.26 -12.15
C GLY D 199 -14.51 4.47 -13.63
N THR D 200 -14.19 5.68 -14.06
CA THR D 200 -14.27 6.01 -15.47
C THR D 200 -13.17 5.29 -16.26
N THR D 201 -13.47 4.96 -17.51
CA THR D 201 -12.57 4.21 -18.36
C THR D 201 -12.23 5.00 -19.61
N ALA D 202 -11.20 4.54 -20.32
CA ALA D 202 -10.71 5.20 -21.52
C ALA D 202 -10.84 4.36 -22.78
N ASP D 203 -10.49 3.07 -22.73
CA ASP D 203 -10.55 2.20 -23.89
C ASP D 203 -11.73 1.24 -23.77
N ALA D 204 -11.86 0.36 -24.77
CA ALA D 204 -12.95 -0.60 -24.78
C ALA D 204 -12.72 -1.72 -23.76
N GLY D 205 -11.46 -2.02 -23.46
CA GLY D 205 -11.12 -3.10 -22.56
C GLY D 205 -11.29 -2.82 -21.08
N ASN D 206 -11.65 -1.58 -20.72
CA ASN D 206 -11.85 -1.19 -19.32
C ASN D 206 -10.60 -1.49 -18.48
N SER D 207 -9.43 -1.17 -19.03
CA SER D 207 -8.16 -1.43 -18.36
C SER D 207 -7.51 -0.16 -17.83
N ILE D 208 -7.40 0.88 -18.65
CA ILE D 208 -6.77 2.13 -18.26
C ILE D 208 -7.88 3.13 -17.93
N PHE D 209 -7.84 3.66 -16.72
CA PHE D 209 -8.82 4.67 -16.30
C PHE D 209 -8.43 6.03 -16.87
N THR D 210 -9.45 6.82 -17.18
CA THR D 210 -9.23 8.12 -17.80
C THR D 210 -8.61 9.11 -16.81
N ASN D 211 -8.03 10.17 -17.37
CA ASN D 211 -7.42 11.24 -16.59
C ASN D 211 -8.42 12.38 -16.48
N THR D 212 -8.83 12.70 -15.25
CA THR D 212 -9.81 13.74 -14.98
C THR D 212 -9.20 14.94 -14.27
N ALA D 213 -7.96 15.30 -14.66
CA ALA D 213 -7.31 16.45 -14.06
C ALA D 213 -8.00 17.75 -14.49
N SER D 214 -7.77 18.80 -13.71
CA SER D 214 -8.41 20.09 -13.94
C SER D 214 -7.45 21.19 -14.39
N PHE D 215 -6.19 21.14 -13.97
CA PHE D 215 -5.21 22.17 -14.31
C PHE D 215 -4.32 21.62 -15.42
N SER D 216 -4.73 21.85 -16.67
CA SER D 216 -4.02 21.42 -17.86
C SER D 216 -3.69 19.94 -17.82
N PRO D 217 -4.67 19.06 -17.97
CA PRO D 217 -4.39 17.62 -17.96
C PRO D 217 -3.46 17.23 -19.11
N ALA D 218 -2.59 16.27 -18.83
CA ALA D 218 -1.66 15.77 -19.83
C ALA D 218 -2.36 14.68 -20.65
N GLN D 219 -2.82 15.05 -21.84
CA GLN D 219 -3.52 14.09 -22.69
C GLN D 219 -2.58 13.03 -23.22
N GLY D 220 -3.09 11.81 -23.37
CA GLY D 220 -2.32 10.72 -23.90
C GLY D 220 -1.70 9.79 -22.89
N VAL D 221 -2.20 9.75 -21.66
CA VAL D 221 -1.65 8.90 -20.62
C VAL D 221 -2.70 8.74 -19.53
N GLY D 222 -2.70 7.57 -18.88
CA GLY D 222 -3.67 7.27 -17.85
C GLY D 222 -3.06 6.41 -16.75
N VAL D 223 -3.86 6.16 -15.72
CA VAL D 223 -3.42 5.44 -14.53
C VAL D 223 -3.96 4.02 -14.58
N GLN D 224 -3.09 3.06 -14.29
CA GLN D 224 -3.45 1.65 -14.27
C GLN D 224 -3.16 1.06 -12.90
N LEU D 225 -3.94 0.04 -12.54
CA LEU D 225 -3.79 -0.66 -11.27
C LEU D 225 -3.41 -2.10 -11.52
N THR D 226 -2.35 -2.57 -10.88
CA THR D 226 -1.84 -3.92 -11.08
C THR D 226 -1.79 -4.67 -9.74
N ARG D 227 -2.22 -5.93 -9.76
CA ARG D 227 -2.14 -6.81 -8.59
C ARG D 227 -1.27 -8.00 -8.95
N ASN D 228 -0.23 -8.24 -8.15
CA ASN D 228 0.71 -9.34 -8.36
C ASN D 228 1.28 -9.33 -9.77
N GLY D 229 1.58 -8.12 -10.26
CA GLY D 229 2.10 -7.95 -11.61
C GLY D 229 1.12 -8.36 -12.68
N THR D 230 -0.14 -7.99 -12.51
CA THR D 230 -1.18 -8.33 -13.48
C THR D 230 -2.20 -7.20 -13.55
N ILE D 231 -2.58 -6.83 -14.77
CA ILE D 231 -3.55 -5.75 -14.95
C ILE D 231 -4.90 -6.19 -14.43
N ILE D 232 -5.54 -5.32 -13.65
CA ILE D 232 -6.86 -5.60 -13.08
C ILE D 232 -7.89 -4.71 -13.74
N PRO D 233 -8.72 -5.24 -14.64
CA PRO D 233 -9.76 -4.42 -15.28
C PRO D 233 -10.84 -4.01 -14.28
N ALA D 234 -11.49 -2.89 -14.60
CA ALA D 234 -12.60 -2.41 -13.78
C ALA D 234 -13.77 -3.38 -13.83
N ASN D 235 -14.50 -3.46 -12.72
CA ASN D 235 -15.64 -4.35 -12.58
C ASN D 235 -15.25 -5.81 -12.82
N ASN D 236 -14.33 -6.29 -11.97
CA ASN D 236 -13.85 -7.67 -12.05
C ASN D 236 -13.49 -8.10 -10.63
N THR D 237 -14.38 -8.87 -10.01
CA THR D 237 -14.14 -9.33 -8.65
C THR D 237 -12.91 -10.22 -8.58
N VAL D 238 -12.06 -9.97 -7.59
CA VAL D 238 -10.83 -10.72 -7.37
C VAL D 238 -10.94 -11.42 -6.03
N SER D 239 -10.67 -12.73 -6.03
CA SER D 239 -10.81 -13.52 -4.81
C SER D 239 -9.69 -13.18 -3.83
N LEU D 240 -10.06 -12.67 -2.67
CA LEU D 240 -9.11 -12.35 -1.61
C LEU D 240 -8.88 -13.51 -0.65
N GLY D 241 -9.56 -14.63 -0.86
CA GLY D 241 -9.41 -15.76 0.04
C GLY D 241 -10.13 -15.53 1.36
N ALA D 242 -9.75 -16.35 2.35
CA ALA D 242 -10.32 -16.27 3.69
C ALA D 242 -9.53 -15.27 4.51
N VAL D 243 -10.19 -14.20 4.95
CA VAL D 243 -9.58 -13.15 5.74
C VAL D 243 -10.05 -13.30 7.18
N GLY D 244 -9.10 -13.36 8.11
CA GLY D 244 -9.41 -13.49 9.52
C GLY D 244 -9.10 -12.24 10.31
N THR D 245 -8.74 -12.41 11.59
CA THR D 245 -8.37 -11.26 12.41
C THR D 245 -7.13 -10.57 11.87
N SER D 246 -6.13 -11.34 11.46
CA SER D 246 -4.93 -10.77 10.88
C SER D 246 -5.26 -10.12 9.54
N ALA D 247 -4.92 -8.84 9.40
CA ALA D 247 -5.27 -8.11 8.19
C ALA D 247 -4.50 -8.64 6.98
N VAL D 248 -5.20 -8.73 5.86
CA VAL D 248 -4.61 -9.17 4.61
C VAL D 248 -4.39 -7.95 3.72
N SER D 249 -3.29 -7.96 2.98
CA SER D 249 -2.92 -6.84 2.12
C SER D 249 -3.53 -7.03 0.74
N LEU D 250 -4.14 -5.97 0.22
CA LEU D 250 -4.70 -6.02 -1.13
C LEU D 250 -3.61 -6.16 -2.18
N GLY D 251 -2.43 -5.61 -1.92
CA GLY D 251 -1.29 -5.75 -2.83
C GLY D 251 -1.48 -5.10 -4.19
N LEU D 252 -1.96 -3.86 -4.21
CA LEU D 252 -2.17 -3.13 -5.45
C LEU D 252 -1.04 -2.13 -5.68
N THR D 253 -0.68 -1.95 -6.94
CA THR D 253 0.36 -1.03 -7.35
C THR D 253 -0.18 -0.10 -8.44
N ALA D 254 0.17 1.17 -8.34
CA ALA D 254 -0.26 2.17 -9.31
C ALA D 254 0.84 2.39 -10.34
N ASN D 255 0.45 2.36 -11.62
CA ASN D 255 1.36 2.45 -12.75
C ASN D 255 0.78 3.41 -13.78
N TYR D 256 1.58 3.73 -14.79
CA TYR D 256 1.12 4.50 -15.93
C TYR D 256 0.82 3.60 -17.12
N ALA D 257 -0.04 4.08 -18.01
CA ALA D 257 -0.37 3.37 -19.24
C ALA D 257 -0.67 4.39 -20.33
N ARG D 258 -0.57 3.95 -21.57
CA ARG D 258 -0.77 4.81 -22.73
C ARG D 258 -2.19 4.65 -23.27
N THR D 259 -2.84 5.79 -23.56
CA THR D 259 -4.19 5.80 -24.08
C THR D 259 -4.27 6.34 -25.51
N GLY D 260 -3.72 7.53 -25.74
CA GLY D 260 -3.81 8.14 -27.06
C GLY D 260 -2.52 8.07 -27.86
N GLY D 261 -2.15 9.18 -28.48
CA GLY D 261 -0.96 9.23 -29.31
C GLY D 261 0.21 9.94 -28.65
N GLN D 262 0.43 11.19 -29.01
CA GLN D 262 1.52 11.97 -28.44
C GLN D 262 1.31 12.15 -26.93
N VAL D 263 2.41 12.14 -26.20
CA VAL D 263 2.40 12.22 -24.75
C VAL D 263 2.67 13.67 -24.36
N THR D 264 1.70 14.31 -23.73
CA THR D 264 1.85 15.66 -23.22
C THR D 264 2.43 15.60 -21.80
N ALA D 265 2.42 16.72 -21.09
CA ALA D 265 3.02 16.79 -19.77
C ALA D 265 2.23 17.74 -18.89
N GLY D 266 2.37 17.55 -17.57
CA GLY D 266 1.88 18.51 -16.60
C GLY D 266 1.07 17.98 -15.44
N ASN D 267 0.16 17.03 -15.69
CA ASN D 267 -0.69 16.54 -14.61
C ASN D 267 -1.50 15.33 -15.09
N VAL D 268 -1.65 14.34 -14.21
CA VAL D 268 -2.66 13.30 -14.36
C VAL D 268 -3.31 13.10 -13.00
N GLN D 269 -4.57 12.64 -13.03
CA GLN D 269 -5.31 12.37 -11.79
C GLN D 269 -6.51 11.50 -12.13
N SER D 270 -6.67 10.40 -11.42
CA SER D 270 -7.77 9.48 -11.62
C SER D 270 -8.42 9.14 -10.29
N ILE D 271 -9.74 9.02 -10.28
CA ILE D 271 -10.49 8.65 -9.09
C ILE D 271 -10.89 7.19 -9.24
N ILE D 272 -10.52 6.37 -8.25
CA ILE D 272 -10.78 4.94 -8.27
C ILE D 272 -11.56 4.58 -7.02
N GLY D 273 -12.69 3.88 -7.20
CA GLY D 273 -13.45 3.36 -6.09
C GLY D 273 -13.26 1.86 -5.98
N VAL D 274 -13.30 1.35 -4.76
CA VAL D 274 -13.22 -0.08 -4.49
C VAL D 274 -14.43 -0.49 -3.67
N THR D 275 -15.01 -1.64 -4.00
CA THR D 275 -16.20 -2.11 -3.31
C THR D 275 -16.06 -3.59 -3.01
N PHE D 276 -16.47 -3.99 -1.80
CA PHE D 276 -16.32 -5.36 -1.34
C PHE D 276 -17.60 -6.15 -1.59
N VAL D 277 -17.43 -7.43 -1.89
CA VAL D 277 -18.52 -8.36 -2.12
C VAL D 277 -18.28 -9.61 -1.29
N TYR D 278 -19.30 -10.04 -0.56
CA TYR D 278 -19.22 -11.21 0.29
C TYR D 278 -19.94 -12.37 -0.38
N GLN D 279 -19.24 -13.50 -0.52
CA GLN D 279 -19.78 -14.69 -1.18
C GLN D 279 -20.26 -14.39 -2.59
#